data_2KSE
#
_entry.id   2KSE
#
_entity_poly.entity_id   1
_entity_poly.type   'polypeptide(L)'
_entity_poly.pdbx_seq_one_letter_code
;MGKFTQRLSLRVRLTLIFLILASVTWLLSSFVAWKQTTDNVDELFDTQLMLFAKRLSTLDLNEINAADRMAQTPNRLKHG
HVDDDALTFAIFTHDGRMVLNDGDNGEDIPYSYQREGFADGQLVGEDDPWRFVWMTSPDGKYRIVVGQEWEYREDMALAI
VAGQLIPWLVALPIMLIIMMVLLGRE
;
_entity_poly.pdbx_strand_id   A
#
# COMPACT_ATOMS: atom_id res chain seq x y z
N MET A 1 -16.67 16.36 5.94
CA MET A 1 -15.66 15.29 6.20
C MET A 1 -14.53 15.81 7.09
N GLY A 2 -13.88 14.89 7.82
CA GLY A 2 -12.79 15.27 8.70
C GLY A 2 -11.43 14.82 8.20
N LYS A 3 -10.60 14.30 9.11
CA LYS A 3 -9.25 13.83 8.79
C LYS A 3 -8.26 14.99 8.67
N PHE A 4 -8.61 15.99 7.86
CA PHE A 4 -7.74 17.15 7.68
C PHE A 4 -7.70 18.01 8.94
N THR A 5 -8.86 18.16 9.58
CA THR A 5 -8.96 18.96 10.82
C THR A 5 -8.13 18.30 11.93
N GLN A 6 -8.30 16.99 12.09
CA GLN A 6 -7.58 16.22 13.11
C GLN A 6 -6.09 16.11 12.75
N ARG A 7 -5.81 15.69 11.51
CA ARG A 7 -4.44 15.53 11.01
C ARG A 7 -3.48 14.96 12.07
N LEU A 8 -3.88 13.86 12.71
CA LEU A 8 -3.05 13.21 13.73
C LEU A 8 -2.75 11.77 13.31
N SER A 9 -2.06 11.63 12.17
CA SER A 9 -1.73 10.31 11.62
C SER A 9 -3.00 9.60 11.12
N LEU A 10 -3.91 9.32 12.05
CA LEU A 10 -5.18 8.68 11.72
C LEU A 10 -6.22 8.95 12.81
N ARG A 11 -7.49 8.93 12.44
CA ARG A 11 -8.56 9.19 13.41
C ARG A 11 -9.93 8.77 12.89
N VAL A 12 -10.28 9.21 11.68
CA VAL A 12 -11.58 8.87 11.10
C VAL A 12 -11.60 7.43 10.56
N ARG A 13 -12.67 7.08 9.84
CA ARG A 13 -12.82 5.74 9.28
C ARG A 13 -13.63 5.77 7.98
N LEU A 14 -13.40 4.76 7.12
CA LEU A 14 -14.08 4.65 5.82
C LEU A 14 -13.45 5.59 4.78
N THR A 15 -13.32 6.87 5.14
CA THR A 15 -12.71 7.86 4.25
C THR A 15 -11.22 7.60 4.12
N LEU A 16 -10.56 7.37 5.26
CA LEU A 16 -9.13 7.09 5.29
C LEU A 16 -8.79 5.85 4.46
N ILE A 17 -9.65 4.82 4.53
CA ILE A 17 -9.43 3.60 3.76
C ILE A 17 -9.43 3.91 2.26
N PHE A 18 -10.45 4.64 1.81
CA PHE A 18 -10.54 5.02 0.40
C PHE A 18 -9.33 5.87 0.01
N LEU A 19 -9.02 6.86 0.84
CA LEU A 19 -7.88 7.74 0.61
C LEU A 19 -6.59 6.92 0.47
N ILE A 20 -6.34 6.04 1.43
CA ILE A 20 -5.15 5.18 1.38
C ILE A 20 -5.19 4.25 0.17
N LEU A 21 -6.37 3.70 -0.13
CA LEU A 21 -6.54 2.81 -1.28
C LEU A 21 -6.09 3.52 -2.57
N ALA A 22 -6.57 4.76 -2.75
CA ALA A 22 -6.19 5.56 -3.92
C ALA A 22 -4.69 5.88 -3.86
N SER A 23 -4.20 6.19 -2.66
CA SER A 23 -2.78 6.50 -2.46
C SER A 23 -1.92 5.29 -2.84
N VAL A 24 -2.38 4.09 -2.47
CA VAL A 24 -1.69 2.85 -2.77
C VAL A 24 -1.65 2.62 -4.28
N THR A 25 -2.80 2.81 -4.93
CA THR A 25 -2.89 2.64 -6.39
C THR A 25 -1.92 3.61 -7.08
N TRP A 26 -1.97 4.88 -6.68
CA TRP A 26 -1.07 5.89 -7.23
C TRP A 26 0.39 5.51 -6.94
N LEU A 27 0.66 5.15 -5.68
CA LEU A 27 2.01 4.73 -5.28
C LEU A 27 2.50 3.58 -6.16
N LEU A 28 1.64 2.57 -6.33
CA LEU A 28 1.97 1.41 -7.17
C LEU A 28 2.34 1.86 -8.57
N SER A 29 1.55 2.78 -9.13
CA SER A 29 1.82 3.32 -10.46
C SER A 29 3.19 4.00 -10.48
N SER A 30 3.44 4.87 -9.50
CA SER A 30 4.73 5.57 -9.39
C SER A 30 5.85 4.54 -9.28
N PHE A 31 5.63 3.50 -8.47
CA PHE A 31 6.61 2.43 -8.28
C PHE A 31 6.88 1.74 -9.62
N VAL A 32 5.81 1.35 -10.33
CA VAL A 32 5.94 0.69 -11.62
C VAL A 32 6.76 1.55 -12.58
N ALA A 33 6.49 2.86 -12.58
CA ALA A 33 7.22 3.80 -13.43
C ALA A 33 8.70 3.87 -13.00
N TRP A 34 8.91 3.88 -11.68
CA TRP A 34 10.26 3.93 -11.10
C TRP A 34 11.05 2.65 -11.43
N LYS A 35 11.53 2.55 -12.65
CA LYS A 35 12.30 1.39 -13.09
C LYS A 35 13.77 1.50 -12.68
N GLN A 36 14.34 0.40 -12.19
CA GLN A 36 15.73 0.38 -11.76
C GLN A 36 16.61 -0.38 -12.76
N THR A 37 17.89 0.03 -12.84
CA THR A 37 18.85 -0.61 -13.74
C THR A 37 20.28 -0.21 -13.39
N THR A 38 21.10 -1.21 -13.06
CA THR A 38 22.51 -0.99 -12.71
C THR A 38 22.67 -0.29 -11.37
N ASP A 39 23.77 -0.59 -10.67
CA ASP A 39 24.09 0.01 -9.37
C ASP A 39 23.07 -0.40 -8.29
N ASN A 40 23.11 0.31 -7.15
CA ASN A 40 22.22 0.03 -6.02
C ASN A 40 22.02 1.30 -5.17
N TRP A 150 0.01 0.13 -22.97
CA TRP A 150 -0.82 -0.03 -21.78
C TRP A 150 0.00 -0.65 -20.65
N GLU A 151 0.66 -1.77 -20.97
CA GLU A 151 1.51 -2.48 -20.02
C GLU A 151 0.71 -3.08 -18.84
N TYR A 152 1.35 -3.99 -18.12
CA TYR A 152 0.71 -4.66 -16.98
C TYR A 152 1.67 -5.68 -16.33
N ARG A 153 2.36 -6.45 -17.17
CA ARG A 153 3.31 -7.45 -16.70
C ARG A 153 4.56 -7.43 -17.58
N GLU A 154 5.56 -6.67 -17.16
CA GLU A 154 6.81 -6.53 -17.91
C GLU A 154 7.75 -7.71 -17.62
N ASP A 155 8.45 -8.17 -18.65
CA ASP A 155 9.39 -9.30 -18.53
C ASP A 155 10.42 -9.06 -17.41
N MET A 156 10.24 -9.77 -16.30
CA MET A 156 11.15 -9.66 -15.16
C MET A 156 11.20 -10.98 -14.38
N ALA A 157 12.36 -11.27 -13.78
CA ALA A 157 12.54 -12.50 -13.02
C ALA A 157 12.01 -12.36 -11.59
N LEU A 158 12.83 -11.79 -10.70
CA LEU A 158 12.42 -11.61 -9.31
C LEU A 158 12.64 -10.16 -8.84
N ALA A 159 11.96 -9.22 -9.48
CA ALA A 159 12.07 -7.81 -9.13
C ALA A 159 10.70 -7.13 -9.03
N ILE A 160 9.87 -7.31 -10.07
CA ILE A 160 8.53 -6.73 -10.10
C ILE A 160 7.72 -7.17 -8.87
N VAL A 161 7.83 -8.46 -8.54
CA VAL A 161 7.14 -9.01 -7.37
C VAL A 161 7.58 -8.29 -6.10
N ALA A 162 8.90 -8.15 -5.93
CA ALA A 162 9.46 -7.46 -4.77
C ALA A 162 8.99 -6.00 -4.74
N GLY A 163 9.07 -5.33 -5.89
CA GLY A 163 8.63 -3.94 -6.00
C GLY A 163 7.19 -3.78 -5.58
N GLN A 164 6.33 -4.70 -6.04
CA GLN A 164 4.91 -4.68 -5.68
C GLN A 164 4.72 -5.06 -4.20
N LEU A 165 5.50 -6.05 -3.76
CA LEU A 165 5.42 -6.54 -2.38
C LEU A 165 5.81 -5.47 -1.35
N ILE A 166 6.93 -4.78 -1.57
CA ILE A 166 7.41 -3.75 -0.64
C ILE A 166 6.27 -2.85 -0.15
N PRO A 167 5.58 -2.12 -1.06
CA PRO A 167 4.47 -1.23 -0.69
C PRO A 167 3.27 -2.00 -0.13
N TRP A 168 3.06 -3.22 -0.61
CA TRP A 168 1.95 -4.06 -0.14
C TRP A 168 2.13 -4.44 1.32
N LEU A 169 3.30 -4.96 1.65
CA LEU A 169 3.65 -5.35 3.02
C LEU A 169 3.45 -4.19 3.98
N VAL A 170 3.82 -2.99 3.54
CA VAL A 170 3.68 -1.78 4.36
C VAL A 170 2.23 -1.27 4.35
N ALA A 171 1.57 -1.32 3.19
CA ALA A 171 0.20 -0.86 3.06
C ALA A 171 -0.77 -1.70 3.89
N LEU A 172 -0.63 -3.03 3.81
CA LEU A 172 -1.50 -3.96 4.56
C LEU A 172 -1.72 -3.47 6.00
N PRO A 173 -0.64 -3.35 6.81
CA PRO A 173 -0.76 -2.87 8.19
C PRO A 173 -1.36 -1.47 8.26
N ILE A 174 -0.95 -0.60 7.31
CA ILE A 174 -1.49 0.76 7.25
C ILE A 174 -3.02 0.72 7.24
N MET A 175 -3.58 -0.15 6.40
CA MET A 175 -5.04 -0.32 6.29
C MET A 175 -5.62 -0.76 7.65
N LEU A 176 -5.00 -1.78 8.25
CA LEU A 176 -5.43 -2.27 9.56
C LEU A 176 -5.40 -1.14 10.58
N ILE A 177 -4.30 -0.40 10.61
CA ILE A 177 -4.13 0.74 11.50
C ILE A 177 -5.21 1.80 11.22
N ILE A 178 -5.45 2.07 9.93
CA ILE A 178 -6.48 3.04 9.54
C ILE A 178 -7.82 2.69 10.17
N MET A 179 -8.22 1.43 10.05
CA MET A 179 -9.48 0.97 10.61
C MET A 179 -9.43 0.90 12.15
N MET A 180 -8.32 0.39 12.68
CA MET A 180 -8.13 0.25 14.13
C MET A 180 -8.15 1.60 14.85
N VAL A 181 -7.52 2.63 14.25
CA VAL A 181 -7.46 3.95 14.87
C VAL A 181 -8.84 4.43 15.34
N LEU A 182 -9.87 4.14 14.55
CA LEU A 182 -11.24 4.51 14.88
C LEU A 182 -11.65 3.97 16.26
N LEU A 183 -11.21 2.74 16.57
CA LEU A 183 -11.52 2.11 17.85
C LEU A 183 -10.90 2.87 19.03
N GLY A 184 -9.68 3.37 18.82
CA GLY A 184 -8.99 4.11 19.85
C GLY A 184 -7.47 4.04 19.69
N ARG A 185 -6.99 2.87 19.29
CA ARG A 185 -5.57 2.64 19.08
C ARG A 185 -5.34 1.34 18.31
N GLU A 186 -4.26 1.29 17.55
CA GLU A 186 -3.94 0.12 16.75
C GLU A 186 -2.67 -0.56 17.27
N MET A 1 -23.01 -0.09 18.44
CA MET A 1 -22.17 -0.02 19.67
C MET A 1 -20.96 -0.96 19.56
N GLY A 2 -19.93 -0.70 20.36
CA GLY A 2 -18.73 -1.54 20.34
C GLY A 2 -17.69 -1.07 19.34
N LYS A 3 -16.72 -0.29 19.82
CA LYS A 3 -15.65 0.23 18.95
C LYS A 3 -14.30 -0.40 19.27
N PHE A 4 -13.92 -0.40 20.55
CA PHE A 4 -12.65 -0.99 20.98
C PHE A 4 -12.62 -2.50 20.79
N THR A 5 -13.75 -3.16 21.08
CA THR A 5 -13.87 -4.61 20.93
C THR A 5 -13.68 -5.05 19.48
N GLN A 6 -14.22 -4.27 18.54
CA GLN A 6 -14.12 -4.57 17.12
C GLN A 6 -12.66 -4.68 16.67
N ARG A 7 -12.17 -5.91 16.55
CA ARG A 7 -10.79 -6.15 16.13
C ARG A 7 -10.73 -6.62 14.67
N LEU A 8 -9.52 -6.85 14.18
CA LEU A 8 -9.30 -7.30 12.80
C LEU A 8 -9.82 -6.27 11.79
N SER A 9 -9.81 -6.63 10.51
CA SER A 9 -10.25 -5.74 9.44
C SER A 9 -11.78 -5.60 9.42
N LEU A 10 -12.33 -5.02 10.49
CA LEU A 10 -13.78 -4.82 10.59
C LEU A 10 -14.21 -3.50 9.94
N ARG A 11 -15.43 -3.46 9.41
CA ARG A 11 -15.95 -2.25 8.77
C ARG A 11 -16.10 -1.10 9.77
N VAL A 12 -15.32 -0.04 9.57
CA VAL A 12 -15.36 1.12 10.45
C VAL A 12 -15.70 2.40 9.67
N ARG A 13 -14.81 2.80 8.76
CA ARG A 13 -15.02 4.01 7.96
C ARG A 13 -14.62 3.79 6.50
N LEU A 14 -15.61 3.81 5.61
CA LEU A 14 -15.39 3.62 4.17
C LEU A 14 -14.35 4.61 3.62
N THR A 15 -14.40 5.85 4.12
CA THR A 15 -13.47 6.90 3.68
C THR A 15 -12.03 6.41 3.73
N LEU A 16 -11.70 5.67 4.79
CA LEU A 16 -10.36 5.12 4.98
C LEU A 16 -9.98 4.26 3.78
N ILE A 17 -10.89 3.35 3.40
CA ILE A 17 -10.65 2.47 2.25
C ILE A 17 -10.40 3.29 0.98
N PHE A 18 -11.26 4.28 0.74
CA PHE A 18 -11.11 5.14 -0.44
C PHE A 18 -9.76 5.87 -0.42
N LEU A 19 -9.44 6.49 0.73
CA LEU A 19 -8.18 7.20 0.88
C LEU A 19 -6.98 6.28 0.66
N ILE A 20 -6.95 5.16 1.39
CA ILE A 20 -5.86 4.19 1.27
C ILE A 20 -5.77 3.63 -0.14
N LEU A 21 -6.91 3.25 -0.72
CA LEU A 21 -6.93 2.70 -2.08
C LEU A 21 -6.31 3.66 -3.09
N ALA A 22 -6.80 4.90 -3.11
CA ALA A 22 -6.29 5.91 -4.06
C ALA A 22 -4.84 6.31 -3.74
N SER A 23 -4.57 6.65 -2.48
CA SER A 23 -3.23 7.06 -2.07
C SER A 23 -2.20 5.95 -2.29
N VAL A 24 -2.51 4.75 -1.81
CA VAL A 24 -1.62 3.60 -1.97
C VAL A 24 -1.41 3.25 -3.43
N THR A 25 -2.51 3.18 -4.20
CA THR A 25 -2.41 2.86 -5.63
C THR A 25 -1.48 3.83 -6.34
N TRP A 26 -1.68 5.13 -6.13
CA TRP A 26 -0.83 6.14 -6.75
C TRP A 26 0.60 6.08 -6.21
N LEU A 27 0.74 5.99 -4.89
CA LEU A 27 2.06 5.94 -4.25
C LEU A 27 2.87 4.73 -4.74
N LEU A 28 2.26 3.55 -4.70
CA LEU A 28 2.94 2.32 -5.13
C LEU A 28 3.24 2.35 -6.62
N SER A 29 2.27 2.79 -7.43
CA SER A 29 2.45 2.86 -8.88
C SER A 29 3.52 3.87 -9.28
N SER A 30 3.43 5.08 -8.74
CA SER A 30 4.39 6.14 -9.06
C SER A 30 5.80 5.79 -8.59
N PHE A 31 5.94 5.39 -7.31
CA PHE A 31 7.25 5.03 -6.79
C PHE A 31 7.83 3.86 -7.58
N VAL A 32 7.02 2.82 -7.83
CA VAL A 32 7.46 1.66 -8.60
C VAL A 32 7.89 2.10 -9.99
N ALA A 33 7.04 2.90 -10.64
CA ALA A 33 7.34 3.43 -11.98
C ALA A 33 8.67 4.18 -11.94
N TRP A 34 8.81 5.09 -10.97
CA TRP A 34 10.05 5.84 -10.81
C TRP A 34 11.21 4.89 -10.51
N LYS A 35 10.96 3.90 -9.65
CA LYS A 35 11.98 2.91 -9.29
C LYS A 35 12.59 2.29 -10.54
N GLN A 36 11.75 1.98 -11.53
CA GLN A 36 12.22 1.40 -12.79
C GLN A 36 12.87 2.46 -13.68
N THR A 37 13.94 3.08 -13.17
CA THR A 37 14.66 4.13 -13.90
C THR A 37 16.17 3.96 -13.74
N THR A 38 16.63 3.97 -12.49
CA THR A 38 18.06 3.83 -12.20
C THR A 38 18.33 3.77 -10.69
N ASP A 39 19.56 4.08 -10.30
CA ASP A 39 19.96 4.05 -8.90
C ASP A 39 19.80 5.43 -8.23
N ASN A 40 20.35 6.47 -8.85
CA ASN A 40 20.29 7.84 -8.33
C ASN A 40 21.26 8.03 -7.16
N TRP A 150 10.12 -0.04 -29.00
CA TRP A 150 11.20 -0.86 -28.46
C TRP A 150 12.47 -0.03 -28.28
N GLU A 151 12.49 0.81 -27.25
CA GLU A 151 13.65 1.65 -26.96
C GLU A 151 14.53 1.03 -25.88
N TYR A 152 13.95 0.75 -24.72
CA TYR A 152 14.69 0.14 -23.61
C TYR A 152 13.75 -0.46 -22.57
N ARG A 153 14.08 -1.66 -22.11
CA ARG A 153 13.27 -2.36 -21.11
C ARG A 153 13.92 -3.69 -20.74
N GLU A 154 14.03 -4.58 -21.74
CA GLU A 154 14.64 -5.88 -21.55
C GLU A 154 13.84 -6.76 -20.58
N ASP A 155 14.33 -7.97 -20.34
CA ASP A 155 13.66 -8.91 -19.44
C ASP A 155 13.73 -8.43 -17.98
N MET A 156 12.71 -8.80 -17.20
CA MET A 156 12.64 -8.42 -15.79
C MET A 156 12.84 -9.64 -14.89
N ALA A 157 11.99 -10.66 -15.08
CA ALA A 157 12.06 -11.90 -14.29
C ALA A 157 11.83 -11.65 -12.81
N LEU A 158 12.86 -11.15 -12.12
CA LEU A 158 12.76 -10.85 -10.69
C LEU A 158 12.18 -9.46 -10.46
N ALA A 159 10.96 -9.24 -10.95
CA ALA A 159 10.27 -7.96 -10.80
C ALA A 159 8.94 -8.11 -10.08
N ILE A 160 8.12 -9.08 -10.52
CA ILE A 160 6.81 -9.33 -9.91
C ILE A 160 6.90 -9.58 -8.41
N VAL A 161 7.87 -10.39 -7.98
CA VAL A 161 8.03 -10.69 -6.55
C VAL A 161 8.22 -9.42 -5.73
N ALA A 162 9.16 -8.57 -6.14
CA ALA A 162 9.42 -7.31 -5.43
C ALA A 162 8.25 -6.35 -5.61
N GLY A 163 7.83 -6.17 -6.86
CA GLY A 163 6.72 -5.29 -7.18
C GLY A 163 5.47 -5.61 -6.40
N GLN A 164 5.10 -6.88 -6.34
CA GLN A 164 3.91 -7.31 -5.60
C GLN A 164 4.11 -7.22 -4.08
N LEU A 165 5.22 -7.78 -3.60
CA LEU A 165 5.52 -7.81 -2.16
C LEU A 165 5.66 -6.42 -1.54
N ILE A 166 6.53 -5.57 -2.12
CA ILE A 166 6.76 -4.23 -1.59
C ILE A 166 5.46 -3.53 -1.15
N PRO A 167 4.52 -3.28 -2.09
CA PRO A 167 3.25 -2.63 -1.78
C PRO A 167 2.43 -3.38 -0.75
N TRP A 168 2.46 -4.72 -0.81
CA TRP A 168 1.72 -5.54 0.15
C TRP A 168 2.27 -5.34 1.56
N LEU A 169 3.58 -5.48 1.71
CA LEU A 169 4.24 -5.31 3.00
C LEU A 169 4.04 -3.89 3.54
N VAL A 170 4.27 -2.88 2.70
CA VAL A 170 4.09 -1.49 3.11
C VAL A 170 2.62 -1.15 3.36
N ALA A 171 1.72 -1.72 2.54
CA ALA A 171 0.29 -1.48 2.68
C ALA A 171 -0.22 -1.99 4.03
N LEU A 172 0.18 -3.20 4.41
CA LEU A 172 -0.25 -3.80 5.69
C LEU A 172 -0.32 -2.76 6.81
N PRO A 173 0.82 -2.13 7.18
CA PRO A 173 0.84 -1.11 8.23
C PRO A 173 0.01 0.11 7.86
N ILE A 174 0.09 0.54 6.59
CA ILE A 174 -0.69 1.68 6.11
C ILE A 174 -2.16 1.50 6.47
N MET A 175 -2.70 0.31 6.17
CA MET A 175 -4.08 -0.02 6.49
C MET A 175 -4.35 0.13 7.98
N LEU A 176 -3.42 -0.38 8.79
CA LEU A 176 -3.53 -0.28 10.24
C LEU A 176 -3.55 1.18 10.68
N ILE A 177 -2.61 1.96 10.14
CA ILE A 177 -2.52 3.38 10.46
C ILE A 177 -3.79 4.14 10.05
N ILE A 178 -4.22 3.95 8.81
CA ILE A 178 -5.42 4.61 8.30
C ILE A 178 -6.68 4.12 9.04
N MET A 179 -6.77 2.83 9.30
CA MET A 179 -7.92 2.26 10.00
C MET A 179 -7.95 2.72 11.46
N MET A 180 -6.82 2.60 12.15
CA MET A 180 -6.72 2.99 13.56
C MET A 180 -6.78 4.51 13.76
N VAL A 181 -6.07 5.26 12.91
CA VAL A 181 -6.07 6.73 13.02
C VAL A 181 -7.50 7.28 13.11
N LEU A 182 -8.40 6.73 12.29
CA LEU A 182 -9.80 7.15 12.30
C LEU A 182 -10.48 6.70 13.60
N LEU A 183 -10.15 5.48 14.04
CA LEU A 183 -10.72 4.93 15.27
C LEU A 183 -10.24 5.73 16.48
N GLY A 184 -8.95 6.09 16.49
CA GLY A 184 -8.38 6.88 17.57
C GLY A 184 -7.24 7.76 17.11
N ARG A 185 -6.18 7.15 16.57
CA ARG A 185 -5.01 7.88 16.07
C ARG A 185 -3.81 6.94 15.84
N GLU A 186 -3.22 7.02 14.66
CA GLU A 186 -2.06 6.19 14.31
C GLU A 186 -1.03 7.01 13.51
N MET A 1 -16.95 -9.59 19.10
CA MET A 1 -15.62 -9.47 19.79
C MET A 1 -14.88 -10.80 19.80
N GLY A 2 -13.57 -10.75 20.03
CA GLY A 2 -12.76 -11.95 20.06
C GLY A 2 -11.96 -12.14 18.78
N LYS A 3 -12.25 -13.21 18.04
CA LYS A 3 -11.55 -13.48 16.78
C LYS A 3 -11.58 -12.26 15.88
N PHE A 4 -12.77 -11.68 15.68
CA PHE A 4 -12.92 -10.48 14.86
C PHE A 4 -12.05 -9.36 15.43
N THR A 5 -12.07 -9.21 16.76
CA THR A 5 -11.25 -8.21 17.43
C THR A 5 -9.77 -8.46 17.17
N GLN A 6 -9.38 -9.74 17.25
CA GLN A 6 -8.00 -10.15 17.00
C GLN A 6 -7.62 -9.89 15.54
N ARG A 7 -8.50 -10.27 14.62
CA ARG A 7 -8.25 -10.07 13.19
C ARG A 7 -9.49 -9.49 12.49
N LEU A 8 -9.42 -8.21 12.13
CA LEU A 8 -10.52 -7.53 11.44
C LEU A 8 -9.99 -6.72 10.25
N SER A 9 -10.89 -6.36 9.34
CA SER A 9 -10.51 -5.58 8.15
C SER A 9 -11.74 -4.93 7.51
N LEU A 10 -11.58 -3.68 7.05
CA LEU A 10 -12.66 -2.93 6.40
C LEU A 10 -13.78 -2.59 7.39
N ARG A 11 -14.81 -1.88 6.88
CA ARG A 11 -15.96 -1.48 7.70
C ARG A 11 -15.55 -0.59 8.87
N VAL A 12 -14.78 0.46 8.58
CA VAL A 12 -14.31 1.38 9.63
C VAL A 12 -14.43 2.84 9.16
N ARG A 13 -13.53 3.26 8.26
CA ARG A 13 -13.53 4.64 7.74
C ARG A 13 -14.18 4.70 6.36
N LEU A 14 -13.66 3.90 5.42
CA LEU A 14 -14.15 3.85 4.04
C LEU A 14 -13.60 5.01 3.21
N THR A 15 -13.76 6.23 3.73
CA THR A 15 -13.26 7.43 3.05
C THR A 15 -11.74 7.44 3.04
N LEU A 16 -11.15 7.26 4.23
CA LEU A 16 -9.70 7.21 4.38
C LEU A 16 -9.16 5.99 3.65
N ILE A 17 -9.82 4.84 3.86
CA ILE A 17 -9.43 3.59 3.21
C ILE A 17 -9.39 3.77 1.70
N PHE A 18 -10.45 4.35 1.14
CA PHE A 18 -10.50 4.59 -0.31
C PHE A 18 -9.32 5.46 -0.75
N LEU A 19 -9.12 6.58 -0.03
CA LEU A 19 -8.01 7.49 -0.33
C LEU A 19 -6.66 6.73 -0.27
N ILE A 20 -6.49 5.93 0.78
CA ILE A 20 -5.28 5.14 0.96
C ILE A 20 -5.11 4.15 -0.19
N LEU A 21 -6.19 3.44 -0.53
CA LEU A 21 -6.18 2.46 -1.62
C LEU A 21 -5.71 3.12 -2.92
N ALA A 22 -6.29 4.27 -3.25
CA ALA A 22 -5.92 5.01 -4.46
C ALA A 22 -4.49 5.54 -4.36
N SER A 23 -4.18 6.21 -3.25
CA SER A 23 -2.84 6.76 -3.03
C SER A 23 -1.77 5.67 -3.16
N VAL A 24 -1.99 4.56 -2.46
CA VAL A 24 -1.07 3.41 -2.50
C VAL A 24 -0.95 2.90 -3.93
N THR A 25 -2.09 2.71 -4.60
CA THR A 25 -2.12 2.24 -5.99
C THR A 25 -1.27 3.17 -6.87
N TRP A 26 -1.53 4.47 -6.75
CA TRP A 26 -0.78 5.47 -7.51
C TRP A 26 0.71 5.37 -7.18
N LEU A 27 1.03 5.33 -5.88
CA LEU A 27 2.41 5.22 -5.43
C LEU A 27 3.09 3.99 -6.04
N LEU A 28 2.43 2.83 -5.94
CA LEU A 28 2.96 1.59 -6.50
C LEU A 28 3.18 1.75 -8.00
N SER A 29 2.15 2.23 -8.71
CA SER A 29 2.24 2.46 -10.15
C SER A 29 3.46 3.33 -10.45
N SER A 30 3.59 4.43 -9.71
CA SER A 30 4.73 5.34 -9.86
C SER A 30 6.03 4.58 -9.62
N PHE A 31 6.06 3.80 -8.52
CA PHE A 31 7.24 2.99 -8.18
C PHE A 31 7.64 2.11 -9.37
N VAL A 32 6.65 1.48 -10.00
CA VAL A 32 6.90 0.63 -11.17
C VAL A 32 7.49 1.45 -12.32
N ALA A 33 6.89 2.63 -12.55
CA ALA A 33 7.34 3.53 -13.61
C ALA A 33 8.71 4.14 -13.28
N TRP A 34 8.83 4.70 -12.07
CA TRP A 34 10.08 5.32 -11.62
C TRP A 34 11.27 4.37 -11.78
N LYS A 35 12.09 4.61 -12.80
CA LYS A 35 13.27 3.78 -13.08
C LYS A 35 14.34 3.99 -12.00
N GLN A 36 15.10 2.93 -11.72
CA GLN A 36 16.15 3.00 -10.69
C GLN A 36 17.55 2.74 -11.26
N THR A 37 17.64 1.95 -12.34
CA THR A 37 18.94 1.64 -12.94
C THR A 37 19.33 2.64 -14.03
N THR A 38 18.68 2.56 -15.19
CA THR A 38 18.98 3.45 -16.31
C THR A 38 17.79 3.61 -17.26
N ASP A 39 17.60 4.83 -17.74
CA ASP A 39 16.50 5.13 -18.65
C ASP A 39 16.87 4.73 -20.10
N ASN A 40 17.80 5.48 -20.71
CA ASN A 40 18.25 5.24 -22.07
C ASN A 40 17.25 5.76 -23.11
N TRP A 150 19.05 -10.74 -0.37
CA TRP A 150 18.97 -11.47 -1.64
C TRP A 150 18.92 -10.50 -2.82
N GLU A 151 19.94 -9.65 -2.92
CA GLU A 151 20.01 -8.67 -4.01
C GLU A 151 20.56 -9.28 -5.29
N TYR A 152 19.84 -9.04 -6.39
CA TYR A 152 20.21 -9.55 -7.72
C TYR A 152 19.18 -9.11 -8.77
N ARG A 153 17.90 -9.13 -8.39
CA ARG A 153 16.80 -8.72 -9.28
C ARG A 153 16.59 -9.71 -10.43
N GLU A 154 17.61 -9.91 -11.26
CA GLU A 154 17.54 -10.81 -12.41
C GLU A 154 16.49 -10.31 -13.41
N ASP A 155 16.78 -9.16 -14.04
CA ASP A 155 15.87 -8.55 -15.01
C ASP A 155 14.59 -8.05 -14.32
N MET A 156 13.57 -7.70 -15.10
CA MET A 156 12.31 -7.21 -14.55
C MET A 156 11.34 -8.37 -14.25
N ALA A 157 11.64 -9.56 -14.80
CA ALA A 157 10.81 -10.75 -14.60
C ALA A 157 10.29 -10.86 -13.17
N LEU A 158 11.22 -10.80 -12.19
CA LEU A 158 10.83 -10.88 -10.78
C LEU A 158 11.13 -9.55 -10.07
N ALA A 159 10.53 -8.48 -10.56
CA ALA A 159 10.71 -7.15 -9.97
C ALA A 159 9.39 -6.54 -9.51
N ILE A 160 8.40 -6.54 -10.41
CA ILE A 160 7.07 -6.00 -10.11
C ILE A 160 6.51 -6.62 -8.82
N VAL A 161 6.69 -7.93 -8.67
CA VAL A 161 6.21 -8.64 -7.49
C VAL A 161 6.84 -8.08 -6.22
N ALA A 162 8.17 -7.96 -6.21
CA ALA A 162 8.89 -7.42 -5.06
C ALA A 162 8.51 -5.96 -4.82
N GLY A 163 8.58 -5.16 -5.89
CA GLY A 163 8.23 -3.74 -5.80
C GLY A 163 6.82 -3.54 -5.29
N GLN A 164 5.89 -4.34 -5.80
CA GLN A 164 4.49 -4.28 -5.39
C GLN A 164 4.33 -4.80 -3.95
N LEU A 165 5.04 -5.88 -3.63
CA LEU A 165 4.97 -6.47 -2.30
C LEU A 165 5.49 -5.52 -1.22
N ILE A 166 6.59 -4.82 -1.50
CA ILE A 166 7.17 -3.87 -0.53
C ILE A 166 6.09 -3.02 0.15
N PRO A 167 5.33 -2.21 -0.62
CA PRO A 167 4.26 -1.37 -0.07
C PRO A 167 3.12 -2.20 0.51
N TRP A 168 2.87 -3.38 -0.08
CA TRP A 168 1.82 -4.27 0.39
C TRP A 168 2.09 -4.72 1.83
N LEU A 169 3.31 -5.22 2.07
CA LEU A 169 3.72 -5.69 3.39
C LEU A 169 3.55 -4.58 4.43
N VAL A 170 4.07 -3.38 4.13
CA VAL A 170 3.95 -2.25 5.06
C VAL A 170 2.49 -1.78 5.15
N ALA A 171 1.75 -1.90 4.05
CA ALA A 171 0.35 -1.49 4.01
C ALA A 171 -0.50 -2.31 4.98
N LEU A 172 -0.31 -3.63 4.99
CA LEU A 172 -1.05 -4.53 5.89
C LEU A 172 -1.30 -3.88 7.26
N PRO A 173 -0.22 -3.57 8.01
CA PRO A 173 -0.35 -2.93 9.33
C PRO A 173 -0.95 -1.52 9.24
N ILE A 174 -0.53 -0.76 8.23
CA ILE A 174 -1.04 0.60 8.01
C ILE A 174 -2.57 0.59 8.01
N MET A 175 -3.16 -0.31 7.21
CA MET A 175 -4.61 -0.44 7.12
C MET A 175 -5.19 -0.73 8.50
N LEU A 176 -4.58 -1.68 9.21
CA LEU A 176 -5.01 -2.03 10.56
C LEU A 176 -4.96 -0.79 11.45
N ILE A 177 -3.89 0.00 11.29
CA ILE A 177 -3.72 1.24 12.04
C ILE A 177 -4.84 2.21 11.72
N ILE A 178 -5.09 2.45 10.43
CA ILE A 178 -6.16 3.34 9.99
C ILE A 178 -7.48 2.96 10.67
N MET A 179 -7.75 1.66 10.73
CA MET A 179 -8.96 1.16 11.38
C MET A 179 -8.87 1.36 12.89
N MET A 180 -7.73 0.97 13.46
CA MET A 180 -7.48 1.08 14.90
C MET A 180 -7.70 2.50 15.41
N VAL A 181 -7.11 3.49 14.72
CA VAL A 181 -7.28 4.90 15.10
C VAL A 181 -8.75 5.30 15.08
N LEU A 182 -9.46 4.86 14.05
CA LEU A 182 -10.90 5.14 13.94
C LEU A 182 -11.65 4.45 15.07
N LEU A 183 -11.22 3.22 15.39
CA LEU A 183 -11.85 2.45 16.46
C LEU A 183 -11.51 3.05 17.83
N GLY A 184 -10.23 3.37 18.04
CA GLY A 184 -9.79 3.94 19.31
C GLY A 184 -8.45 4.64 19.21
N ARG A 185 -7.48 3.98 18.58
CA ARG A 185 -6.14 4.54 18.40
C ARG A 185 -5.28 3.62 17.53
N GLU A 186 -4.40 4.21 16.73
CA GLU A 186 -3.51 3.44 15.86
C GLU A 186 -2.09 3.38 16.41
N MET A 1 -14.16 -9.46 26.37
CA MET A 1 -12.83 -8.91 25.96
C MET A 1 -12.26 -9.68 24.77
N GLY A 2 -11.37 -9.03 24.02
CA GLY A 2 -10.77 -9.65 22.85
C GLY A 2 -11.63 -9.54 21.60
N LYS A 3 -11.18 -8.74 20.63
CA LYS A 3 -11.93 -8.55 19.39
C LYS A 3 -11.07 -7.86 18.33
N PHE A 4 -10.46 -6.73 18.70
CA PHE A 4 -9.60 -5.97 17.78
C PHE A 4 -8.39 -6.78 17.34
N THR A 5 -7.66 -7.35 18.31
CA THR A 5 -6.48 -8.15 18.02
C THR A 5 -6.82 -9.37 17.14
N GLN A 6 -7.97 -10.00 17.41
CA GLN A 6 -8.41 -11.16 16.63
C GLN A 6 -8.33 -10.89 15.12
N ARG A 7 -8.87 -9.74 14.70
CA ARG A 7 -8.85 -9.35 13.29
C ARG A 7 -8.80 -7.83 13.14
N LEU A 8 -7.69 -7.33 12.60
CA LEU A 8 -7.50 -5.88 12.43
C LEU A 8 -7.89 -5.39 11.04
N SER A 9 -9.11 -5.72 10.60
CA SER A 9 -9.59 -5.28 9.28
C SER A 9 -11.04 -4.78 9.39
N LEU A 10 -11.32 -4.02 10.45
CA LEU A 10 -12.67 -3.48 10.67
C LEU A 10 -12.88 -2.25 9.78
N ARG A 11 -14.15 -1.93 9.52
CA ARG A 11 -14.48 -0.78 8.68
C ARG A 11 -15.52 0.11 9.35
N VAL A 12 -15.28 1.42 9.34
CA VAL A 12 -16.19 2.38 9.96
C VAL A 12 -16.40 3.63 9.10
N ARG A 13 -15.31 4.19 8.57
CA ARG A 13 -15.38 5.39 7.74
C ARG A 13 -15.50 5.05 6.25
N LEU A 14 -14.63 4.16 5.77
CA LEU A 14 -14.62 3.75 4.36
C LEU A 14 -13.92 4.79 3.48
N THR A 15 -14.34 6.06 3.62
CA THR A 15 -13.76 7.17 2.86
C THR A 15 -12.24 7.19 2.97
N LEU A 16 -11.74 7.11 4.21
CA LEU A 16 -10.29 7.11 4.44
C LEU A 16 -9.65 5.87 3.84
N ILE A 17 -10.34 4.71 3.96
CA ILE A 17 -9.84 3.45 3.40
C ILE A 17 -9.64 3.61 1.89
N PHE A 18 -10.67 4.12 1.21
CA PHE A 18 -10.58 4.34 -0.23
C PHE A 18 -9.40 5.28 -0.53
N LEU A 19 -9.30 6.35 0.26
CA LEU A 19 -8.21 7.32 0.11
C LEU A 19 -6.84 6.62 0.20
N ILE A 20 -6.63 5.89 1.30
CA ILE A 20 -5.37 5.16 1.49
C ILE A 20 -5.17 4.14 0.37
N LEU A 21 -6.25 3.46 -0.03
CA LEU A 21 -6.17 2.47 -1.11
C LEU A 21 -5.71 3.15 -2.40
N ALA A 22 -6.29 4.32 -2.69
CA ALA A 22 -5.93 5.08 -3.87
C ALA A 22 -4.48 5.55 -3.77
N SER A 23 -4.13 6.12 -2.61
CA SER A 23 -2.77 6.60 -2.36
C SER A 23 -1.76 5.47 -2.54
N VAL A 24 -2.02 4.33 -1.90
CA VAL A 24 -1.15 3.16 -2.01
C VAL A 24 -1.02 2.74 -3.47
N THR A 25 -2.17 2.61 -4.15
CA THR A 25 -2.20 2.24 -5.56
C THR A 25 -1.32 3.19 -6.37
N TRP A 26 -1.53 4.49 -6.15
CA TRP A 26 -0.73 5.52 -6.83
C TRP A 26 0.76 5.32 -6.51
N LEU A 27 1.06 5.16 -5.22
CA LEU A 27 2.44 4.94 -4.78
C LEU A 27 3.05 3.75 -5.51
N LEU A 28 2.30 2.65 -5.60
CA LEU A 28 2.76 1.45 -6.29
C LEU A 28 3.06 1.77 -7.76
N SER A 29 2.09 2.40 -8.42
CA SER A 29 2.26 2.81 -9.83
C SER A 29 3.51 3.66 -9.95
N SER A 30 3.66 4.61 -9.02
CA SER A 30 4.83 5.48 -9.01
C SER A 30 6.10 4.65 -8.86
N PHE A 31 6.07 3.70 -7.92
CA PHE A 31 7.20 2.79 -7.68
C PHE A 31 7.54 2.03 -8.96
N VAL A 32 6.52 1.54 -9.65
CA VAL A 32 6.72 0.80 -10.90
C VAL A 32 7.40 1.71 -11.94
N ALA A 33 6.92 2.95 -12.04
CA ALA A 33 7.49 3.92 -12.97
C ALA A 33 8.89 4.37 -12.54
N TRP A 34 9.02 4.76 -11.27
CA TRP A 34 10.30 5.23 -10.72
C TRP A 34 11.32 4.07 -10.65
N LYS A 35 12.08 3.89 -11.74
CA LYS A 35 13.08 2.82 -11.84
C LYS A 35 13.81 2.57 -10.51
N GLN A 36 14.68 3.51 -10.12
CA GLN A 36 15.43 3.38 -8.86
C GLN A 36 16.26 4.65 -8.59
N THR A 37 15.60 5.80 -8.70
CA THR A 37 16.27 7.10 -8.48
C THR A 37 15.27 8.13 -7.96
N THR A 38 15.73 9.07 -7.15
CA THR A 38 14.86 10.10 -6.58
C THR A 38 14.17 10.91 -7.69
N ASP A 39 14.95 11.50 -8.58
CA ASP A 39 14.41 12.28 -9.69
C ASP A 39 15.17 12.02 -10.99
N ASN A 40 14.44 11.86 -12.09
CA ASN A 40 15.02 11.61 -13.40
C ASN A 40 14.79 12.80 -14.36
N TRP A 150 20.64 -11.54 -3.87
CA TRP A 150 19.91 -12.81 -3.83
C TRP A 150 20.33 -13.73 -4.98
N GLU A 151 21.62 -14.08 -5.02
CA GLU A 151 22.16 -14.97 -6.05
C GLU A 151 22.07 -14.35 -7.45
N TYR A 152 23.22 -13.93 -7.98
CA TYR A 152 23.29 -13.31 -9.31
C TYR A 152 22.27 -12.17 -9.48
N ARG A 153 22.52 -11.05 -8.82
CA ARG A 153 21.64 -9.88 -8.93
C ARG A 153 21.89 -9.12 -10.24
N GLU A 154 21.58 -9.78 -11.36
CA GLU A 154 21.78 -9.18 -12.68
C GLU A 154 20.46 -8.73 -13.29
N ASP A 155 19.69 -9.67 -13.86
CA ASP A 155 18.40 -9.36 -14.48
C ASP A 155 17.30 -9.28 -13.42
N MET A 156 16.25 -8.50 -13.71
CA MET A 156 15.13 -8.35 -12.78
C MET A 156 14.27 -9.62 -12.74
N ALA A 157 14.86 -10.72 -12.28
CA ALA A 157 14.17 -12.01 -12.18
C ALA A 157 12.95 -11.91 -11.27
N LEU A 158 11.82 -11.51 -11.86
CA LEU A 158 10.56 -11.34 -11.12
C LEU A 158 10.66 -10.14 -10.18
N ALA A 159 10.91 -8.97 -10.77
CA ALA A 159 11.04 -7.74 -9.99
C ALA A 159 9.67 -7.19 -9.60
N ILE A 160 8.70 -7.27 -10.53
CA ILE A 160 7.35 -6.80 -10.28
C ILE A 160 6.79 -7.32 -8.96
N VAL A 161 7.03 -8.60 -8.66
CA VAL A 161 6.55 -9.21 -7.42
C VAL A 161 7.14 -8.50 -6.21
N ALA A 162 8.44 -8.17 -6.29
CA ALA A 162 9.12 -7.46 -5.20
C ALA A 162 8.62 -6.02 -5.12
N GLY A 163 8.62 -5.34 -6.26
CA GLY A 163 8.14 -3.96 -6.32
C GLY A 163 6.73 -3.85 -5.78
N GLN A 164 5.88 -4.80 -6.17
CA GLN A 164 4.50 -4.84 -5.69
C GLN A 164 4.45 -5.21 -4.21
N LEU A 165 5.31 -6.16 -3.81
CA LEU A 165 5.38 -6.60 -2.42
C LEU A 165 5.70 -5.44 -1.48
N ILE A 166 6.55 -4.50 -1.93
CA ILE A 166 6.94 -3.34 -1.12
C ILE A 166 5.69 -2.63 -0.55
N PRO A 167 4.82 -2.06 -1.41
CA PRO A 167 3.60 -1.39 -0.96
C PRO A 167 2.65 -2.37 -0.25
N TRP A 168 2.79 -3.67 -0.56
CA TRP A 168 1.95 -4.70 0.06
C TRP A 168 2.29 -4.84 1.55
N LEU A 169 3.53 -5.21 1.85
CA LEU A 169 3.99 -5.37 3.24
C LEU A 169 3.76 -4.07 4.02
N VAL A 170 4.02 -2.93 3.38
CA VAL A 170 3.82 -1.63 4.01
C VAL A 170 2.32 -1.33 4.18
N ALA A 171 1.52 -1.78 3.22
CA ALA A 171 0.07 -1.58 3.26
C ALA A 171 -0.56 -2.30 4.45
N LEU A 172 -0.16 -3.55 4.69
CA LEU A 172 -0.69 -4.34 5.81
C LEU A 172 -0.88 -3.46 7.06
N PRO A 173 0.23 -2.93 7.63
CA PRO A 173 0.14 -2.06 8.81
C PRO A 173 -0.63 -0.77 8.50
N ILE A 174 -0.42 -0.23 7.29
CA ILE A 174 -1.12 0.98 6.86
C ILE A 174 -2.64 0.83 7.06
N MET A 175 -3.18 -0.30 6.63
CA MET A 175 -4.61 -0.59 6.78
C MET A 175 -4.99 -0.59 8.25
N LEU A 176 -4.20 -1.27 9.07
CA LEU A 176 -4.44 -1.32 10.51
C LEU A 176 -4.45 0.10 11.08
N ILE A 177 -3.43 0.87 10.71
CA ILE A 177 -3.30 2.26 11.14
C ILE A 177 -4.51 3.08 10.71
N ILE A 178 -4.86 2.99 9.42
CA ILE A 178 -6.01 3.71 8.89
C ILE A 178 -7.28 3.35 9.66
N MET A 179 -7.45 2.06 9.94
CA MET A 179 -8.62 1.60 10.70
C MET A 179 -8.59 2.16 12.13
N MET A 180 -7.44 2.02 12.80
CA MET A 180 -7.28 2.51 14.16
C MET A 180 -7.52 4.03 14.24
N VAL A 181 -6.88 4.79 13.36
CA VAL A 181 -7.07 6.24 13.32
C VAL A 181 -8.52 6.58 13.01
N LEU A 182 -9.12 5.82 12.08
CA LEU A 182 -10.51 6.01 11.71
C LEU A 182 -11.41 5.73 12.92
N LEU A 183 -11.05 4.69 13.68
CA LEU A 183 -11.80 4.31 14.86
C LEU A 183 -11.63 5.34 15.98
N GLY A 184 -10.38 5.69 16.28
CA GLY A 184 -10.10 6.67 17.33
C GLY A 184 -8.68 7.22 17.25
N ARG A 185 -7.71 6.33 17.09
CA ARG A 185 -6.30 6.72 17.01
C ARG A 185 -5.46 5.58 16.42
N GLU A 186 -4.66 5.89 15.41
CA GLU A 186 -3.81 4.88 14.77
C GLU A 186 -2.65 4.45 15.69
N MET A 1 -23.87 -1.79 3.76
CA MET A 1 -24.09 -2.26 2.36
C MET A 1 -24.27 -3.78 2.30
N GLY A 2 -23.20 -4.53 2.59
CA GLY A 2 -23.28 -5.98 2.56
C GLY A 2 -22.39 -6.65 3.58
N LYS A 3 -21.73 -7.74 3.17
CA LYS A 3 -20.84 -8.49 4.05
C LYS A 3 -19.91 -9.41 3.26
N PHE A 4 -20.50 -10.21 2.36
CA PHE A 4 -19.72 -11.13 1.52
C PHE A 4 -18.72 -10.38 0.64
N THR A 5 -19.16 -9.25 0.09
CA THR A 5 -18.31 -8.41 -0.78
C THR A 5 -17.18 -7.76 0.03
N GLN A 6 -17.55 -7.15 1.15
CA GLN A 6 -16.57 -6.49 2.02
C GLN A 6 -15.67 -7.53 2.71
N ARG A 7 -14.70 -8.04 1.98
CA ARG A 7 -13.78 -9.05 2.49
C ARG A 7 -12.42 -8.43 2.86
N LEU A 8 -12.42 -7.60 3.90
CA LEU A 8 -11.21 -6.93 4.35
C LEU A 8 -11.30 -6.60 5.84
N SER A 9 -10.14 -6.37 6.47
CA SER A 9 -10.09 -6.04 7.90
C SER A 9 -10.69 -4.66 8.16
N LEU A 10 -12.00 -4.52 7.92
CA LEU A 10 -12.68 -3.24 8.13
C LEU A 10 -13.97 -3.43 8.94
N ARG A 11 -14.11 -2.66 10.02
CA ARG A 11 -15.29 -2.73 10.87
C ARG A 11 -16.24 -1.58 10.57
N VAL A 12 -15.72 -0.35 10.58
CA VAL A 12 -16.52 0.84 10.30
C VAL A 12 -15.74 1.85 9.46
N ARG A 13 -15.28 1.42 8.28
CA ARG A 13 -14.53 2.29 7.38
C ARG A 13 -14.46 1.73 5.96
N LEU A 14 -14.66 2.60 4.99
CA LEU A 14 -14.62 2.21 3.57
C LEU A 14 -13.99 3.33 2.73
N THR A 15 -14.50 4.55 2.91
CA THR A 15 -14.00 5.72 2.18
C THR A 15 -12.49 5.88 2.39
N LEU A 16 -12.07 5.84 3.66
CA LEU A 16 -10.65 5.97 4.00
C LEU A 16 -9.83 4.85 3.36
N ILE A 17 -10.28 3.61 3.51
CA ILE A 17 -9.59 2.46 2.93
C ILE A 17 -9.45 2.65 1.42
N PHE A 18 -10.55 3.01 0.75
CA PHE A 18 -10.53 3.25 -0.69
C PHE A 18 -9.55 4.38 -1.03
N LEU A 19 -9.62 5.46 -0.24
CA LEU A 19 -8.75 6.61 -0.43
C LEU A 19 -7.28 6.21 -0.33
N ILE A 20 -6.92 5.58 0.80
CA ILE A 20 -5.53 5.13 1.01
C ILE A 20 -5.13 4.09 -0.03
N LEU A 21 -6.07 3.19 -0.38
CA LEU A 21 -5.80 2.16 -1.39
C LEU A 21 -5.39 2.80 -2.72
N ALA A 22 -6.12 3.84 -3.13
CA ALA A 22 -5.82 4.55 -4.36
C ALA A 22 -4.47 5.27 -4.25
N SER A 23 -4.29 5.99 -3.14
CA SER A 23 -3.03 6.72 -2.90
C SER A 23 -1.83 5.78 -2.93
N VAL A 24 -1.92 4.68 -2.18
CA VAL A 24 -0.85 3.69 -2.13
C VAL A 24 -0.60 3.10 -3.53
N THR A 25 -1.68 2.71 -4.21
CA THR A 25 -1.57 2.16 -5.56
C THR A 25 -0.86 3.17 -6.47
N TRP A 26 -1.31 4.44 -6.42
CA TRP A 26 -0.71 5.50 -7.20
C TRP A 26 0.77 5.63 -6.84
N LEU A 27 1.03 5.70 -5.53
CA LEU A 27 2.41 5.78 -5.02
C LEU A 27 3.26 4.65 -5.59
N LEU A 28 2.72 3.42 -5.53
CA LEU A 28 3.42 2.25 -6.07
C LEU A 28 3.68 2.44 -7.56
N SER A 29 2.64 2.81 -8.30
CA SER A 29 2.77 3.06 -9.74
C SER A 29 3.89 4.07 -9.97
N SER A 30 3.88 5.13 -9.16
CA SER A 30 4.91 6.17 -9.23
C SER A 30 6.29 5.54 -8.98
N PHE A 31 6.39 4.78 -7.90
CA PHE A 31 7.63 4.09 -7.53
C PHE A 31 8.15 3.26 -8.72
N VAL A 32 7.26 2.47 -9.32
CA VAL A 32 7.62 1.64 -10.47
C VAL A 32 8.16 2.49 -11.61
N ALA A 33 7.51 3.62 -11.88
CA ALA A 33 7.93 4.53 -12.95
C ALA A 33 9.24 5.25 -12.61
N TRP A 34 9.38 5.67 -11.34
CA TRP A 34 10.57 6.39 -10.86
C TRP A 34 11.88 5.66 -11.22
N LYS A 35 12.99 6.40 -11.10
CA LYS A 35 14.33 5.84 -11.38
C LYS A 35 14.50 4.46 -10.74
N GLN A 36 14.43 3.41 -11.56
CA GLN A 36 14.54 2.03 -11.09
C GLN A 36 15.96 1.70 -10.61
N THR A 37 16.93 1.79 -11.51
CA THR A 37 18.32 1.47 -11.17
C THR A 37 19.05 2.72 -10.66
N THR A 38 19.28 2.76 -9.34
CA THR A 38 19.96 3.88 -8.71
C THR A 38 20.56 3.48 -7.36
N ASP A 39 21.81 3.05 -7.40
CA ASP A 39 22.53 2.62 -6.20
C ASP A 39 23.98 2.31 -6.53
N ASN A 40 24.20 1.27 -7.33
CA ASN A 40 25.55 0.88 -7.75
C ASN A 40 25.91 1.52 -9.09
N TRP A 150 4.73 2.20 -26.80
CA TRP A 150 4.10 1.21 -27.67
C TRP A 150 3.10 0.35 -26.88
N GLU A 151 3.62 -0.63 -26.15
CA GLU A 151 2.79 -1.52 -25.34
C GLU A 151 3.47 -1.83 -24.00
N TYR A 152 2.76 -2.54 -23.12
CA TYR A 152 3.31 -2.93 -21.81
C TYR A 152 4.40 -3.98 -21.98
N ARG A 153 5.50 -3.60 -22.61
CA ARG A 153 6.62 -4.51 -22.85
C ARG A 153 7.54 -4.61 -21.63
N GLU A 154 7.10 -5.32 -20.61
CA GLU A 154 7.89 -5.50 -19.39
C GLU A 154 8.53 -6.89 -19.37
N ASP A 155 9.76 -6.99 -19.87
CA ASP A 155 10.49 -8.25 -19.92
C ASP A 155 10.90 -8.69 -18.50
N MET A 156 9.92 -9.07 -17.68
CA MET A 156 10.18 -9.51 -16.30
C MET A 156 9.32 -10.72 -15.95
N ALA A 157 9.85 -11.58 -15.07
CA ALA A 157 9.14 -12.78 -14.64
C ALA A 157 8.65 -12.65 -13.19
N LEU A 158 9.57 -12.73 -12.23
CA LEU A 158 9.22 -12.62 -10.82
C LEU A 158 9.85 -11.38 -10.18
N ALA A 159 9.48 -10.21 -10.69
CA ALA A 159 10.00 -8.94 -10.16
C ALA A 159 8.87 -8.02 -9.72
N ILE A 160 7.88 -7.83 -10.60
CA ILE A 160 6.72 -6.98 -10.29
C ILE A 160 6.08 -7.41 -8.98
N VAL A 161 5.99 -8.73 -8.77
CA VAL A 161 5.40 -9.28 -7.55
C VAL A 161 6.08 -8.72 -6.30
N ALA A 162 7.42 -8.70 -6.31
CA ALA A 162 8.19 -8.16 -5.18
C ALA A 162 7.99 -6.64 -5.07
N GLY A 163 8.11 -5.96 -6.21
CA GLY A 163 7.91 -4.52 -6.25
C GLY A 163 6.56 -4.13 -5.71
N GLN A 164 5.53 -4.85 -6.13
CA GLN A 164 4.16 -4.61 -5.66
C GLN A 164 4.02 -5.05 -4.20
N LEU A 165 4.65 -6.17 -3.85
CA LEU A 165 4.60 -6.70 -2.49
C LEU A 165 5.18 -5.71 -1.48
N ILE A 166 6.34 -5.11 -1.81
CA ILE A 166 7.00 -4.15 -0.94
C ILE A 166 6.01 -3.15 -0.30
N PRO A 167 5.31 -2.33 -1.13
CA PRO A 167 4.34 -1.36 -0.62
C PRO A 167 3.16 -2.04 0.08
N TRP A 168 2.79 -3.23 -0.39
CA TRP A 168 1.68 -3.98 0.21
C TRP A 168 1.99 -4.33 1.67
N LEU A 169 3.18 -4.91 1.90
CA LEU A 169 3.61 -5.28 3.24
C LEU A 169 3.60 -4.07 4.18
N VAL A 170 4.03 -2.92 3.66
CA VAL A 170 4.06 -1.68 4.44
C VAL A 170 2.65 -1.09 4.60
N ALA A 171 1.83 -1.19 3.56
CA ALA A 171 0.47 -0.67 3.58
C ALA A 171 -0.37 -1.33 4.68
N LEU A 172 -0.31 -2.66 4.75
CA LEU A 172 -1.06 -3.43 5.76
C LEU A 172 -1.05 -2.73 7.12
N PRO A 173 0.14 -2.57 7.76
CA PRO A 173 0.25 -1.89 9.05
C PRO A 173 -0.30 -0.47 8.99
N ILE A 174 0.01 0.26 7.91
CA ILE A 174 -0.49 1.62 7.74
C ILE A 174 -2.00 1.65 7.92
N MET A 175 -2.70 0.76 7.20
CA MET A 175 -4.16 0.65 7.28
C MET A 175 -4.59 0.30 8.71
N LEU A 176 -3.92 -0.71 9.29
CA LEU A 176 -4.22 -1.14 10.65
C LEU A 176 -4.12 0.05 11.60
N ILE A 177 -3.05 0.84 11.46
CA ILE A 177 -2.84 2.03 12.28
C ILE A 177 -3.92 3.07 11.98
N ILE A 178 -4.20 3.28 10.70
CA ILE A 178 -5.23 4.23 10.27
C ILE A 178 -6.57 3.90 10.94
N MET A 179 -6.97 2.63 10.84
CA MET A 179 -8.21 2.16 11.43
C MET A 179 -8.13 2.20 12.96
N MET A 180 -7.03 1.69 13.52
CA MET A 180 -6.82 1.67 14.96
C MET A 180 -6.91 3.07 15.56
N VAL A 181 -6.23 4.04 14.95
CA VAL A 181 -6.24 5.42 15.45
C VAL A 181 -7.62 6.07 15.29
N LEU A 182 -8.25 5.89 14.13
CA LEU A 182 -9.57 6.45 13.88
C LEU A 182 -10.66 5.73 14.69
N LEU A 183 -10.68 4.40 14.59
CA LEU A 183 -11.65 3.57 15.31
C LEU A 183 -11.36 3.52 16.81
N GLY A 184 -10.12 3.19 17.15
CA GLY A 184 -9.71 3.09 18.54
C GLY A 184 -8.76 1.92 18.78
N ARG A 185 -8.92 0.85 18.00
CA ARG A 185 -8.09 -0.34 18.10
C ARG A 185 -8.40 -1.34 16.99
N GLU A 186 -7.36 -1.98 16.45
CA GLU A 186 -7.54 -2.97 15.37
C GLU A 186 -6.78 -4.26 15.73
N MET A 1 -15.85 17.61 8.85
CA MET A 1 -15.75 17.58 7.36
C MET A 1 -14.32 17.86 6.88
N GLY A 2 -13.88 19.11 7.05
CA GLY A 2 -12.53 19.48 6.63
C GLY A 2 -11.45 18.75 7.41
N LYS A 3 -10.30 18.53 6.78
CA LYS A 3 -9.16 17.83 7.40
C LYS A 3 -9.37 16.32 7.39
N PHE A 4 -10.54 15.88 7.86
CA PHE A 4 -10.87 14.45 7.89
C PHE A 4 -10.77 13.83 6.50
N THR A 5 -11.26 14.56 5.48
CA THR A 5 -11.21 14.08 4.10
C THR A 5 -9.78 13.71 3.70
N GLN A 6 -8.82 14.51 4.14
CA GLN A 6 -7.40 14.29 3.84
C GLN A 6 -6.85 13.07 4.59
N ARG A 7 -5.59 12.73 4.33
CA ARG A 7 -4.95 11.60 4.98
C ARG A 7 -4.70 11.87 6.48
N LEU A 8 -5.45 11.17 7.33
CA LEU A 8 -5.32 11.34 8.79
C LEU A 8 -5.09 10.00 9.50
N SER A 9 -4.58 10.06 10.72
CA SER A 9 -4.31 8.86 11.51
C SER A 9 -5.54 8.45 12.33
N LEU A 10 -6.71 8.44 11.70
CA LEU A 10 -7.96 8.07 12.38
C LEU A 10 -9.19 8.19 11.45
N ARG A 11 -9.60 9.42 11.16
CA ARG A 11 -10.76 9.67 10.29
C ARG A 11 -12.00 8.93 10.83
N VAL A 12 -12.92 8.56 9.94
CA VAL A 12 -14.15 7.86 10.36
C VAL A 12 -14.29 6.48 9.69
N ARG A 13 -13.18 5.94 9.16
CA ARG A 13 -13.18 4.63 8.49
C ARG A 13 -13.93 4.69 7.16
N LEU A 14 -13.61 3.75 6.27
CA LEU A 14 -14.23 3.66 4.93
C LEU A 14 -13.62 4.68 3.96
N THR A 15 -13.57 5.96 4.38
CA THR A 15 -12.98 7.00 3.54
C THR A 15 -11.47 6.79 3.40
N LEU A 16 -10.82 6.53 4.54
CA LEU A 16 -9.38 6.28 4.56
C LEU A 16 -9.02 5.16 3.59
N ILE A 17 -9.87 4.13 3.52
CA ILE A 17 -9.66 3.00 2.61
C ILE A 17 -9.58 3.47 1.16
N PHE A 18 -10.55 4.28 0.75
CA PHE A 18 -10.57 4.82 -0.61
C PHE A 18 -9.32 5.67 -0.87
N LEU A 19 -9.02 6.55 0.08
CA LEU A 19 -7.85 7.42 -0.02
C LEU A 19 -6.56 6.60 -0.14
N ILE A 20 -6.39 5.63 0.77
CA ILE A 20 -5.21 4.77 0.75
C ILE A 20 -5.18 3.90 -0.52
N LEU A 21 -6.35 3.42 -0.95
CA LEU A 21 -6.42 2.61 -2.17
C LEU A 21 -5.96 3.44 -3.38
N ALA A 22 -6.47 4.66 -3.48
CA ALA A 22 -6.08 5.57 -4.56
C ALA A 22 -4.61 5.93 -4.45
N SER A 23 -4.18 6.31 -3.24
CA SER A 23 -2.79 6.66 -3.00
C SER A 23 -1.87 5.49 -3.33
N VAL A 24 -2.29 4.28 -2.96
CA VAL A 24 -1.52 3.08 -3.25
C VAL A 24 -1.41 2.90 -4.76
N THR A 25 -2.52 3.15 -5.45
CA THR A 25 -2.56 3.05 -6.91
C THR A 25 -1.57 4.05 -7.52
N TRP A 26 -1.64 5.30 -7.07
CA TRP A 26 -0.75 6.36 -7.56
C TRP A 26 0.71 6.04 -7.21
N LEU A 27 0.95 5.72 -5.94
CA LEU A 27 2.29 5.38 -5.46
C LEU A 27 2.86 4.20 -6.24
N LEU A 28 2.06 3.14 -6.35
CA LEU A 28 2.46 1.94 -7.09
C LEU A 28 2.80 2.29 -8.53
N SER A 29 1.94 3.09 -9.16
CA SER A 29 2.16 3.50 -10.55
C SER A 29 3.52 4.19 -10.69
N SER A 30 3.79 5.16 -9.80
CA SER A 30 5.06 5.87 -9.82
C SER A 30 6.21 4.92 -9.51
N PHE A 31 6.03 4.08 -8.48
CA PHE A 31 7.03 3.09 -8.08
C PHE A 31 7.42 2.21 -9.26
N VAL A 32 6.41 1.68 -9.96
CA VAL A 32 6.65 0.82 -11.12
C VAL A 32 7.21 1.64 -12.28
N ALA A 33 6.68 2.85 -12.47
CA ALA A 33 7.14 3.73 -13.55
C ALA A 33 8.61 4.15 -13.34
N TRP A 34 8.95 4.51 -12.11
CA TRP A 34 10.31 4.94 -11.77
C TRP A 34 11.33 3.81 -11.98
N LYS A 35 12.50 4.15 -12.51
CA LYS A 35 13.55 3.17 -12.75
C LYS A 35 14.63 3.26 -11.66
N GLN A 36 15.11 2.09 -11.21
CA GLN A 36 16.15 2.04 -10.18
C GLN A 36 17.50 2.59 -10.68
N THR A 37 17.62 3.92 -10.63
CA THR A 37 18.84 4.62 -11.07
C THR A 37 18.93 4.68 -12.60
N THR A 38 17.83 5.11 -13.24
CA THR A 38 17.79 5.23 -14.69
C THR A 38 16.85 6.36 -15.10
N ASP A 39 17.04 7.51 -14.47
CA ASP A 39 16.24 8.71 -14.72
C ASP A 39 16.87 9.92 -14.04
N ASN A 40 16.37 11.11 -14.34
CA ASN A 40 16.92 12.33 -13.75
C ASN A 40 15.92 13.48 -13.84
N TRP A 150 22.48 -16.46 -8.15
CA TRP A 150 22.10 -15.94 -9.46
C TRP A 150 21.30 -14.64 -9.33
N GLU A 151 22.00 -13.51 -9.43
CA GLU A 151 21.36 -12.19 -9.32
C GLU A 151 20.75 -11.75 -10.65
N TYR A 152 21.57 -11.69 -11.70
CA TYR A 152 21.15 -11.29 -13.05
C TYR A 152 20.08 -10.17 -13.03
N ARG A 153 20.34 -9.14 -12.22
CA ARG A 153 19.40 -8.01 -12.12
C ARG A 153 19.37 -7.16 -13.40
N GLU A 154 18.85 -7.75 -14.47
CA GLU A 154 18.74 -7.04 -15.75
C GLU A 154 17.27 -6.90 -16.16
N ASP A 155 16.55 -8.02 -16.21
CA ASP A 155 15.13 -8.01 -16.56
C ASP A 155 14.28 -7.46 -15.41
N MET A 156 12.97 -7.37 -15.61
CA MET A 156 12.06 -6.86 -14.58
C MET A 156 10.85 -7.78 -14.37
N ALA A 157 11.03 -9.09 -14.59
CA ALA A 157 9.95 -10.05 -14.40
C ALA A 157 9.86 -10.48 -12.94
N LEU A 158 10.80 -11.30 -12.49
CA LEU A 158 10.81 -11.77 -11.10
C LEU A 158 11.37 -10.68 -10.17
N ALA A 159 10.70 -9.53 -10.18
CA ALA A 159 11.11 -8.40 -9.35
C ALA A 159 9.91 -7.51 -8.99
N ILE A 160 9.08 -7.21 -9.99
CA ILE A 160 7.89 -6.38 -9.77
C ILE A 160 7.08 -6.88 -8.58
N VAL A 161 6.97 -8.21 -8.43
CA VAL A 161 6.23 -8.79 -7.32
C VAL A 161 6.83 -8.35 -5.98
N ALA A 162 8.16 -8.33 -5.90
CA ALA A 162 8.86 -7.90 -4.69
C ALA A 162 8.67 -6.40 -4.47
N GLY A 163 8.94 -5.62 -5.53
CA GLY A 163 8.78 -4.18 -5.47
C GLY A 163 7.38 -3.79 -5.07
N GLN A 164 6.39 -4.44 -5.67
CA GLN A 164 4.98 -4.19 -5.35
C GLN A 164 4.63 -4.71 -3.95
N LEU A 165 5.19 -5.88 -3.59
CA LEU A 165 4.94 -6.47 -2.29
C LEU A 165 5.43 -5.56 -1.16
N ILE A 166 6.62 -4.97 -1.34
CA ILE A 166 7.20 -4.07 -0.33
C ILE A 166 6.15 -3.12 0.26
N PRO A 167 5.55 -2.22 -0.57
CA PRO A 167 4.52 -1.28 -0.08
C PRO A 167 3.28 -2.00 0.44
N TRP A 168 2.92 -3.13 -0.16
CA TRP A 168 1.77 -3.90 0.27
C TRP A 168 1.95 -4.37 1.72
N LEU A 169 3.11 -4.98 2.00
CA LEU A 169 3.44 -5.45 3.34
C LEU A 169 3.34 -4.31 4.34
N VAL A 170 3.80 -3.12 3.94
CA VAL A 170 3.75 -1.94 4.80
C VAL A 170 2.31 -1.41 4.94
N ALA A 171 1.55 -1.48 3.85
CA ALA A 171 0.16 -1.01 3.85
C ALA A 171 -0.69 -1.79 4.85
N LEU A 172 -0.65 -3.13 4.79
CA LEU A 172 -1.42 -4.00 5.69
C LEU A 172 -1.47 -3.43 7.12
N PRO A 173 -0.31 -3.31 7.80
CA PRO A 173 -0.27 -2.78 9.16
C PRO A 173 -0.88 -1.38 9.23
N ILE A 174 -0.52 -0.53 8.27
CA ILE A 174 -1.08 0.83 8.21
C ILE A 174 -2.61 0.79 8.28
N MET A 175 -3.22 -0.07 7.46
CA MET A 175 -4.67 -0.22 7.43
C MET A 175 -5.21 -0.66 8.78
N LEU A 176 -4.60 -1.70 9.35
CA LEU A 176 -4.99 -2.19 10.67
C LEU A 176 -4.87 -1.05 11.68
N ILE A 177 -3.77 -0.31 11.59
CA ILE A 177 -3.51 0.83 12.44
C ILE A 177 -4.63 1.87 12.26
N ILE A 178 -4.98 2.13 11.00
CA ILE A 178 -6.05 3.09 10.68
C ILE A 178 -7.33 2.75 11.44
N MET A 179 -7.75 1.50 11.35
CA MET A 179 -8.96 1.05 12.04
C MET A 179 -8.76 0.99 13.56
N MET A 180 -7.60 0.49 13.99
CA MET A 180 -7.28 0.36 15.41
C MET A 180 -7.27 1.74 16.10
N VAL A 181 -6.53 2.69 15.53
CA VAL A 181 -6.47 4.05 16.09
C VAL A 181 -7.85 4.67 16.09
N LEU A 182 -8.60 4.46 14.99
CA LEU A 182 -9.96 4.96 14.88
C LEU A 182 -10.82 4.35 15.97
N LEU A 183 -10.60 3.07 16.26
CA LEU A 183 -11.34 2.36 17.29
C LEU A 183 -10.95 2.85 18.69
N GLY A 184 -9.64 3.04 18.89
CA GLY A 184 -9.14 3.51 20.18
C GLY A 184 -7.66 3.80 20.17
N ARG A 185 -6.88 2.94 19.51
CA ARG A 185 -5.43 3.10 19.42
C ARG A 185 -4.84 2.15 18.39
N GLU A 186 -3.99 2.68 17.52
CA GLU A 186 -3.34 1.88 16.48
C GLU A 186 -2.16 1.07 17.03
N MET A 1 -25.93 -7.31 9.59
CA MET A 1 -25.07 -8.50 9.39
C MET A 1 -23.82 -8.44 10.28
N GLY A 2 -23.21 -9.60 10.52
CA GLY A 2 -22.01 -9.65 11.35
C GLY A 2 -20.76 -9.19 10.61
N LYS A 3 -19.72 -10.03 10.62
CA LYS A 3 -18.46 -9.70 9.95
C LYS A 3 -17.42 -10.82 10.08
N PHE A 4 -17.20 -11.27 11.32
CA PHE A 4 -16.23 -12.34 11.58
C PHE A 4 -16.48 -13.56 10.69
N THR A 5 -17.75 -13.95 10.57
CA THR A 5 -18.13 -15.09 9.74
C THR A 5 -17.74 -14.86 8.28
N GLN A 6 -17.92 -13.63 7.80
CA GLN A 6 -17.56 -13.27 6.43
C GLN A 6 -16.05 -13.26 6.24
N ARG A 7 -15.33 -12.68 7.21
CA ARG A 7 -13.87 -12.60 7.17
C ARG A 7 -13.32 -11.77 8.34
N LEU A 8 -11.99 -11.65 8.41
CA LEU A 8 -11.35 -10.89 9.49
C LEU A 8 -11.23 -9.41 9.11
N SER A 9 -10.24 -9.07 8.29
CA SER A 9 -10.04 -7.69 7.85
C SER A 9 -11.15 -7.28 6.88
N LEU A 10 -12.19 -6.64 7.40
CA LEU A 10 -13.32 -6.20 6.59
C LEU A 10 -13.37 -4.67 6.50
N ARG A 11 -14.07 -4.17 5.48
CA ARG A 11 -14.20 -2.73 5.27
C ARG A 11 -15.11 -2.10 6.33
N VAL A 12 -14.57 -1.83 7.52
CA VAL A 12 -15.33 -1.24 8.61
C VAL A 12 -15.87 0.15 8.24
N ARG A 13 -15.13 0.87 7.39
CA ARG A 13 -15.55 2.20 6.95
C ARG A 13 -15.64 2.27 5.42
N LEU A 14 -15.76 3.48 4.87
CA LEU A 14 -15.86 3.66 3.43
C LEU A 14 -14.89 4.72 2.91
N THR A 15 -14.89 5.90 3.55
CA THR A 15 -14.01 7.00 3.16
C THR A 15 -12.54 6.62 3.29
N LEU A 16 -12.16 6.08 4.46
CA LEU A 16 -10.78 5.69 4.70
C LEU A 16 -10.30 4.67 3.66
N ILE A 17 -11.14 3.68 3.36
CA ILE A 17 -10.80 2.66 2.38
C ILE A 17 -10.53 3.32 1.01
N PHE A 18 -11.45 4.17 0.58
CA PHE A 18 -11.29 4.88 -0.70
C PHE A 18 -10.03 5.74 -0.69
N LEU A 19 -9.88 6.53 0.38
CA LEU A 19 -8.71 7.41 0.52
C LEU A 19 -7.40 6.62 0.46
N ILE A 20 -7.30 5.57 1.29
CA ILE A 20 -6.10 4.75 1.32
C ILE A 20 -5.90 3.99 0.00
N LEU A 21 -6.98 3.45 -0.56
CA LEU A 21 -6.90 2.72 -1.83
C LEU A 21 -6.40 3.64 -2.95
N ALA A 22 -6.98 4.83 -3.04
CA ALA A 22 -6.58 5.81 -4.06
C ALA A 22 -5.13 6.26 -3.84
N SER A 23 -4.82 6.66 -2.60
CA SER A 23 -3.46 7.08 -2.25
C SER A 23 -2.45 5.99 -2.56
N VAL A 24 -2.72 4.77 -2.09
CA VAL A 24 -1.84 3.63 -2.35
C VAL A 24 -1.69 3.41 -3.86
N THR A 25 -2.81 3.49 -4.58
CA THR A 25 -2.79 3.31 -6.03
C THR A 25 -1.86 4.34 -6.68
N TRP A 26 -2.03 5.61 -6.31
CA TRP A 26 -1.19 6.68 -6.85
C TRP A 26 0.27 6.48 -6.44
N LEU A 27 0.50 6.24 -5.15
CA LEU A 27 1.85 6.00 -4.64
C LEU A 27 2.51 4.85 -5.39
N LEU A 28 1.79 3.73 -5.49
CA LEU A 28 2.28 2.56 -6.22
C LEU A 28 2.61 2.95 -7.66
N SER A 29 1.66 3.63 -8.32
CA SER A 29 1.87 4.10 -9.69
C SER A 29 3.16 4.91 -9.78
N SER A 30 3.31 5.85 -8.85
CA SER A 30 4.52 6.69 -8.80
C SER A 30 5.75 5.80 -8.62
N PHE A 31 5.65 4.83 -7.71
CA PHE A 31 6.73 3.89 -7.45
C PHE A 31 7.12 3.13 -8.72
N VAL A 32 6.13 2.58 -9.41
CA VAL A 32 6.36 1.84 -10.65
C VAL A 32 7.01 2.73 -11.70
N ALA A 33 6.52 3.97 -11.81
CA ALA A 33 7.05 4.93 -12.76
C ALA A 33 8.49 5.35 -12.40
N TRP A 34 8.73 5.51 -11.09
CA TRP A 34 10.04 5.91 -10.58
C TRP A 34 11.16 4.97 -11.04
N LYS A 35 12.40 5.44 -10.91
CA LYS A 35 13.58 4.66 -11.30
C LYS A 35 14.36 4.19 -10.08
N GLN A 36 15.00 3.02 -10.20
CA GLN A 36 15.79 2.43 -9.11
C GLN A 36 16.78 3.44 -8.51
N THR A 37 17.71 3.93 -9.34
CA THR A 37 18.71 4.89 -8.90
C THR A 37 19.57 4.32 -7.76
N THR A 38 20.08 3.12 -7.96
CA THR A 38 20.92 2.45 -6.95
C THR A 38 22.12 1.78 -7.62
N ASP A 39 22.94 2.60 -8.27
CA ASP A 39 24.12 2.11 -9.00
C ASP A 39 25.40 2.19 -8.17
N ASN A 40 25.47 3.12 -7.21
CA ASN A 40 26.65 3.26 -6.37
C ASN A 40 26.54 2.39 -5.11
N TRP A 150 5.60 -3.72 -28.80
CA TRP A 150 4.80 -4.82 -28.28
C TRP A 150 4.70 -4.73 -26.74
N GLU A 151 5.86 -4.50 -26.11
CA GLU A 151 5.96 -4.36 -24.65
C GLU A 151 4.84 -5.11 -23.91
N TYR A 152 5.01 -6.43 -23.77
CA TYR A 152 4.03 -7.27 -23.08
C TYR A 152 3.95 -6.93 -21.58
N ARG A 153 3.51 -5.71 -21.27
CA ARG A 153 3.38 -5.23 -19.89
C ARG A 153 4.75 -5.04 -19.23
N GLU A 154 5.56 -6.09 -19.22
CA GLU A 154 6.89 -6.04 -18.61
C GLU A 154 7.62 -7.38 -18.79
N ASP A 155 8.76 -7.35 -19.47
CA ASP A 155 9.54 -8.57 -19.69
C ASP A 155 10.26 -9.02 -18.41
N MET A 156 9.47 -9.26 -17.35
CA MET A 156 10.00 -9.69 -16.07
C MET A 156 9.20 -10.88 -15.51
N ALA A 157 9.92 -11.93 -15.09
CA ALA A 157 9.28 -13.12 -14.56
C ALA A 157 9.27 -13.13 -13.02
N LEU A 158 10.41 -13.47 -12.41
CA LEU A 158 10.51 -13.53 -10.95
C LEU A 158 11.26 -12.31 -10.38
N ALA A 159 10.58 -11.17 -10.37
CA ALA A 159 11.16 -9.93 -9.83
C ALA A 159 10.07 -8.95 -9.40
N ILE A 160 9.12 -8.70 -10.29
CA ILE A 160 8.00 -7.78 -10.00
C ILE A 160 7.25 -8.22 -8.75
N VAL A 161 7.06 -9.54 -8.59
CA VAL A 161 6.36 -10.08 -7.43
C VAL A 161 7.04 -9.63 -6.13
N ALA A 162 8.36 -9.81 -6.06
CA ALA A 162 9.12 -9.39 -4.88
C ALA A 162 9.15 -7.86 -4.76
N GLY A 163 9.51 -7.19 -5.88
CA GLY A 163 9.55 -5.74 -5.89
C GLY A 163 8.26 -5.14 -5.39
N GLN A 164 7.13 -5.61 -5.93
CA GLN A 164 5.82 -5.13 -5.52
C GLN A 164 5.48 -5.61 -4.11
N LEU A 165 5.85 -6.84 -3.78
CA LEU A 165 5.59 -7.39 -2.44
C LEU A 165 6.09 -6.44 -1.35
N ILE A 166 7.32 -5.93 -1.53
CA ILE A 166 7.93 -5.02 -0.56
C ILE A 166 6.94 -3.92 -0.09
N PRO A 167 6.51 -3.01 -1.00
CA PRO A 167 5.56 -1.95 -0.63
C PRO A 167 4.25 -2.51 -0.06
N TRP A 168 3.84 -3.68 -0.55
CA TRP A 168 2.60 -4.31 -0.06
C TRP A 168 2.75 -4.67 1.42
N LEU A 169 3.89 -5.26 1.78
CA LEU A 169 4.18 -5.65 3.16
C LEU A 169 4.03 -4.45 4.10
N VAL A 170 4.60 -3.30 3.71
CA VAL A 170 4.50 -2.09 4.52
C VAL A 170 3.09 -1.48 4.44
N ALA A 171 2.40 -1.70 3.33
CA ALA A 171 1.05 -1.18 3.14
C ALA A 171 0.08 -1.79 4.17
N LEU A 172 0.14 -3.11 4.34
CA LEU A 172 -0.71 -3.82 5.30
C LEU A 172 -0.83 -3.05 6.63
N PRO A 173 0.29 -2.85 7.35
CA PRO A 173 0.30 -2.13 8.62
C PRO A 173 -0.24 -0.70 8.46
N ILE A 174 0.13 -0.03 7.37
CA ILE A 174 -0.34 1.34 7.11
C ILE A 174 -1.87 1.38 7.24
N MET A 175 -2.54 0.44 6.56
CA MET A 175 -3.99 0.34 6.61
C MET A 175 -4.46 0.15 8.04
N LEU A 176 -3.79 -0.75 8.77
CA LEU A 176 -4.12 -1.01 10.17
C LEU A 176 -3.99 0.27 10.98
N ILE A 177 -2.91 1.02 10.76
CA ILE A 177 -2.69 2.29 11.46
C ILE A 177 -3.81 3.29 11.10
N ILE A 178 -4.05 3.44 9.80
CA ILE A 178 -5.09 4.35 9.31
C ILE A 178 -6.46 3.98 9.89
N MET A 179 -6.75 2.68 9.91
CA MET A 179 -8.02 2.19 10.47
C MET A 179 -8.03 2.37 12.00
N MET A 180 -6.89 2.07 12.63
CA MET A 180 -6.74 2.18 14.08
C MET A 180 -7.02 3.60 14.59
N VAL A 181 -6.38 4.61 13.97
CA VAL A 181 -6.58 5.99 14.40
C VAL A 181 -8.07 6.36 14.41
N LEU A 182 -8.77 6.08 13.31
CA LEU A 182 -10.19 6.38 13.20
C LEU A 182 -11.05 5.45 14.07
N LEU A 183 -10.83 4.14 13.94
CA LEU A 183 -11.61 3.14 14.70
C LEU A 183 -11.26 3.15 16.19
N GLY A 184 -9.96 3.26 16.51
CA GLY A 184 -9.52 3.26 17.89
C GLY A 184 -8.25 2.45 18.09
N ARG A 185 -8.25 1.23 17.56
CA ARG A 185 -7.09 0.34 17.67
C ARG A 185 -7.13 -0.75 16.60
N GLU A 186 -5.97 -1.09 16.05
CA GLU A 186 -5.87 -2.12 15.02
C GLU A 186 -4.64 -3.00 15.25
N MET A 1 -17.01 -1.12 25.28
CA MET A 1 -15.94 -0.17 25.71
C MET A 1 -14.56 -0.84 25.73
N GLY A 2 -13.52 -0.04 25.90
CA GLY A 2 -12.16 -0.56 25.94
C GLY A 2 -11.18 0.27 25.15
N LYS A 3 -11.22 0.15 23.82
CA LYS A 3 -10.35 0.90 22.92
C LYS A 3 -8.95 0.29 22.84
N PHE A 4 -8.34 0.04 24.01
CA PHE A 4 -7.01 -0.56 24.07
C PHE A 4 -7.04 -2.01 23.61
N THR A 5 -8.00 -2.77 24.12
CA THR A 5 -8.17 -4.18 23.76
C THR A 5 -8.67 -4.33 22.32
N GLN A 6 -9.59 -3.44 21.93
CA GLN A 6 -10.17 -3.46 20.58
C GLN A 6 -9.10 -3.14 19.51
N ARG A 7 -8.22 -4.11 19.26
CA ARG A 7 -7.17 -3.96 18.26
C ARG A 7 -7.40 -4.91 17.08
N LEU A 8 -7.97 -4.38 16.01
CA LEU A 8 -8.25 -5.16 14.81
C LEU A 8 -7.75 -4.45 13.55
N SER A 9 -7.77 -5.17 12.42
CA SER A 9 -7.31 -4.61 11.15
C SER A 9 -8.02 -3.30 10.81
N LEU A 10 -9.33 -3.26 11.04
CA LEU A 10 -10.14 -2.06 10.77
C LEU A 10 -11.50 -2.15 11.45
N ARG A 11 -12.12 -0.98 11.70
CA ARG A 11 -13.43 -0.93 12.35
C ARG A 11 -14.54 -0.73 11.31
N VAL A 12 -14.53 0.42 10.63
CA VAL A 12 -15.53 0.72 9.60
C VAL A 12 -15.03 0.29 8.22
N ARG A 13 -15.77 0.67 7.16
CA ARG A 13 -15.38 0.30 5.80
C ARG A 13 -16.03 1.21 4.75
N LEU A 14 -15.37 2.31 4.41
CA LEU A 14 -15.86 3.24 3.38
C LEU A 14 -14.94 4.45 3.22
N THR A 15 -14.63 5.12 4.34
CA THR A 15 -13.74 6.26 4.34
C THR A 15 -12.31 5.82 4.09
N LEU A 16 -11.87 4.83 4.87
CA LEU A 16 -10.53 4.26 4.74
C LEU A 16 -10.35 3.61 3.38
N ILE A 17 -11.39 2.92 2.90
CA ILE A 17 -11.34 2.27 1.59
C ILE A 17 -11.01 3.28 0.49
N PHE A 18 -11.75 4.39 0.47
CA PHE A 18 -11.51 5.44 -0.52
C PHE A 18 -10.10 6.03 -0.37
N LEU A 19 -9.76 6.40 0.87
CA LEU A 19 -8.44 6.95 1.17
C LEU A 19 -7.32 6.01 0.72
N ILE A 20 -7.44 4.74 1.11
CA ILE A 20 -6.45 3.73 0.74
C ILE A 20 -6.42 3.53 -0.77
N LEU A 21 -7.60 3.54 -1.40
CA LEU A 21 -7.69 3.36 -2.85
C LEU A 21 -6.82 4.41 -3.56
N ALA A 22 -6.99 5.69 -3.15
CA ALA A 22 -6.22 6.78 -3.73
C ALA A 22 -4.74 6.70 -3.33
N SER A 23 -4.47 6.55 -2.03
CA SER A 23 -3.09 6.46 -1.54
C SER A 23 -2.33 5.31 -2.19
N VAL A 24 -2.97 4.14 -2.26
CA VAL A 24 -2.37 2.96 -2.88
C VAL A 24 -2.14 3.20 -4.36
N THR A 25 -3.16 3.73 -5.04
CA THR A 25 -3.05 4.02 -6.47
C THR A 25 -1.84 4.93 -6.73
N TRP A 26 -1.73 5.99 -5.94
CA TRP A 26 -0.62 6.93 -6.06
C TRP A 26 0.72 6.25 -5.71
N LEU A 27 0.75 5.57 -4.56
CA LEU A 27 1.96 4.88 -4.11
C LEU A 27 2.44 3.87 -5.15
N LEU A 28 1.50 3.11 -5.73
CA LEU A 28 1.83 2.13 -6.76
C LEU A 28 2.36 2.84 -8.01
N SER A 29 1.62 3.87 -8.46
CA SER A 29 2.03 4.64 -9.63
C SER A 29 3.45 5.19 -9.44
N SER A 30 3.71 5.76 -8.26
CA SER A 30 5.03 6.29 -7.95
C SER A 30 6.05 5.15 -7.86
N PHE A 31 5.68 4.06 -7.17
CA PHE A 31 6.55 2.90 -7.03
C PHE A 31 7.04 2.43 -8.40
N VAL A 32 6.13 2.40 -9.37
CA VAL A 32 6.48 1.98 -10.73
C VAL A 32 7.34 3.05 -11.42
N ALA A 33 6.92 4.30 -11.31
CA ALA A 33 7.64 5.43 -11.93
C ALA A 33 9.03 5.65 -11.31
N TRP A 34 9.13 5.50 -9.98
CA TRP A 34 10.39 5.72 -9.25
C TRP A 34 11.58 4.99 -9.89
N LYS A 35 12.29 5.72 -10.77
CA LYS A 35 13.47 5.21 -11.47
C LYS A 35 13.31 3.75 -11.92
N GLN A 36 12.14 3.42 -12.47
CA GLN A 36 11.89 2.06 -12.95
C GLN A 36 11.09 2.08 -14.26
N THR A 37 11.82 2.13 -15.38
CA THR A 37 11.21 2.15 -16.72
C THR A 37 10.71 3.55 -17.09
N THR A 38 10.86 3.92 -18.37
CA THR A 38 10.41 5.25 -18.84
C THR A 38 9.12 5.12 -19.65
N ASP A 39 8.29 6.16 -19.62
CA ASP A 39 7.03 6.16 -20.36
C ASP A 39 7.28 5.81 -21.84
N ASN A 40 6.28 5.20 -22.47
CA ASN A 40 6.41 4.81 -23.88
C ASN A 40 5.05 4.49 -24.50
N TRP A 150 19.42 -1.48 -25.01
CA TRP A 150 20.56 -1.54 -24.07
C TRP A 150 20.20 -0.89 -22.72
N GLU A 151 19.30 -1.53 -21.97
CA GLU A 151 18.88 -1.01 -20.66
C GLU A 151 18.85 -2.11 -19.59
N TYR A 152 18.42 -1.74 -18.38
CA TYR A 152 18.35 -2.67 -17.26
C TYR A 152 16.94 -3.28 -17.13
N ARG A 153 16.25 -3.44 -18.27
CA ARG A 153 14.89 -4.00 -18.27
C ARG A 153 14.71 -5.07 -19.35
N GLU A 154 15.01 -6.33 -19.01
CA GLU A 154 14.87 -7.45 -19.94
C GLU A 154 13.58 -8.24 -19.64
N ASP A 155 13.35 -8.52 -18.36
CA ASP A 155 12.17 -9.26 -17.92
C ASP A 155 11.70 -8.76 -16.55
N MET A 156 10.50 -9.18 -16.15
CA MET A 156 9.94 -8.78 -14.86
C MET A 156 9.44 -9.98 -14.04
N ALA A 157 9.46 -11.19 -14.62
CA ALA A 157 8.99 -12.39 -13.92
C ALA A 157 9.60 -12.51 -12.52
N LEU A 158 10.88 -12.90 -12.44
CA LEU A 158 11.55 -13.04 -11.15
C LEU A 158 11.99 -11.67 -10.61
N ALA A 159 11.01 -10.79 -10.42
CA ALA A 159 11.27 -9.44 -9.91
C ALA A 159 9.95 -8.75 -9.52
N ILE A 160 8.98 -8.79 -10.43
CA ILE A 160 7.68 -8.18 -10.17
C ILE A 160 7.09 -8.65 -8.83
N VAL A 161 7.26 -9.94 -8.53
CA VAL A 161 6.75 -10.50 -7.27
C VAL A 161 7.33 -9.77 -6.06
N ALA A 162 8.66 -9.60 -6.03
CA ALA A 162 9.32 -8.89 -4.95
C ALA A 162 8.92 -7.42 -4.96
N GLY A 163 8.99 -6.80 -6.14
CA GLY A 163 8.60 -5.40 -6.29
C GLY A 163 7.19 -5.14 -5.78
N GLN A 164 6.26 -6.03 -6.15
CA GLN A 164 4.87 -5.92 -5.72
C GLN A 164 4.73 -6.21 -4.22
N LEU A 165 5.48 -7.20 -3.73
CA LEU A 165 5.44 -7.58 -2.32
C LEU A 165 5.77 -6.38 -1.42
N ILE A 166 6.86 -5.68 -1.73
CA ILE A 166 7.30 -4.52 -0.94
C ILE A 166 6.13 -3.60 -0.54
N PRO A 167 5.41 -2.99 -1.53
CA PRO A 167 4.28 -2.09 -1.25
C PRO A 167 3.19 -2.77 -0.44
N TRP A 168 2.95 -4.07 -0.69
CA TRP A 168 1.94 -4.82 0.06
C TRP A 168 2.35 -4.94 1.53
N LEU A 169 3.58 -5.40 1.75
CA LEU A 169 4.14 -5.57 3.09
C LEU A 169 4.00 -4.27 3.89
N VAL A 170 4.41 -3.15 3.29
CA VAL A 170 4.31 -1.84 3.94
C VAL A 170 2.86 -1.38 4.02
N ALA A 171 2.05 -1.77 3.03
CA ALA A 171 0.63 -1.42 3.01
C ALA A 171 -0.08 -1.89 4.28
N LEU A 172 0.13 -3.17 4.64
CA LEU A 172 -0.48 -3.75 5.84
C LEU A 172 -0.48 -2.75 7.00
N PRO A 173 0.71 -2.36 7.52
CA PRO A 173 0.82 -1.40 8.62
C PRO A 173 0.24 -0.04 8.23
N ILE A 174 0.47 0.37 6.98
CA ILE A 174 -0.07 1.65 6.47
C ILE A 174 -1.57 1.75 6.76
N MET A 175 -2.30 0.70 6.39
CA MET A 175 -3.76 0.64 6.60
C MET A 175 -4.09 0.81 8.09
N LEU A 176 -3.42 0.02 8.94
CA LEU A 176 -3.63 0.12 10.38
C LEU A 176 -3.37 1.54 10.86
N ILE A 177 -2.23 2.10 10.43
CA ILE A 177 -1.87 3.47 10.79
C ILE A 177 -2.96 4.44 10.34
N ILE A 178 -3.37 4.32 9.06
CA ILE A 178 -4.44 5.17 8.53
C ILE A 178 -5.68 5.07 9.42
N MET A 179 -6.02 3.83 9.80
CA MET A 179 -7.17 3.60 10.68
C MET A 179 -6.95 4.31 12.01
N MET A 180 -5.75 4.17 12.56
CA MET A 180 -5.40 4.82 13.83
C MET A 180 -5.51 6.35 13.72
N VAL A 181 -4.96 6.92 12.64
CA VAL A 181 -5.04 8.37 12.42
C VAL A 181 -6.50 8.80 12.36
N LEU A 182 -7.31 8.00 11.66
CA LEU A 182 -8.74 8.27 11.56
C LEU A 182 -9.38 8.28 12.95
N LEU A 183 -8.94 7.33 13.80
CA LEU A 183 -9.42 7.23 15.17
C LEU A 183 -8.93 8.40 16.03
N GLY A 184 -7.65 8.75 15.86
CA GLY A 184 -7.06 9.85 16.63
C GLY A 184 -5.65 10.19 16.21
N ARG A 185 -4.83 9.17 15.96
CA ARG A 185 -3.44 9.37 15.54
C ARG A 185 -2.82 8.07 15.03
N GLU A 186 -1.92 8.19 14.06
CA GLU A 186 -1.26 7.02 13.48
C GLU A 186 0.21 6.96 13.91
N MET A 1 -12.29 -10.55 25.82
CA MET A 1 -10.90 -11.09 25.92
C MET A 1 -10.38 -11.52 24.54
N GLY A 2 -9.05 -11.62 24.43
CA GLY A 2 -8.45 -12.01 23.16
C GLY A 2 -7.44 -10.99 22.64
N LYS A 3 -7.95 -9.98 21.94
CA LYS A 3 -7.11 -8.91 21.37
C LYS A 3 -6.42 -9.36 20.08
N PHE A 4 -5.76 -10.52 20.13
CA PHE A 4 -5.06 -11.06 18.96
C PHE A 4 -6.05 -11.53 17.89
N THR A 5 -7.12 -12.19 18.33
CA THR A 5 -8.14 -12.69 17.41
C THR A 5 -8.92 -11.55 16.75
N GLN A 6 -9.24 -10.53 17.55
CA GLN A 6 -9.97 -9.35 17.06
C GLN A 6 -9.08 -8.50 16.13
N ARG A 7 -9.51 -8.36 14.87
CA ARG A 7 -8.76 -7.58 13.89
C ARG A 7 -9.71 -6.89 12.90
N LEU A 8 -10.31 -5.78 13.33
CA LEU A 8 -11.24 -5.02 12.50
C LEU A 8 -10.52 -4.36 11.31
N SER A 9 -10.74 -4.90 10.11
CA SER A 9 -10.11 -4.38 8.90
C SER A 9 -11.05 -3.42 8.16
N LEU A 10 -11.66 -3.88 7.07
CA LEU A 10 -12.59 -3.04 6.29
C LEU A 10 -13.93 -2.90 6.98
N ARG A 11 -14.13 -1.78 7.66
CA ARG A 11 -15.37 -1.50 8.39
C ARG A 11 -15.29 -0.18 9.15
N VAL A 12 -14.16 0.04 9.83
CA VAL A 12 -13.94 1.25 10.63
C VAL A 12 -14.32 2.53 9.86
N ARG A 13 -13.59 2.82 8.78
CA ARG A 13 -13.87 4.02 7.97
C ARG A 13 -13.59 3.78 6.48
N LEU A 14 -14.65 3.66 5.69
CA LEU A 14 -14.54 3.41 4.24
C LEU A 14 -13.88 4.56 3.49
N THR A 15 -14.34 5.79 3.72
CA THR A 15 -13.79 6.98 3.04
C THR A 15 -12.26 7.00 3.11
N LEU A 16 -11.74 6.86 4.33
CA LEU A 16 -10.28 6.84 4.54
C LEU A 16 -9.65 5.68 3.76
N ILE A 17 -10.28 4.52 3.84
CA ILE A 17 -9.80 3.33 3.13
C ILE A 17 -9.77 3.60 1.63
N PHE A 18 -10.88 4.13 1.09
CA PHE A 18 -10.97 4.45 -0.33
C PHE A 18 -9.90 5.48 -0.72
N LEU A 19 -9.83 6.56 0.06
CA LEU A 19 -8.83 7.61 -0.17
C LEU A 19 -7.42 7.03 -0.17
N ILE A 20 -7.11 6.26 0.88
CA ILE A 20 -5.80 5.64 0.99
C ILE A 20 -5.55 4.67 -0.16
N LEU A 21 -6.57 3.88 -0.52
CA LEU A 21 -6.46 2.93 -1.63
C LEU A 21 -6.02 3.65 -2.91
N ALA A 22 -6.65 4.79 -3.20
CA ALA A 22 -6.33 5.57 -4.38
C ALA A 22 -4.88 6.10 -4.29
N SER A 23 -4.56 6.72 -3.16
CA SER A 23 -3.21 7.26 -2.93
C SER A 23 -2.16 6.15 -3.09
N VAL A 24 -2.38 5.02 -2.40
CA VAL A 24 -1.48 3.87 -2.47
C VAL A 24 -1.37 3.38 -3.91
N THR A 25 -2.50 3.37 -4.63
CA THR A 25 -2.53 2.95 -6.01
C THR A 25 -1.61 3.83 -6.85
N TRP A 26 -1.77 5.15 -6.72
CA TRP A 26 -0.91 6.10 -7.44
C TRP A 26 0.54 5.91 -7.02
N LEU A 27 0.77 5.79 -5.70
CA LEU A 27 2.11 5.58 -5.17
C LEU A 27 2.73 4.33 -5.78
N LEU A 28 1.94 3.25 -5.85
CA LEU A 28 2.39 1.98 -6.44
C LEU A 28 2.74 2.18 -7.91
N SER A 29 1.83 2.83 -8.65
CA SER A 29 2.06 3.11 -10.07
C SER A 29 3.36 3.91 -10.23
N SER A 30 3.51 4.96 -9.42
CA SER A 30 4.71 5.78 -9.45
C SER A 30 5.94 4.92 -9.11
N PHE A 31 5.76 4.07 -8.10
CA PHE A 31 6.82 3.15 -7.68
C PHE A 31 7.27 2.27 -8.84
N VAL A 32 6.29 1.70 -9.56
CA VAL A 32 6.58 0.85 -10.72
C VAL A 32 7.22 1.66 -11.85
N ALA A 33 6.68 2.85 -12.10
CA ALA A 33 7.21 3.72 -13.15
C ALA A 33 8.64 4.17 -12.84
N TRP A 34 8.89 4.49 -11.56
CA TRP A 34 10.21 4.95 -11.11
C TRP A 34 11.33 4.00 -11.56
N LYS A 35 12.55 4.53 -11.60
CA LYS A 35 13.72 3.75 -12.00
C LYS A 35 14.54 3.32 -10.79
N GLN A 36 15.18 2.15 -10.88
CA GLN A 36 15.99 1.63 -9.78
C GLN A 36 17.32 2.39 -9.64
N THR A 37 17.20 3.68 -9.35
CA THR A 37 18.37 4.56 -9.17
C THR A 37 17.96 5.85 -8.44
N THR A 38 17.29 5.68 -7.30
CA THR A 38 16.82 6.81 -6.50
C THR A 38 17.28 6.68 -5.05
N ASP A 39 18.57 6.96 -4.81
CA ASP A 39 19.18 6.87 -3.48
C ASP A 39 19.33 5.41 -3.02
N ASN A 40 20.47 5.13 -2.39
CA ASN A 40 20.77 3.77 -1.90
C ASN A 40 22.12 3.73 -1.18
N TRP A 150 11.95 -19.28 -9.23
CA TRP A 150 10.80 -18.64 -8.58
C TRP A 150 9.71 -18.32 -9.60
N GLU A 151 9.16 -19.37 -10.22
CA GLU A 151 8.11 -19.24 -11.23
C GLU A 151 8.63 -18.60 -12.53
N TYR A 152 7.74 -18.39 -13.48
CA TYR A 152 8.09 -17.80 -14.76
C TYR A 152 8.22 -16.28 -14.68
N ARG A 153 8.88 -15.69 -15.67
CA ARG A 153 9.07 -14.24 -15.71
C ARG A 153 9.20 -13.73 -17.15
N GLU A 154 8.28 -12.82 -17.54
CA GLU A 154 8.28 -12.26 -18.89
C GLU A 154 8.19 -10.73 -18.84
N ASP A 155 9.25 -10.06 -19.33
CA ASP A 155 9.32 -8.60 -19.37
C ASP A 155 9.38 -7.97 -17.98
N MET A 156 8.29 -8.08 -17.21
CA MET A 156 8.24 -7.52 -15.86
C MET A 156 7.74 -8.54 -14.84
N ALA A 157 8.65 -9.38 -14.36
CA ALA A 157 8.31 -10.41 -13.37
C ALA A 157 9.47 -10.62 -12.40
N LEU A 158 9.20 -11.34 -11.30
CA LEU A 158 10.20 -11.63 -10.28
C LEU A 158 10.56 -10.34 -9.52
N ALA A 159 11.24 -9.42 -10.19
CA ALA A 159 11.62 -8.14 -9.58
C ALA A 159 10.37 -7.32 -9.25
N ILE A 160 9.46 -7.19 -10.24
CA ILE A 160 8.22 -6.44 -10.05
C ILE A 160 7.42 -7.02 -8.88
N VAL A 161 7.42 -8.36 -8.77
CA VAL A 161 6.71 -9.03 -7.69
C VAL A 161 7.23 -8.56 -6.34
N ALA A 162 8.56 -8.59 -6.17
CA ALA A 162 9.19 -8.14 -4.94
C ALA A 162 8.93 -6.64 -4.72
N GLY A 163 9.18 -5.85 -5.77
CA GLY A 163 8.96 -4.41 -5.70
C GLY A 163 7.56 -4.07 -5.27
N GLN A 164 6.57 -4.72 -5.89
CA GLN A 164 5.17 -4.51 -5.55
C GLN A 164 4.84 -5.10 -4.18
N LEU A 165 5.42 -6.27 -3.88
CA LEU A 165 5.20 -6.93 -2.59
C LEU A 165 5.64 -6.05 -1.42
N ILE A 166 6.81 -5.42 -1.54
CA ILE A 166 7.34 -4.54 -0.48
C ILE A 166 6.25 -3.61 0.08
N PRO A 167 5.70 -2.70 -0.76
CA PRO A 167 4.66 -1.76 -0.32
C PRO A 167 3.40 -2.49 0.16
N TRP A 168 3.11 -3.64 -0.43
CA TRP A 168 1.94 -4.43 -0.03
C TRP A 168 2.09 -4.90 1.42
N LEU A 169 3.20 -5.58 1.70
CA LEU A 169 3.50 -6.06 3.05
C LEU A 169 3.48 -4.90 4.05
N VAL A 170 4.07 -3.78 3.65
CA VAL A 170 4.11 -2.58 4.50
C VAL A 170 2.71 -1.98 4.66
N ALA A 171 1.92 -2.03 3.58
CA ALA A 171 0.56 -1.50 3.58
C ALA A 171 -0.33 -2.24 4.59
N LEU A 172 -0.24 -3.58 4.60
CA LEU A 172 -1.05 -4.40 5.53
C LEU A 172 -1.17 -3.73 6.91
N PRO A 173 -0.04 -3.54 7.63
CA PRO A 173 -0.06 -2.90 8.94
C PRO A 173 -0.56 -1.45 8.86
N ILE A 174 -0.11 -0.72 7.83
CA ILE A 174 -0.54 0.67 7.62
C ILE A 174 -2.06 0.77 7.69
N MET A 175 -2.73 -0.13 6.95
CA MET A 175 -4.19 -0.16 6.94
C MET A 175 -4.71 -0.31 8.37
N LEU A 176 -4.18 -1.29 9.09
CA LEU A 176 -4.55 -1.52 10.48
C LEU A 176 -4.32 -0.24 11.29
N ILE A 177 -3.19 0.43 11.00
CA ILE A 177 -2.83 1.67 11.66
C ILE A 177 -3.90 2.75 11.37
N ILE A 178 -4.23 2.93 10.10
CA ILE A 178 -5.25 3.90 9.69
C ILE A 178 -6.57 3.61 10.40
N MET A 179 -6.94 2.32 10.45
CA MET A 179 -8.15 1.89 11.14
C MET A 179 -8.04 2.16 12.65
N MET A 180 -6.85 1.91 13.19
CA MET A 180 -6.59 2.12 14.62
C MET A 180 -6.81 3.58 15.03
N VAL A 181 -6.34 4.53 14.20
CA VAL A 181 -6.51 5.95 14.50
C VAL A 181 -7.97 6.29 14.75
N LEU A 182 -8.87 5.70 13.95
CA LEU A 182 -10.30 5.93 14.09
C LEU A 182 -10.83 5.28 15.37
N LEU A 183 -10.31 4.08 15.67
CA LEU A 183 -10.72 3.35 16.88
C LEU A 183 -10.18 4.03 18.14
N GLY A 184 -8.95 4.51 18.08
CA GLY A 184 -8.36 5.18 19.23
C GLY A 184 -7.13 6.00 18.89
N ARG A 185 -6.14 5.35 18.28
CA ARG A 185 -4.90 6.03 17.89
C ARG A 185 -4.01 5.12 17.05
N GLU A 186 -3.41 5.69 16.00
CA GLU A 186 -2.53 4.94 15.11
C GLU A 186 -1.06 5.28 15.36
N MET A 1 -8.74 -6.86 26.11
CA MET A 1 -7.41 -7.01 25.44
C MET A 1 -7.21 -8.43 24.92
N GLY A 2 -6.17 -8.63 24.13
CA GLY A 2 -5.87 -9.94 23.57
C GLY A 2 -5.94 -9.95 22.05
N LYS A 3 -6.98 -10.59 21.51
CA LYS A 3 -7.17 -10.67 20.06
C LYS A 3 -7.06 -9.28 19.42
N PHE A 4 -7.72 -8.30 20.03
CA PHE A 4 -7.67 -6.92 19.54
C PHE A 4 -6.28 -6.31 19.74
N THR A 5 -5.66 -6.62 20.89
CA THR A 5 -4.32 -6.13 21.19
C THR A 5 -3.33 -6.58 20.12
N GLN A 6 -3.48 -7.84 19.67
CA GLN A 6 -2.61 -8.41 18.63
C GLN A 6 -2.89 -7.76 17.27
N ARG A 7 -1.96 -7.96 16.32
CA ARG A 7 -2.10 -7.40 14.97
C ARG A 7 -3.31 -8.00 14.25
N LEU A 8 -4.32 -7.16 13.97
CA LEU A 8 -5.53 -7.61 13.29
C LEU A 8 -6.22 -6.48 12.52
N SER A 9 -7.39 -6.77 11.96
CA SER A 9 -8.16 -5.77 11.20
C SER A 9 -9.50 -5.50 11.89
N LEU A 10 -9.87 -4.23 12.01
CA LEU A 10 -11.12 -3.84 12.68
C LEU A 10 -12.31 -3.85 11.71
N ARG A 11 -12.33 -2.89 10.77
CA ARG A 11 -13.43 -2.80 9.80
C ARG A 11 -13.07 -1.86 8.64
N VAL A 12 -13.71 -2.08 7.49
CA VAL A 12 -13.46 -1.26 6.31
C VAL A 12 -14.42 -0.05 6.25
N ARG A 13 -13.92 1.11 6.65
CA ARG A 13 -14.73 2.34 6.64
C ARG A 13 -14.77 2.99 5.25
N LEU A 14 -15.88 3.69 4.97
CA LEU A 14 -16.06 4.36 3.68
C LEU A 14 -14.88 5.30 3.37
N THR A 15 -14.55 6.17 4.32
CA THR A 15 -13.43 7.11 4.15
C THR A 15 -12.12 6.34 4.08
N LEU A 16 -12.01 5.30 4.91
CA LEU A 16 -10.82 4.45 4.96
C LEU A 16 -10.49 3.92 3.56
N ILE A 17 -11.51 3.40 2.87
CA ILE A 17 -11.35 2.86 1.53
C ILE A 17 -10.73 3.90 0.59
N PHE A 18 -11.29 5.11 0.57
CA PHE A 18 -10.78 6.18 -0.28
C PHE A 18 -9.31 6.48 0.05
N LEU A 19 -9.01 6.60 1.35
CA LEU A 19 -7.65 6.89 1.79
C LEU A 19 -6.68 5.77 1.37
N ILE A 20 -7.00 4.53 1.73
CA ILE A 20 -6.15 3.39 1.39
C ILE A 20 -6.04 3.19 -0.12
N LEU A 21 -7.18 3.23 -0.82
CA LEU A 21 -7.19 3.05 -2.29
C LEU A 21 -6.35 4.11 -2.99
N ALA A 22 -6.54 5.37 -2.63
CA ALA A 22 -5.79 6.47 -3.25
C ALA A 22 -4.30 6.41 -2.87
N SER A 23 -4.02 6.30 -1.58
CA SER A 23 -2.64 6.23 -1.10
C SER A 23 -1.89 5.05 -1.73
N VAL A 24 -2.50 3.86 -1.67
CA VAL A 24 -1.90 2.66 -2.25
C VAL A 24 -1.69 2.82 -3.75
N THR A 25 -2.71 3.32 -4.45
CA THR A 25 -2.61 3.51 -5.90
C THR A 25 -1.46 4.45 -6.24
N TRP A 26 -1.38 5.59 -5.53
CA TRP A 26 -0.33 6.58 -5.77
C TRP A 26 1.06 6.04 -5.38
N LEU A 27 1.18 5.48 -4.17
CA LEU A 27 2.46 4.94 -3.70
C LEU A 27 2.90 3.74 -4.55
N LEU A 28 1.99 2.78 -4.73
CA LEU A 28 2.28 1.59 -5.53
C LEU A 28 2.69 1.96 -6.95
N SER A 29 1.90 2.82 -7.60
CA SER A 29 2.20 3.25 -8.96
C SER A 29 3.57 3.93 -9.01
N SER A 30 3.83 4.80 -8.02
CA SER A 30 5.11 5.51 -7.96
C SER A 30 6.27 4.53 -7.78
N PHE A 31 6.14 3.62 -6.81
CA PHE A 31 7.17 2.62 -6.53
C PHE A 31 7.37 1.64 -7.69
N VAL A 32 6.27 1.16 -8.26
CA VAL A 32 6.33 0.22 -9.37
C VAL A 32 6.85 0.88 -10.66
N ALA A 33 6.41 2.11 -10.92
CA ALA A 33 6.84 2.83 -12.11
C ALA A 33 8.31 3.26 -12.03
N TRP A 34 8.71 3.78 -10.88
CA TRP A 34 10.09 4.24 -10.67
C TRP A 34 11.08 3.07 -10.60
N LYS A 35 12.14 3.15 -11.39
CA LYS A 35 13.17 2.11 -11.41
C LYS A 35 14.16 2.31 -10.25
N GLN A 36 15.02 1.32 -10.03
CA GLN A 36 16.01 1.37 -8.95
C GLN A 36 16.82 2.67 -8.97
N THR A 37 17.43 2.98 -10.11
CA THR A 37 18.23 4.19 -10.25
C THR A 37 18.20 4.72 -11.69
N THR A 38 17.03 5.20 -12.12
CA THR A 38 16.88 5.74 -13.47
C THR A 38 17.05 7.25 -13.47
N ASP A 39 17.86 7.75 -14.41
CA ASP A 39 18.12 9.18 -14.52
C ASP A 39 16.91 9.93 -15.09
N ASN A 40 17.09 11.19 -15.47
CA ASN A 40 15.99 11.99 -16.01
C ASN A 40 16.48 13.28 -16.66
N TRP A 150 13.16 7.22 -28.05
CA TRP A 150 12.65 6.13 -28.90
C TRP A 150 12.07 4.98 -28.07
N GLU A 151 10.75 4.98 -27.90
CA GLU A 151 10.05 3.94 -27.13
C GLU A 151 10.34 4.07 -25.63
N TYR A 152 9.70 3.22 -24.83
CA TYR A 152 9.88 3.25 -23.37
C TYR A 152 9.53 1.90 -22.72
N ARG A 153 10.11 1.64 -21.55
CA ARG A 153 9.88 0.39 -20.81
C ARG A 153 10.44 -0.82 -21.56
N GLU A 154 11.71 -1.13 -21.32
CA GLU A 154 12.37 -2.27 -21.98
C GLU A 154 11.94 -3.60 -21.33
N ASP A 155 12.36 -3.84 -20.09
CA ASP A 155 12.01 -5.07 -19.38
C ASP A 155 12.28 -4.94 -17.88
N MET A 156 11.70 -5.86 -17.10
CA MET A 156 11.86 -5.88 -15.65
C MET A 156 11.37 -7.21 -15.06
N ALA A 157 11.93 -8.32 -15.56
CA ALA A 157 11.54 -9.65 -15.09
C ALA A 157 11.60 -9.73 -13.57
N LEU A 158 12.79 -9.50 -12.99
CA LEU A 158 12.96 -9.54 -11.54
C LEU A 158 12.48 -8.23 -10.90
N ALA A 159 11.19 -7.93 -11.09
CA ALA A 159 10.59 -6.71 -10.55
C ALA A 159 9.21 -6.97 -9.93
N ILE A 160 8.39 -7.77 -10.63
CA ILE A 160 7.04 -8.10 -10.14
C ILE A 160 7.07 -8.58 -8.69
N VAL A 161 8.04 -9.42 -8.35
CA VAL A 161 8.17 -9.94 -6.98
C VAL A 161 8.28 -8.79 -5.99
N ALA A 162 9.20 -7.85 -6.27
CA ALA A 162 9.38 -6.68 -5.41
C ALA A 162 8.13 -5.81 -5.40
N GLY A 163 7.59 -5.56 -6.61
CA GLY A 163 6.37 -4.77 -6.75
C GLY A 163 5.22 -5.34 -5.95
N GLN A 164 5.04 -6.65 -6.01
CA GLN A 164 3.98 -7.31 -5.26
C GLN A 164 4.30 -7.30 -3.76
N LEU A 165 5.52 -7.74 -3.42
CA LEU A 165 5.97 -7.82 -2.03
C LEU A 165 6.02 -6.46 -1.34
N ILE A 166 7.02 -5.64 -1.69
CA ILE A 166 7.20 -4.32 -1.06
C ILE A 166 5.87 -3.57 -0.86
N PRO A 167 5.26 -3.02 -1.94
CA PRO A 167 3.99 -2.28 -1.83
C PRO A 167 2.96 -3.01 -0.94
N TRP A 168 2.90 -4.35 -1.01
CA TRP A 168 1.97 -5.11 -0.18
C TRP A 168 2.35 -5.01 1.30
N LEU A 169 3.61 -5.33 1.60
CA LEU A 169 4.14 -5.27 2.96
C LEU A 169 3.98 -3.88 3.54
N VAL A 170 4.21 -2.86 2.70
CA VAL A 170 4.08 -1.46 3.13
C VAL A 170 2.61 -1.06 3.23
N ALA A 171 1.77 -1.59 2.35
CA ALA A 171 0.33 -1.29 2.35
C ALA A 171 -0.33 -1.79 3.63
N LEU A 172 -0.07 -3.05 3.98
CA LEU A 172 -0.63 -3.66 5.20
C LEU A 172 -0.68 -2.66 6.36
N PRO A 173 0.50 -2.19 6.82
CA PRO A 173 0.58 -1.22 7.91
C PRO A 173 -0.09 0.10 7.53
N ILE A 174 0.10 0.54 6.29
CA ILE A 174 -0.52 1.78 5.80
C ILE A 174 -2.02 1.77 6.10
N MET A 175 -2.69 0.66 5.76
CA MET A 175 -4.12 0.51 6.01
C MET A 175 -4.39 0.55 7.52
N LEU A 176 -3.58 -0.20 8.28
CA LEU A 176 -3.70 -0.23 9.75
C LEU A 176 -3.61 1.19 10.30
N ILE A 177 -2.64 1.97 9.82
CA ILE A 177 -2.45 3.35 10.23
C ILE A 177 -3.69 4.17 9.89
N ILE A 178 -4.14 4.06 8.63
CA ILE A 178 -5.34 4.78 8.18
C ILE A 178 -6.53 4.43 9.07
N MET A 179 -6.63 3.16 9.44
CA MET A 179 -7.71 2.69 10.30
C MET A 179 -7.55 3.23 11.73
N MET A 180 -6.34 3.12 12.28
CA MET A 180 -6.05 3.58 13.64
C MET A 180 -6.23 5.10 13.75
N VAL A 181 -5.62 5.85 12.83
CA VAL A 181 -5.74 7.31 12.81
C VAL A 181 -7.21 7.72 12.81
N LEU A 182 -8.02 6.98 12.04
CA LEU A 182 -9.45 7.22 11.96
C LEU A 182 -10.10 7.04 13.34
N LEU A 183 -9.61 6.03 14.08
CA LEU A 183 -10.12 5.74 15.42
C LEU A 183 -9.74 6.83 16.41
N GLY A 184 -8.43 7.13 16.52
CA GLY A 184 -7.98 8.16 17.45
C GLY A 184 -6.62 8.74 17.11
N ARG A 185 -6.42 9.06 15.82
CA ARG A 185 -5.15 9.64 15.36
C ARG A 185 -3.99 8.62 15.37
N GLU A 186 -3.02 8.86 14.50
CA GLU A 186 -1.84 7.99 14.40
C GLU A 186 -0.58 8.82 14.18
N MET A 1 -26.94 -2.92 4.29
CA MET A 1 -27.60 -3.76 3.25
C MET A 1 -26.56 -4.48 2.38
N GLY A 2 -27.02 -5.42 1.54
CA GLY A 2 -26.12 -6.16 0.67
C GLY A 2 -25.34 -7.25 1.40
N LYS A 3 -24.53 -6.82 2.38
CA LYS A 3 -23.71 -7.74 3.18
C LYS A 3 -22.44 -8.16 2.44
N PHE A 4 -22.58 -8.62 1.19
CA PHE A 4 -21.43 -9.05 0.40
C PHE A 4 -20.41 -7.92 0.26
N THR A 5 -20.89 -6.73 -0.15
CA THR A 5 -20.03 -5.57 -0.31
C THR A 5 -19.57 -5.04 1.05
N GLN A 6 -20.49 -5.00 2.01
CA GLN A 6 -20.19 -4.52 3.36
C GLN A 6 -19.16 -5.42 4.05
N ARG A 7 -19.38 -6.74 3.99
CA ARG A 7 -18.46 -7.70 4.61
C ARG A 7 -17.19 -7.89 3.77
N LEU A 8 -16.38 -6.83 3.68
CA LEU A 8 -15.13 -6.88 2.92
C LEU A 8 -13.93 -6.56 3.83
N SER A 9 -13.52 -7.55 4.62
CA SER A 9 -12.39 -7.40 5.56
C SER A 9 -12.70 -6.38 6.66
N LEU A 10 -13.96 -5.93 6.76
CA LEU A 10 -14.37 -4.96 7.78
C LEU A 10 -13.80 -3.57 7.47
N ARG A 11 -14.64 -2.54 7.60
CA ARG A 11 -14.22 -1.17 7.33
C ARG A 11 -14.73 -0.20 8.39
N VAL A 12 -13.92 0.79 8.72
CA VAL A 12 -14.27 1.79 9.74
C VAL A 12 -14.96 3.01 9.11
N ARG A 13 -14.24 3.71 8.25
CA ARG A 13 -14.75 4.91 7.58
C ARG A 13 -15.16 4.65 6.13
N LEU A 14 -14.36 3.84 5.43
CA LEU A 14 -14.59 3.52 4.01
C LEU A 14 -14.04 4.63 3.11
N THR A 15 -14.42 5.88 3.41
CA THR A 15 -13.93 7.02 2.64
C THR A 15 -12.41 7.07 2.69
N LEU A 16 -11.86 6.98 3.91
CA LEU A 16 -10.41 6.96 4.12
C LEU A 16 -9.80 5.78 3.38
N ILE A 17 -10.45 4.62 3.48
CA ILE A 17 -9.98 3.40 2.81
C ILE A 17 -9.92 3.64 1.30
N PHE A 18 -11.02 4.18 0.75
CA PHE A 18 -11.08 4.48 -0.68
C PHE A 18 -9.95 5.44 -1.06
N LEU A 19 -9.81 6.53 -0.31
CA LEU A 19 -8.76 7.51 -0.55
C LEU A 19 -7.38 6.85 -0.48
N ILE A 20 -7.19 6.02 0.55
CA ILE A 20 -5.93 5.29 0.73
C ILE A 20 -5.65 4.41 -0.48
N LEU A 21 -6.67 3.63 -0.90
CA LEU A 21 -6.54 2.75 -2.06
C LEU A 21 -6.10 3.54 -3.30
N ALA A 22 -6.75 4.68 -3.52
CA ALA A 22 -6.42 5.54 -4.66
C ALA A 22 -5.00 6.11 -4.52
N SER A 23 -4.70 6.67 -3.35
CA SER A 23 -3.38 7.24 -3.08
C SER A 23 -2.29 6.19 -3.28
N VAL A 24 -2.46 5.02 -2.66
CA VAL A 24 -1.51 3.92 -2.78
C VAL A 24 -1.34 3.54 -4.24
N THR A 25 -2.46 3.40 -4.95
CA THR A 25 -2.44 3.06 -6.37
C THR A 25 -1.65 4.10 -7.15
N TRP A 26 -1.96 5.37 -6.92
CA TRP A 26 -1.26 6.47 -7.58
C TRP A 26 0.24 6.40 -7.27
N LEU A 27 0.56 6.24 -5.98
CA LEU A 27 1.94 6.13 -5.55
C LEU A 27 2.63 4.97 -6.28
N LEU A 28 1.94 3.83 -6.32
CA LEU A 28 2.44 2.65 -7.01
C LEU A 28 2.71 2.97 -8.47
N SER A 29 1.72 3.58 -9.14
CA SER A 29 1.86 3.96 -10.55
C SER A 29 3.08 4.87 -10.72
N SER A 30 3.17 5.90 -9.88
CA SER A 30 4.29 6.83 -9.91
C SER A 30 5.61 6.06 -9.77
N PHE A 31 5.66 5.19 -8.76
CA PHE A 31 6.84 4.35 -8.52
C PHE A 31 7.19 3.55 -9.78
N VAL A 32 6.17 2.90 -10.35
CA VAL A 32 6.34 2.11 -11.57
C VAL A 32 6.96 2.97 -12.67
N ALA A 33 6.49 4.22 -12.79
CA ALA A 33 7.02 5.14 -13.79
C ALA A 33 8.45 5.57 -13.44
N TRP A 34 8.66 5.84 -12.14
CA TRP A 34 9.98 6.26 -11.63
C TRP A 34 11.09 5.25 -11.98
N LYS A 35 10.83 3.98 -11.68
CA LYS A 35 11.80 2.90 -11.96
C LYS A 35 13.14 3.14 -11.23
N GLN A 36 14.21 2.46 -11.68
CA GLN A 36 15.53 2.57 -11.05
C GLN A 36 16.63 2.82 -12.09
N THR A 37 16.28 3.43 -13.22
CA THR A 37 17.24 3.71 -14.29
C THR A 37 17.90 5.07 -14.09
N THR A 38 17.08 6.12 -14.07
CA THR A 38 17.57 7.49 -13.90
C THR A 38 18.33 7.95 -15.16
N ASP A 39 17.69 7.79 -16.31
CA ASP A 39 18.28 8.17 -17.58
C ASP A 39 17.89 9.62 -17.96
N ASN A 40 18.40 10.10 -19.10
CA ASN A 40 18.12 11.46 -19.55
C ASN A 40 16.65 11.64 -19.97
N TRP A 150 18.72 -6.18 -26.06
CA TRP A 150 18.32 -5.65 -24.76
C TRP A 150 16.82 -5.41 -24.69
N GLU A 151 16.33 -4.51 -25.56
CA GLU A 151 14.90 -4.15 -25.63
C GLU A 151 14.25 -4.17 -24.23
N TYR A 152 14.88 -3.50 -23.28
CA TYR A 152 14.37 -3.42 -21.90
C TYR A 152 13.02 -2.72 -21.84
N ARG A 153 11.95 -3.48 -22.10
CA ARG A 153 10.59 -2.94 -22.08
C ARG A 153 9.99 -3.02 -20.69
N GLU A 154 9.72 -4.24 -20.22
CA GLU A 154 9.12 -4.46 -18.90
C GLU A 154 9.24 -5.92 -18.47
N ASP A 155 10.48 -6.37 -18.23
CA ASP A 155 10.72 -7.76 -17.84
C ASP A 155 10.15 -8.08 -16.45
N MET A 156 8.82 -8.09 -16.37
CA MET A 156 8.12 -8.38 -15.12
C MET A 156 7.86 -9.89 -14.99
N ALA A 157 8.79 -10.60 -14.35
CA ALA A 157 8.66 -12.05 -14.16
C ALA A 157 8.81 -12.44 -12.69
N LEU A 158 10.04 -12.52 -12.21
CA LEU A 158 10.30 -12.88 -10.82
C LEU A 158 11.04 -11.76 -10.09
N ALA A 159 10.40 -10.58 -10.03
CA ALA A 159 10.96 -9.43 -9.35
C ALA A 159 9.88 -8.45 -8.91
N ILE A 160 9.00 -8.09 -9.85
CA ILE A 160 7.90 -7.16 -9.56
C ILE A 160 7.08 -7.64 -8.36
N VAL A 161 6.86 -8.95 -8.26
CA VAL A 161 6.09 -9.52 -7.14
C VAL A 161 6.76 -9.18 -5.81
N ALA A 162 8.07 -9.45 -5.71
CA ALA A 162 8.81 -9.17 -4.48
C ALA A 162 8.89 -7.66 -4.24
N GLY A 163 9.28 -6.92 -5.28
CA GLY A 163 9.38 -5.47 -5.18
C GLY A 163 8.08 -4.84 -4.72
N GLN A 164 6.97 -5.24 -5.34
CA GLN A 164 5.65 -4.73 -4.97
C GLN A 164 5.22 -5.28 -3.61
N LEU A 165 5.51 -6.55 -3.36
CA LEU A 165 5.16 -7.20 -2.09
C LEU A 165 5.78 -6.45 -0.89
N ILE A 166 7.05 -6.08 -1.02
CA ILE A 166 7.76 -5.37 0.06
C ILE A 166 6.88 -4.27 0.69
N PRO A 167 6.51 -3.22 -0.08
CA PRO A 167 5.66 -2.14 0.43
C PRO A 167 4.28 -2.66 0.84
N TRP A 168 3.80 -3.69 0.14
CA TRP A 168 2.50 -4.29 0.45
C TRP A 168 2.48 -4.80 1.90
N LEU A 169 3.51 -5.58 2.25
CA LEU A 169 3.63 -6.14 3.59
C LEU A 169 3.66 -5.02 4.64
N VAL A 170 4.35 -3.92 4.32
CA VAL A 170 4.44 -2.78 5.23
C VAL A 170 3.11 -2.02 5.31
N ALA A 171 2.43 -1.87 4.17
CA ALA A 171 1.15 -1.17 4.11
C ALA A 171 0.09 -1.85 4.97
N LEU A 172 -0.05 -3.18 4.80
CA LEU A 172 -1.03 -3.97 5.56
C LEU A 172 -1.17 -3.48 7.01
N PRO A 173 -0.09 -3.55 7.82
CA PRO A 173 -0.13 -3.09 9.21
C PRO A 173 -0.46 -1.60 9.32
N ILE A 174 0.18 -0.77 8.47
CA ILE A 174 -0.08 0.66 8.47
C ILE A 174 -1.59 0.95 8.38
N MET A 175 -2.23 0.32 7.39
CA MET A 175 -3.67 0.46 7.18
C MET A 175 -4.44 -0.11 8.36
N LEU A 176 -4.10 -1.34 8.74
CA LEU A 176 -4.75 -2.01 9.87
C LEU A 176 -4.71 -1.11 11.11
N ILE A 177 -3.57 -0.46 11.35
CA ILE A 177 -3.42 0.45 12.48
C ILE A 177 -4.33 1.67 12.31
N ILE A 178 -4.30 2.27 11.12
CA ILE A 178 -5.14 3.44 10.83
C ILE A 178 -6.62 3.13 11.08
N MET A 179 -7.06 1.97 10.61
CA MET A 179 -8.44 1.54 10.80
C MET A 179 -8.69 1.19 12.27
N MET A 180 -7.79 0.38 12.84
CA MET A 180 -7.89 -0.03 14.24
C MET A 180 -8.04 1.17 15.17
N VAL A 181 -7.15 2.17 15.01
CA VAL A 181 -7.20 3.37 15.84
C VAL A 181 -8.53 4.12 15.66
N LEU A 182 -9.02 4.18 14.41
CA LEU A 182 -10.27 4.85 14.12
C LEU A 182 -11.47 4.06 14.67
N LEU A 183 -11.52 2.76 14.35
CA LEU A 183 -12.61 1.89 14.81
C LEU A 183 -12.52 1.59 16.32
N GLY A 184 -11.31 1.27 16.77
CA GLY A 184 -11.08 0.94 18.17
C GLY A 184 -10.18 -0.28 18.34
N ARG A 185 -10.21 -1.18 17.36
CA ARG A 185 -9.39 -2.40 17.39
C ARG A 185 -9.53 -3.19 16.08
N GLU A 186 -8.40 -3.65 15.53
CA GLU A 186 -8.39 -4.42 14.29
C GLU A 186 -7.37 -5.58 14.36
N MET A 1 -16.00 15.68 5.37
CA MET A 1 -16.15 17.12 5.00
C MET A 1 -15.35 18.01 5.96
N GLY A 2 -14.45 18.83 5.39
CA GLY A 2 -13.64 19.72 6.21
C GLY A 2 -12.40 19.04 6.77
N LYS A 3 -11.25 19.70 6.60
CA LYS A 3 -9.98 19.18 7.09
C LYS A 3 -10.07 18.75 8.56
N PHE A 4 -10.76 19.54 9.38
CA PHE A 4 -10.93 19.25 10.80
C PHE A 4 -11.51 17.83 11.00
N THR A 5 -12.50 17.48 10.18
CA THR A 5 -13.13 16.16 10.24
C THR A 5 -12.16 15.09 9.75
N GLN A 6 -11.46 15.40 8.66
CA GLN A 6 -10.49 14.47 8.08
C GLN A 6 -9.27 14.31 8.99
N ARG A 7 -8.61 15.43 9.31
CA ARG A 7 -7.43 15.41 10.17
C ARG A 7 -6.39 14.38 9.68
N LEU A 8 -5.57 13.87 10.61
CA LEU A 8 -4.54 12.89 10.27
C LEU A 8 -4.44 11.82 11.36
N SER A 9 -4.47 10.54 10.96
CA SER A 9 -4.38 9.42 11.91
C SER A 9 -5.49 9.52 12.98
N LEU A 10 -6.71 9.87 12.54
CA LEU A 10 -7.84 10.00 13.45
C LEU A 10 -9.15 10.21 12.70
N ARG A 11 -10.15 9.36 12.99
CA ARG A 11 -11.47 9.44 12.37
C ARG A 11 -11.43 9.15 10.85
N VAL A 12 -12.58 9.36 10.19
CA VAL A 12 -12.72 9.14 8.75
C VAL A 12 -12.68 7.64 8.40
N ARG A 13 -13.85 7.01 8.41
CA ARG A 13 -13.97 5.58 8.08
C ARG A 13 -14.49 5.38 6.66
N LEU A 14 -13.89 4.42 5.95
CA LEU A 14 -14.29 4.10 4.56
C LEU A 14 -13.67 5.10 3.57
N THR A 15 -13.84 6.39 3.85
CA THR A 15 -13.29 7.45 3.00
C THR A 15 -11.77 7.40 3.02
N LEU A 16 -11.19 7.35 4.22
CA LEU A 16 -9.74 7.26 4.37
C LEU A 16 -9.23 6.02 3.65
N ILE A 17 -9.95 4.90 3.81
CA ILE A 17 -9.61 3.65 3.16
C ILE A 17 -9.56 3.84 1.64
N PHE A 18 -10.57 4.52 1.10
CA PHE A 18 -10.63 4.81 -0.34
C PHE A 18 -9.46 5.71 -0.74
N LEU A 19 -9.26 6.78 0.02
CA LEU A 19 -8.16 7.73 -0.23
C LEU A 19 -6.82 7.00 -0.28
N ILE A 20 -6.51 6.27 0.78
CA ILE A 20 -5.25 5.51 0.85
C ILE A 20 -5.19 4.47 -0.27
N LEU A 21 -6.34 3.86 -0.60
CA LEU A 21 -6.40 2.86 -1.67
C LEU A 21 -5.87 3.47 -2.98
N ALA A 22 -6.36 4.67 -3.30
CA ALA A 22 -5.90 5.37 -4.49
C ALA A 22 -4.41 5.70 -4.38
N SER A 23 -4.02 6.24 -3.22
CA SER A 23 -2.63 6.57 -2.95
C SER A 23 -1.72 5.36 -3.14
N VAL A 24 -2.19 4.19 -2.69
CA VAL A 24 -1.45 2.94 -2.83
C VAL A 24 -1.31 2.60 -4.30
N THR A 25 -2.41 2.74 -5.03
CA THR A 25 -2.43 2.49 -6.48
C THR A 25 -1.43 3.42 -7.16
N TRP A 26 -1.41 4.68 -6.73
CA TRP A 26 -0.49 5.68 -7.28
C TRP A 26 0.96 5.31 -6.94
N LEU A 27 1.21 5.03 -5.66
CA LEU A 27 2.55 4.64 -5.19
C LEU A 27 3.04 3.41 -5.96
N LEU A 28 2.18 2.39 -6.02
CA LEU A 28 2.50 1.16 -6.74
C LEU A 28 2.83 1.49 -8.20
N SER A 29 2.01 2.36 -8.79
CA SER A 29 2.22 2.79 -10.18
C SER A 29 3.60 3.42 -10.34
N SER A 30 3.92 4.37 -9.44
CA SER A 30 5.23 5.02 -9.47
C SER A 30 6.33 3.98 -9.29
N PHE A 31 6.10 3.03 -8.36
CA PHE A 31 7.04 1.95 -8.11
C PHE A 31 7.26 1.13 -9.38
N VAL A 32 6.15 0.84 -10.07
CA VAL A 32 6.20 0.08 -11.32
C VAL A 32 7.13 0.77 -12.32
N ALA A 33 6.93 2.07 -12.49
CA ALA A 33 7.75 2.87 -13.39
C ALA A 33 9.17 3.04 -12.85
N TRP A 34 9.29 3.24 -11.53
CA TRP A 34 10.58 3.42 -10.88
C TRP A 34 11.45 2.15 -10.95
N LYS A 35 12.69 2.26 -10.48
CA LYS A 35 13.63 1.15 -10.47
C LYS A 35 14.42 1.12 -9.15
N GLN A 36 15.37 0.19 -9.03
CA GLN A 36 16.18 0.08 -7.81
C GLN A 36 17.19 1.23 -7.72
N THR A 37 18.05 1.36 -8.73
CA THR A 37 19.06 2.42 -8.76
C THR A 37 19.30 2.87 -10.20
N THR A 38 18.23 3.25 -10.88
CA THR A 38 18.30 3.70 -12.27
C THR A 38 18.52 5.21 -12.39
N ASP A 39 19.29 5.60 -13.39
CA ASP A 39 19.57 7.02 -13.64
C ASP A 39 18.76 7.53 -14.84
N ASN A 40 18.68 8.85 -14.98
CA ASN A 40 17.94 9.49 -16.08
C ASN A 40 18.08 11.02 -16.00
N TRP A 150 25.23 -0.80 -13.70
CA TRP A 150 24.71 -0.82 -12.33
C TRP A 150 23.28 -1.36 -12.28
N GLU A 151 22.47 -0.96 -13.25
CA GLU A 151 21.08 -1.42 -13.32
C GLU A 151 20.99 -2.75 -14.09
N TYR A 152 21.78 -3.73 -13.67
CA TYR A 152 21.79 -5.04 -14.31
C TYR A 152 21.43 -6.15 -13.31
N ARG A 153 20.60 -7.10 -13.75
CA ARG A 153 20.16 -8.20 -12.89
C ARG A 153 19.08 -9.06 -13.57
N GLU A 154 19.46 -9.74 -14.66
CA GLU A 154 18.51 -10.58 -15.40
C GLU A 154 17.23 -9.81 -15.73
N ASP A 155 17.39 -8.65 -16.38
CA ASP A 155 16.26 -7.80 -16.75
C ASP A 155 15.41 -7.44 -15.51
N MET A 156 14.09 -7.31 -15.70
CA MET A 156 13.19 -6.98 -14.59
C MET A 156 12.10 -8.05 -14.45
N ALA A 157 12.50 -9.33 -14.62
CA ALA A 157 11.56 -10.46 -14.52
C ALA A 157 10.70 -10.38 -13.26
N LEU A 158 11.35 -10.50 -12.08
CA LEU A 158 10.63 -10.44 -10.81
C LEU A 158 10.88 -9.11 -10.10
N ALA A 159 10.52 -8.01 -10.76
CA ALA A 159 10.71 -6.67 -10.18
C ALA A 159 9.38 -6.11 -9.68
N ILE A 160 8.35 -6.14 -10.53
CA ILE A 160 7.03 -5.64 -10.18
C ILE A 160 6.52 -6.27 -8.87
N VAL A 161 6.77 -7.57 -8.70
CA VAL A 161 6.35 -8.27 -7.49
C VAL A 161 6.98 -7.64 -6.24
N ALA A 162 8.30 -7.43 -6.28
CA ALA A 162 9.01 -6.81 -5.17
C ALA A 162 8.56 -5.36 -4.98
N GLY A 163 8.57 -4.59 -6.08
CA GLY A 163 8.15 -3.21 -6.04
C GLY A 163 6.74 -3.06 -5.48
N GLN A 164 5.84 -3.92 -5.93
CA GLN A 164 4.46 -3.92 -5.46
C GLN A 164 4.36 -4.41 -4.01
N LEU A 165 5.10 -5.47 -3.71
CA LEU A 165 5.10 -6.07 -2.37
C LEU A 165 5.62 -5.10 -1.32
N ILE A 166 6.71 -4.38 -1.62
CA ILE A 166 7.30 -3.42 -0.68
C ILE A 166 6.22 -2.60 0.05
N PRO A 167 5.46 -1.78 -0.69
CA PRO A 167 4.38 -0.96 -0.09
C PRO A 167 3.27 -1.81 0.51
N TRP A 168 3.01 -2.98 -0.09
CA TRP A 168 1.98 -3.89 0.41
C TRP A 168 2.30 -4.36 1.83
N LEU A 169 3.53 -4.86 2.02
CA LEU A 169 3.99 -5.34 3.33
C LEU A 169 3.79 -4.25 4.38
N VAL A 170 4.20 -3.02 4.06
CA VAL A 170 4.03 -1.91 4.99
C VAL A 170 2.55 -1.51 5.12
N ALA A 171 1.82 -1.62 4.01
CA ALA A 171 0.40 -1.29 3.98
C ALA A 171 -0.41 -2.21 4.91
N LEU A 172 -0.16 -3.52 4.84
CA LEU A 172 -0.88 -4.49 5.68
C LEU A 172 -1.15 -3.95 7.08
N PRO A 173 -0.10 -3.69 7.88
CA PRO A 173 -0.26 -3.14 9.23
C PRO A 173 -0.93 -1.76 9.20
N ILE A 174 -0.53 -0.93 8.23
CA ILE A 174 -1.12 0.41 8.08
C ILE A 174 -2.65 0.34 8.04
N MET A 175 -3.18 -0.59 7.24
CA MET A 175 -4.63 -0.77 7.12
C MET A 175 -5.24 -1.11 8.48
N LEU A 176 -4.65 -2.09 9.16
CA LEU A 176 -5.13 -2.49 10.48
C LEU A 176 -5.07 -1.28 11.42
N ILE A 177 -3.96 -0.55 11.37
CA ILE A 177 -3.77 0.64 12.19
C ILE A 177 -4.86 1.68 11.89
N ILE A 178 -5.07 1.97 10.61
CA ILE A 178 -6.08 2.94 10.19
C ILE A 178 -7.46 2.59 10.77
N MET A 179 -7.85 1.32 10.64
CA MET A 179 -9.14 0.87 11.16
C MET A 179 -9.13 0.84 12.69
N MET A 180 -8.02 0.40 13.28
CA MET A 180 -7.88 0.34 14.74
C MET A 180 -7.98 1.73 15.37
N VAL A 181 -7.20 2.69 14.84
CA VAL A 181 -7.23 4.07 15.34
C VAL A 181 -8.63 4.63 15.20
N LEU A 182 -9.28 4.32 14.06
CA LEU A 182 -10.64 4.76 13.80
C LEU A 182 -11.56 4.33 14.94
N LEU A 183 -11.36 3.11 15.43
CA LEU A 183 -12.15 2.57 16.54
C LEU A 183 -11.79 3.27 17.86
N GLY A 184 -10.48 3.40 18.10
CA GLY A 184 -10.01 4.04 19.33
C GLY A 184 -8.50 4.26 19.33
N ARG A 185 -7.76 3.24 18.93
CA ARG A 185 -6.30 3.31 18.88
C ARG A 185 -5.75 2.26 17.90
N GLU A 186 -4.87 2.71 17.00
CA GLU A 186 -4.28 1.83 16.00
C GLU A 186 -3.28 0.85 16.63
N MET A 1 -23.56 -2.21 2.45
CA MET A 1 -23.88 -2.95 1.20
C MET A 1 -23.65 -4.46 1.36
N GLY A 2 -22.37 -4.85 1.49
CA GLY A 2 -22.03 -6.25 1.67
C GLY A 2 -20.59 -6.44 2.09
N LYS A 3 -19.71 -6.73 1.13
CA LYS A 3 -18.29 -6.92 1.43
C LYS A 3 -17.42 -6.67 0.18
N PHE A 4 -17.77 -7.33 -0.93
CA PHE A 4 -17.03 -7.17 -2.18
C PHE A 4 -17.03 -5.72 -2.65
N THR A 5 -18.22 -5.11 -2.71
CA THR A 5 -18.34 -3.71 -3.14
C THR A 5 -17.50 -2.79 -2.28
N GLN A 6 -17.46 -3.05 -0.97
CA GLN A 6 -16.68 -2.25 -0.04
C GLN A 6 -15.18 -2.47 -0.24
N ARG A 7 -14.75 -3.74 -0.16
CA ARG A 7 -13.33 -4.10 -0.34
C ARG A 7 -13.07 -5.54 0.11
N LEU A 8 -13.03 -5.76 1.42
CA LEU A 8 -12.79 -7.09 1.99
C LEU A 8 -12.80 -7.04 3.52
N SER A 9 -11.76 -6.41 4.10
CA SER A 9 -11.65 -6.30 5.56
C SER A 9 -11.78 -4.85 6.02
N LEU A 10 -13.03 -4.43 6.25
CA LEU A 10 -13.31 -3.07 6.73
C LEU A 10 -14.52 -3.09 7.66
N ARG A 11 -14.36 -2.50 8.85
CA ARG A 11 -15.44 -2.48 9.85
C ARG A 11 -16.20 -1.15 9.88
N VAL A 12 -15.60 -0.13 10.48
CA VAL A 12 -16.24 1.19 10.60
C VAL A 12 -15.50 2.29 9.83
N ARG A 13 -14.97 1.94 8.65
CA ARG A 13 -14.25 2.93 7.84
C ARG A 13 -14.20 2.50 6.36
N LEU A 14 -14.53 3.42 5.47
CA LEU A 14 -14.53 3.14 4.03
C LEU A 14 -13.90 4.29 3.23
N THR A 15 -14.37 5.52 3.50
CA THR A 15 -13.87 6.71 2.81
C THR A 15 -12.34 6.77 2.82
N LEU A 16 -11.76 6.62 4.01
CA LEU A 16 -10.31 6.65 4.16
C LEU A 16 -9.66 5.45 3.48
N ILE A 17 -10.28 4.28 3.61
CA ILE A 17 -9.77 3.06 2.99
C ILE A 17 -9.72 3.22 1.47
N PHE A 18 -10.83 3.66 0.88
CA PHE A 18 -10.90 3.87 -0.57
C PHE A 18 -9.89 4.94 -1.01
N LEU A 19 -9.90 6.08 -0.32
CA LEU A 19 -8.98 7.17 -0.62
C LEU A 19 -7.53 6.69 -0.54
N ILE A 20 -7.17 6.10 0.61
CA ILE A 20 -5.84 5.56 0.81
C ILE A 20 -5.50 4.53 -0.26
N LEU A 21 -6.46 3.64 -0.55
CA LEU A 21 -6.28 2.61 -1.56
C LEU A 21 -5.79 3.23 -2.88
N ALA A 22 -6.55 4.20 -3.39
CA ALA A 22 -6.18 4.89 -4.64
C ALA A 22 -4.79 5.50 -4.53
N SER A 23 -4.56 6.25 -3.45
CA SER A 23 -3.25 6.90 -3.22
C SER A 23 -2.13 5.86 -3.24
N VAL A 24 -2.31 4.78 -2.49
CA VAL A 24 -1.33 3.69 -2.43
C VAL A 24 -1.12 3.09 -3.83
N THR A 25 -2.21 2.77 -4.51
CA THR A 25 -2.15 2.22 -5.87
C THR A 25 -1.33 3.14 -6.77
N TRP A 26 -1.68 4.43 -6.75
CA TRP A 26 -0.98 5.43 -7.54
C TRP A 26 0.50 5.49 -7.15
N LEU A 27 0.76 5.57 -5.84
CA LEU A 27 2.12 5.61 -5.32
C LEU A 27 2.91 4.39 -5.81
N LEU A 28 2.27 3.22 -5.73
CA LEU A 28 2.90 1.98 -6.19
C LEU A 28 3.26 2.10 -7.67
N SER A 29 2.29 2.53 -8.49
CA SER A 29 2.51 2.73 -9.92
C SER A 29 3.70 3.67 -10.15
N SER A 30 3.66 4.81 -9.45
CA SER A 30 4.76 5.80 -9.54
C SER A 30 6.08 5.16 -9.17
N PHE A 31 6.08 4.38 -8.08
CA PHE A 31 7.27 3.69 -7.61
C PHE A 31 7.87 2.82 -8.72
N VAL A 32 7.02 2.07 -9.40
CA VAL A 32 7.46 1.19 -10.50
C VAL A 32 7.94 2.03 -11.70
N ALA A 33 7.19 3.08 -12.02
CA ALA A 33 7.52 3.96 -13.15
C ALA A 33 8.77 4.82 -12.89
N TRP A 34 8.92 5.30 -11.66
CA TRP A 34 10.05 6.17 -11.29
C TRP A 34 11.41 5.64 -11.72
N LYS A 35 12.17 6.50 -12.42
CA LYS A 35 13.52 6.23 -12.92
C LYS A 35 13.83 4.72 -13.03
N GLN A 36 13.12 4.03 -13.91
CA GLN A 36 13.34 2.60 -14.14
C GLN A 36 14.04 2.36 -15.48
N THR A 37 15.20 1.73 -15.45
CA THR A 37 15.97 1.46 -16.67
C THR A 37 17.20 0.57 -16.39
N THR A 38 17.98 0.93 -15.37
CA THR A 38 19.19 0.17 -15.00
C THR A 38 19.44 0.27 -13.50
N ASP A 39 20.20 -0.69 -12.96
CA ASP A 39 20.53 -0.68 -11.55
C ASP A 39 21.72 0.25 -11.27
N ASN A 40 21.74 0.85 -10.07
CA ASN A 40 22.82 1.76 -9.69
C ASN A 40 22.76 2.13 -8.21
N TRP A 150 0.49 1.57 -14.96
CA TRP A 150 -0.77 1.49 -14.21
C TRP A 150 -1.81 0.70 -15.01
N GLU A 151 -2.04 1.14 -16.26
CA GLU A 151 -2.99 0.48 -17.15
C GLU A 151 -2.39 -0.83 -17.69
N TYR A 152 -1.25 -0.74 -18.37
CA TYR A 152 -0.60 -1.93 -18.93
C TYR A 152 0.20 -2.68 -17.85
N ARG A 153 0.27 -4.01 -18.01
CA ARG A 153 1.00 -4.86 -17.06
C ARG A 153 2.35 -5.30 -17.62
N GLU A 154 3.31 -5.53 -16.72
CA GLU A 154 4.65 -5.97 -17.11
C GLU A 154 5.38 -6.55 -15.89
N ASP A 155 6.32 -7.47 -16.14
CA ASP A 155 7.07 -8.10 -15.05
C ASP A 155 8.42 -8.63 -15.52
N MET A 156 9.41 -8.58 -14.63
CA MET A 156 10.76 -9.05 -14.91
C MET A 156 10.97 -10.46 -14.34
N ALA A 157 10.10 -11.40 -14.72
CA ALA A 157 10.19 -12.77 -14.23
C ALA A 157 10.10 -12.83 -12.71
N LEU A 158 8.96 -12.37 -12.18
CA LEU A 158 8.72 -12.34 -10.74
C LEU A 158 9.60 -11.28 -10.07
N ALA A 159 9.43 -10.02 -10.50
CA ALA A 159 10.21 -8.91 -9.95
C ALA A 159 9.30 -7.76 -9.50
N ILE A 160 8.40 -7.32 -10.39
CA ILE A 160 7.48 -6.23 -10.06
C ILE A 160 6.60 -6.63 -8.87
N VAL A 161 6.14 -7.88 -8.87
CA VAL A 161 5.30 -8.40 -7.80
C VAL A 161 6.02 -8.30 -6.45
N ALA A 162 7.31 -8.66 -6.44
CA ALA A 162 8.12 -8.59 -5.23
C ALA A 162 8.40 -7.14 -4.84
N GLY A 163 8.85 -6.35 -5.82
CA GLY A 163 9.12 -4.93 -5.58
C GLY A 163 7.91 -4.22 -5.02
N GLN A 164 6.75 -4.47 -5.62
CA GLN A 164 5.49 -3.90 -5.17
C GLN A 164 5.07 -4.50 -3.83
N LEU A 165 5.29 -5.82 -3.68
CA LEU A 165 4.94 -6.50 -2.44
C LEU A 165 5.58 -5.81 -1.24
N ILE A 166 6.87 -5.44 -1.37
CA ILE A 166 7.58 -4.76 -0.29
C ILE A 166 6.74 -3.65 0.36
N PRO A 167 6.42 -2.57 -0.38
CA PRO A 167 5.59 -1.47 0.14
C PRO A 167 4.21 -1.96 0.60
N TRP A 168 3.70 -2.99 -0.08
CA TRP A 168 2.41 -3.58 0.27
C TRP A 168 2.47 -4.15 1.69
N LEU A 169 3.57 -4.85 1.98
CA LEU A 169 3.80 -5.45 3.30
C LEU A 169 3.79 -4.41 4.41
N VAL A 170 4.37 -3.23 4.14
CA VAL A 170 4.40 -2.15 5.13
C VAL A 170 3.10 -1.34 5.12
N ALA A 171 2.46 -1.24 3.95
CA ALA A 171 1.21 -0.51 3.82
C ALA A 171 0.07 -1.20 4.56
N LEU A 172 -0.08 -2.51 4.34
CA LEU A 172 -1.13 -3.30 4.99
C LEU A 172 -1.25 -2.95 6.47
N PRO A 173 -0.16 -3.10 7.27
CA PRO A 173 -0.17 -2.75 8.68
C PRO A 173 -0.58 -1.30 8.90
N ILE A 174 -0.01 -0.38 8.10
CA ILE A 174 -0.37 1.04 8.19
C ILE A 174 -1.88 1.19 8.12
N MET A 175 -2.48 0.56 7.11
CA MET A 175 -3.93 0.59 6.91
C MET A 175 -4.64 0.01 8.13
N LEU A 176 -4.18 -1.17 8.58
CA LEU A 176 -4.75 -1.83 9.76
C LEU A 176 -4.67 -0.90 10.98
N ILE A 177 -3.54 -0.21 11.13
CA ILE A 177 -3.34 0.71 12.24
C ILE A 177 -4.37 1.84 12.16
N ILE A 178 -4.52 2.42 10.97
CA ILE A 178 -5.51 3.48 10.76
C ILE A 178 -6.89 3.01 11.20
N MET A 179 -7.25 1.79 10.79
CA MET A 179 -8.54 1.21 11.16
C MET A 179 -8.60 1.00 12.68
N MET A 180 -7.56 0.37 13.23
CA MET A 180 -7.49 0.11 14.66
C MET A 180 -7.64 1.39 15.48
N VAL A 181 -6.88 2.42 15.14
CA VAL A 181 -6.96 3.69 15.85
C VAL A 181 -8.33 4.36 15.69
N LEU A 182 -8.87 4.32 14.47
CA LEU A 182 -10.18 4.92 14.20
C LEU A 182 -11.31 4.11 14.84
N LEU A 183 -11.31 2.79 14.59
CA LEU A 183 -12.32 1.89 15.14
C LEU A 183 -12.17 1.70 16.64
N GLY A 184 -10.93 1.40 17.06
CA GLY A 184 -10.64 1.17 18.47
C GLY A 184 -9.63 0.06 18.69
N ARG A 185 -9.70 -0.98 17.86
CA ARG A 185 -8.78 -2.12 17.94
C ARG A 185 -9.01 -3.11 16.80
N GLU A 186 -7.92 -3.48 16.12
CA GLU A 186 -8.00 -4.43 15.01
C GLU A 186 -7.18 -5.69 15.32
N MET A 1 -18.67 -0.03 24.88
CA MET A 1 -19.08 -1.10 23.92
C MET A 1 -17.89 -1.90 23.38
N GLY A 2 -16.82 -1.20 22.96
CA GLY A 2 -15.64 -1.87 22.43
C GLY A 2 -15.95 -2.80 21.27
N LYS A 3 -16.52 -2.24 20.20
CA LYS A 3 -16.87 -3.02 19.01
C LYS A 3 -16.26 -2.42 17.73
N PHE A 4 -16.48 -1.12 17.52
CA PHE A 4 -15.95 -0.43 16.34
C PHE A 4 -14.43 -0.27 16.42
N THR A 5 -13.94 0.07 17.62
CA THR A 5 -12.51 0.27 17.85
C THR A 5 -11.75 -1.06 17.81
N GLN A 6 -12.27 -2.07 18.51
CA GLN A 6 -11.64 -3.39 18.56
C GLN A 6 -11.36 -3.94 17.15
N ARG A 7 -10.23 -4.63 17.00
CA ARG A 7 -9.84 -5.22 15.71
C ARG A 7 -9.89 -4.18 14.59
N LEU A 8 -9.16 -3.08 14.77
CA LEU A 8 -9.12 -2.00 13.79
C LEU A 8 -8.35 -2.38 12.51
N SER A 9 -8.93 -3.27 11.71
CA SER A 9 -8.31 -3.71 10.46
C SER A 9 -9.35 -3.82 9.34
N LEU A 10 -9.62 -2.69 8.68
CA LEU A 10 -10.61 -2.64 7.59
C LEU A 10 -12.03 -2.91 8.09
N ARG A 11 -13.01 -2.78 7.20
CA ARG A 11 -14.42 -3.01 7.55
C ARG A 11 -14.87 -2.11 8.72
N VAL A 12 -14.50 -0.84 8.66
CA VAL A 12 -14.86 0.12 9.72
C VAL A 12 -15.26 1.47 9.12
N ARG A 13 -14.40 2.04 8.29
CA ARG A 13 -14.65 3.34 7.67
C ARG A 13 -14.38 3.30 6.16
N LEU A 14 -15.45 3.31 5.36
CA LEU A 14 -15.34 3.28 3.90
C LEU A 14 -14.40 4.40 3.40
N THR A 15 -14.55 5.59 3.96
CA THR A 15 -13.71 6.74 3.59
C THR A 15 -12.23 6.37 3.64
N LEU A 16 -11.81 5.78 4.76
CA LEU A 16 -10.44 5.36 4.95
C LEU A 16 -10.05 4.30 3.92
N ILE A 17 -10.93 3.31 3.74
CA ILE A 17 -10.70 2.24 2.76
C ILE A 17 -10.52 2.84 1.37
N PHE A 18 -11.43 3.74 0.98
CA PHE A 18 -11.37 4.40 -0.32
C PHE A 18 -10.09 5.25 -0.43
N LEU A 19 -9.84 6.07 0.58
CA LEU A 19 -8.65 6.93 0.61
C LEU A 19 -7.38 6.09 0.45
N ILE A 20 -7.21 5.10 1.33
CA ILE A 20 -6.04 4.22 1.26
C ILE A 20 -5.94 3.54 -0.10
N LEU A 21 -7.10 3.17 -0.66
CA LEU A 21 -7.14 2.53 -1.98
C LEU A 21 -6.51 3.43 -3.05
N ALA A 22 -6.93 4.71 -3.06
CA ALA A 22 -6.39 5.68 -4.01
C ALA A 22 -4.92 5.96 -3.71
N SER A 23 -4.61 6.26 -2.45
CA SER A 23 -3.25 6.55 -2.02
C SER A 23 -2.31 5.40 -2.38
N VAL A 24 -2.72 4.17 -2.06
CA VAL A 24 -1.94 2.98 -2.35
C VAL A 24 -1.77 2.81 -3.86
N THR A 25 -2.85 3.02 -4.61
CA THR A 25 -2.80 2.92 -6.07
C THR A 25 -1.68 3.81 -6.61
N TRP A 26 -1.66 5.06 -6.14
CA TRP A 26 -0.64 6.02 -6.56
C TRP A 26 0.73 5.61 -6.02
N LEU A 27 0.79 5.24 -4.74
CA LEU A 27 2.05 4.82 -4.12
C LEU A 27 2.68 3.65 -4.87
N LEU A 28 1.88 2.62 -5.13
CA LEU A 28 2.34 1.44 -5.87
C LEU A 28 2.85 1.85 -7.25
N SER A 29 2.03 2.61 -7.97
CA SER A 29 2.38 3.10 -9.30
C SER A 29 3.71 3.86 -9.25
N SER A 30 3.81 4.81 -8.32
CA SER A 30 5.02 5.61 -8.15
C SER A 30 6.20 4.70 -7.80
N PHE A 31 5.98 3.77 -6.87
CA PHE A 31 7.00 2.81 -6.45
C PHE A 31 7.52 2.05 -7.67
N VAL A 32 6.61 1.69 -8.58
CA VAL A 32 6.96 0.98 -9.80
C VAL A 32 7.76 1.88 -10.74
N ALA A 33 7.31 3.11 -10.91
CA ALA A 33 7.98 4.09 -11.79
C ALA A 33 9.31 4.55 -11.18
N TRP A 34 9.32 4.86 -9.89
CA TRP A 34 10.52 5.31 -9.19
C TRP A 34 11.51 4.16 -9.01
N LYS A 35 12.70 4.46 -8.48
CA LYS A 35 13.75 3.46 -8.24
C LYS A 35 14.20 2.78 -9.55
N GLN A 36 15.52 2.72 -9.75
CA GLN A 36 16.12 2.09 -10.94
C GLN A 36 15.43 2.52 -12.24
N THR A 37 15.13 3.82 -12.34
CA THR A 37 14.47 4.35 -13.54
C THR A 37 15.50 4.80 -14.58
N THR A 38 15.07 5.59 -15.57
CA THR A 38 15.97 6.05 -16.62
C THR A 38 15.30 7.07 -17.55
N ASP A 39 16.07 7.58 -18.52
CA ASP A 39 15.56 8.57 -19.47
C ASP A 39 15.48 7.97 -20.88
N ASN A 40 14.29 7.49 -21.25
CA ASN A 40 14.08 6.90 -22.58
C ASN A 40 13.20 7.77 -23.46
N TRP A 150 17.28 -16.10 -11.90
CA TRP A 150 16.47 -15.52 -12.98
C TRP A 150 17.35 -14.78 -13.98
N GLU A 151 17.26 -15.17 -15.25
CA GLU A 151 18.03 -14.54 -16.33
C GLU A 151 17.16 -13.59 -17.15
N TYR A 152 17.68 -12.38 -17.41
CA TYR A 152 16.92 -11.38 -18.17
C TYR A 152 17.64 -10.97 -19.46
N ARG A 153 16.86 -10.51 -20.45
CA ARG A 153 17.38 -10.06 -21.74
C ARG A 153 16.52 -8.93 -22.31
N GLU A 154 15.24 -9.24 -22.55
CA GLU A 154 14.29 -8.25 -23.07
C GLU A 154 13.34 -7.82 -21.97
N ASP A 155 12.51 -8.75 -21.50
CA ASP A 155 11.55 -8.48 -20.43
C ASP A 155 12.14 -8.88 -19.07
N MET A 156 11.36 -8.70 -18.01
CA MET A 156 11.79 -9.05 -16.66
C MET A 156 11.05 -10.28 -16.13
N ALA A 157 9.71 -10.26 -16.24
CA ALA A 157 8.88 -11.37 -15.76
C ALA A 157 8.91 -11.43 -14.23
N LEU A 158 10.09 -11.65 -13.66
CA LEU A 158 10.28 -11.68 -12.22
C LEU A 158 10.60 -10.28 -11.71
N ALA A 159 10.89 -10.15 -10.41
CA ALA A 159 11.21 -8.85 -9.81
C ALA A 159 9.94 -8.03 -9.55
N ILE A 160 9.06 -7.94 -10.56
CA ILE A 160 7.81 -7.20 -10.43
C ILE A 160 7.06 -7.63 -9.17
N VAL A 161 7.02 -8.95 -8.91
CA VAL A 161 6.37 -9.48 -7.71
C VAL A 161 7.01 -8.91 -6.46
N ALA A 162 8.34 -8.86 -6.42
CA ALA A 162 9.06 -8.31 -5.28
C ALA A 162 8.78 -6.80 -5.16
N GLY A 163 8.94 -6.08 -6.27
CA GLY A 163 8.68 -4.66 -6.28
C GLY A 163 7.26 -4.33 -5.85
N GLN A 164 6.30 -5.11 -6.35
CA GLN A 164 4.89 -4.94 -6.00
C GLN A 164 4.62 -5.34 -4.54
N LEU A 165 5.25 -6.43 -4.11
CA LEU A 165 5.09 -6.93 -2.75
C LEU A 165 5.53 -5.88 -1.72
N ILE A 166 6.65 -5.20 -2.00
CA ILE A 166 7.18 -4.18 -1.09
C ILE A 166 6.08 -3.22 -0.60
N PRO A 167 5.45 -2.43 -1.50
CA PRO A 167 4.38 -1.51 -1.13
C PRO A 167 3.19 -2.23 -0.49
N TRP A 168 2.96 -3.48 -0.89
CA TRP A 168 1.87 -4.28 -0.33
C TRP A 168 2.11 -4.56 1.15
N LEU A 169 3.26 -5.17 1.46
CA LEU A 169 3.63 -5.49 2.83
C LEU A 169 3.64 -4.21 3.68
N VAL A 170 4.26 -3.15 3.15
CA VAL A 170 4.32 -1.86 3.85
C VAL A 170 2.91 -1.26 3.98
N ALA A 171 2.05 -1.55 3.00
CA ALA A 171 0.69 -1.04 2.99
C ALA A 171 -0.14 -1.64 4.13
N LEU A 172 -0.02 -2.96 4.34
CA LEU A 172 -0.76 -3.65 5.41
C LEU A 172 -0.86 -2.76 6.68
N PRO A 173 0.29 -2.41 7.31
CA PRO A 173 0.29 -1.55 8.49
C PRO A 173 -0.21 -0.14 8.16
N ILE A 174 0.21 0.37 7.00
CA ILE A 174 -0.21 1.70 6.54
C ILE A 174 -1.74 1.83 6.60
N MET A 175 -2.45 0.76 6.24
CA MET A 175 -3.91 0.75 6.29
C MET A 175 -4.39 0.83 7.74
N LEU A 176 -3.83 -0.03 8.60
CA LEU A 176 -4.17 -0.04 10.02
C LEU A 176 -3.94 1.35 10.64
N ILE A 177 -2.76 1.91 10.41
CA ILE A 177 -2.42 3.23 10.94
C ILE A 177 -3.28 4.31 10.27
N ILE A 178 -3.47 4.21 8.95
CA ILE A 178 -4.30 5.18 8.22
C ILE A 178 -5.68 5.25 8.87
N MET A 179 -6.29 4.09 9.09
CA MET A 179 -7.60 4.02 9.75
C MET A 179 -7.48 4.61 11.16
N MET A 180 -6.37 4.28 11.83
CA MET A 180 -6.09 4.77 13.17
C MET A 180 -6.16 6.31 13.23
N VAL A 181 -5.66 6.97 12.17
CA VAL A 181 -5.67 8.45 12.11
C VAL A 181 -7.04 9.01 12.46
N LEU A 182 -8.10 8.36 11.97
CA LEU A 182 -9.47 8.79 12.26
C LEU A 182 -9.83 8.51 13.72
N LEU A 183 -9.37 7.36 14.22
CA LEU A 183 -9.63 6.98 15.61
C LEU A 183 -8.82 7.85 16.58
N GLY A 184 -7.54 8.03 16.27
CA GLY A 184 -6.67 8.83 17.13
C GLY A 184 -5.31 8.20 17.34
N ARG A 185 -4.51 8.15 16.27
CA ARG A 185 -3.18 7.56 16.33
C ARG A 185 -2.25 8.17 15.28
N GLU A 186 -2.41 7.74 14.02
CA GLU A 186 -1.59 8.24 12.91
C GLU A 186 -1.52 9.77 12.92
N MET A 1 -11.38 -12.52 23.68
CA MET A 1 -10.55 -11.60 24.50
C MET A 1 -9.23 -11.28 23.81
N GLY A 2 -8.58 -10.17 24.21
CA GLY A 2 -7.31 -9.78 23.61
C GLY A 2 -7.49 -8.89 22.39
N LYS A 3 -8.14 -7.75 22.58
CA LYS A 3 -8.39 -6.80 21.48
C LYS A 3 -7.08 -6.44 20.76
N PHE A 4 -6.06 -6.06 21.52
CA PHE A 4 -4.76 -5.69 20.95
C PHE A 4 -4.04 -6.93 20.39
N THR A 5 -4.08 -8.03 21.14
CA THR A 5 -3.44 -9.28 20.74
C THR A 5 -4.04 -9.83 19.44
N GLN A 6 -5.36 -9.76 19.33
CA GLN A 6 -6.06 -10.27 18.15
C GLN A 6 -5.69 -9.45 16.89
N ARG A 7 -4.73 -9.95 16.13
CA ARG A 7 -4.28 -9.28 14.91
C ARG A 7 -5.31 -9.39 13.79
N LEU A 8 -6.40 -8.65 13.91
CA LEU A 8 -7.47 -8.66 12.91
C LEU A 8 -7.77 -7.25 12.39
N SER A 9 -8.03 -7.15 11.09
CA SER A 9 -8.34 -5.86 10.45
C SER A 9 -9.76 -5.40 10.79
N LEU A 10 -10.66 -6.36 11.01
CA LEU A 10 -12.06 -6.07 11.36
C LEU A 10 -12.78 -5.36 10.20
N ARG A 11 -14.04 -4.99 10.43
CA ARG A 11 -14.83 -4.30 9.42
C ARG A 11 -14.82 -2.79 9.66
N VAL A 12 -15.83 -2.08 9.14
CA VAL A 12 -15.93 -0.63 9.31
C VAL A 12 -14.81 0.11 8.58
N ARG A 13 -15.12 0.63 7.39
CA ARG A 13 -14.15 1.37 6.57
C ARG A 13 -14.73 1.74 5.20
N LEU A 14 -14.29 2.87 4.68
CA LEU A 14 -14.74 3.34 3.36
C LEU A 14 -13.91 4.53 2.87
N THR A 15 -13.77 5.54 3.72
CA THR A 15 -12.99 6.73 3.37
C THR A 15 -11.50 6.42 3.35
N LEU A 16 -11.02 5.80 4.42
CA LEU A 16 -9.61 5.45 4.53
C LEU A 16 -9.22 4.38 3.50
N ILE A 17 -10.03 3.33 3.40
CA ILE A 17 -9.75 2.25 2.45
C ILE A 17 -9.70 2.76 1.01
N PHE A 18 -10.64 3.64 0.65
CA PHE A 18 -10.68 4.20 -0.71
C PHE A 18 -9.46 5.10 -0.96
N LEU A 19 -9.21 6.04 -0.04
CA LEU A 19 -8.08 6.94 -0.15
C LEU A 19 -6.76 6.16 -0.17
N ILE A 20 -6.62 5.23 0.78
CA ILE A 20 -5.40 4.41 0.86
C ILE A 20 -5.22 3.59 -0.41
N LEU A 21 -6.31 3.07 -0.97
CA LEU A 21 -6.24 2.28 -2.20
C LEU A 21 -5.70 3.14 -3.35
N ALA A 22 -6.24 4.34 -3.50
CA ALA A 22 -5.79 5.26 -4.56
C ALA A 22 -4.34 5.67 -4.32
N SER A 23 -4.03 6.11 -3.10
CA SER A 23 -2.67 6.52 -2.75
C SER A 23 -1.69 5.37 -2.96
N VAL A 24 -2.06 4.19 -2.48
CA VAL A 24 -1.23 2.99 -2.62
C VAL A 24 -1.03 2.66 -4.10
N THR A 25 -2.12 2.69 -4.86
CA THR A 25 -2.04 2.41 -6.30
C THR A 25 -1.03 3.33 -6.96
N TRP A 26 -1.14 4.63 -6.68
CA TRP A 26 -0.21 5.62 -7.22
C TRP A 26 1.21 5.35 -6.72
N LEU A 27 1.34 5.14 -5.41
CA LEU A 27 2.63 4.84 -4.79
C LEU A 27 3.29 3.64 -5.48
N LEU A 28 2.50 2.58 -5.68
CA LEU A 28 2.99 1.38 -6.35
C LEU A 28 3.50 1.72 -7.74
N SER A 29 2.67 2.45 -8.51
CA SER A 29 3.04 2.88 -9.85
C SER A 29 4.35 3.67 -9.80
N SER A 30 4.45 4.59 -8.85
CA SER A 30 5.66 5.39 -8.67
C SER A 30 6.85 4.49 -8.37
N PHE A 31 6.68 3.58 -7.39
CA PHE A 31 7.73 2.63 -7.02
C PHE A 31 8.17 1.82 -8.24
N VAL A 32 7.19 1.32 -8.99
CA VAL A 32 7.46 0.54 -10.20
C VAL A 32 8.21 1.40 -11.22
N ALA A 33 7.79 2.66 -11.35
CA ALA A 33 8.44 3.59 -12.27
C ALA A 33 9.88 3.88 -11.83
N TRP A 34 10.04 4.22 -10.55
CA TRP A 34 11.37 4.51 -9.99
C TRP A 34 12.34 3.36 -10.25
N LYS A 35 11.92 2.13 -9.92
CA LYS A 35 12.73 0.93 -10.13
C LYS A 35 14.22 1.15 -9.80
N GLN A 36 14.57 1.09 -8.52
CA GLN A 36 15.96 1.28 -8.10
C GLN A 36 16.51 0.00 -7.46
N THR A 37 17.02 -0.91 -8.30
CA THR A 37 17.59 -2.18 -7.85
C THR A 37 19.12 -2.09 -7.74
N THR A 38 19.81 -3.23 -7.88
CA THR A 38 21.28 -3.26 -7.81
C THR A 38 21.81 -4.60 -8.36
N ASP A 39 21.85 -4.70 -9.69
CA ASP A 39 22.32 -5.93 -10.35
C ASP A 39 23.47 -5.64 -11.33
N ASN A 40 23.21 -4.77 -12.31
CA ASN A 40 24.23 -4.41 -13.31
C ASN A 40 24.04 -2.97 -13.78
N TRP A 150 19.93 -13.56 -2.36
CA TRP A 150 19.61 -14.27 -3.59
C TRP A 150 18.39 -13.66 -4.29
N GLU A 151 18.26 -12.34 -4.22
CA GLU A 151 17.16 -11.65 -4.87
C GLU A 151 17.35 -11.65 -6.38
N TYR A 152 16.27 -11.84 -7.13
CA TYR A 152 16.36 -11.87 -8.59
C TYR A 152 16.70 -10.49 -9.15
N ARG A 153 17.95 -10.08 -8.95
CA ARG A 153 18.45 -8.79 -9.40
C ARG A 153 18.94 -8.86 -10.85
N GLU A 154 18.17 -8.27 -11.77
CA GLU A 154 18.52 -8.26 -13.18
C GLU A 154 17.46 -7.54 -14.01
N ASP A 155 17.82 -6.36 -14.52
CA ASP A 155 16.93 -5.53 -15.34
C ASP A 155 15.64 -5.18 -14.58
N MET A 156 14.66 -6.09 -14.60
CA MET A 156 13.38 -5.85 -13.92
C MET A 156 12.53 -7.14 -13.87
N ALA A 157 13.16 -8.26 -13.57
CA ALA A 157 12.46 -9.55 -13.49
C ALA A 157 11.35 -9.51 -12.42
N LEU A 158 11.74 -9.30 -11.17
CA LEU A 158 10.78 -9.23 -10.07
C LEU A 158 10.17 -7.82 -9.99
N ALA A 159 9.53 -7.40 -11.07
CA ALA A 159 8.91 -6.07 -11.11
C ALA A 159 7.51 -6.09 -10.49
N ILE A 160 6.68 -7.03 -10.92
CA ILE A 160 5.32 -7.16 -10.41
C ILE A 160 5.33 -7.66 -8.96
N VAL A 161 6.07 -8.74 -8.71
CA VAL A 161 6.16 -9.32 -7.36
C VAL A 161 6.73 -8.32 -6.36
N ALA A 162 7.88 -7.72 -6.69
CA ALA A 162 8.49 -6.74 -5.80
C ALA A 162 7.67 -5.45 -5.75
N GLY A 163 7.34 -4.92 -6.93
CA GLY A 163 6.54 -3.70 -7.01
C GLY A 163 5.26 -3.78 -6.19
N GLN A 164 4.50 -4.87 -6.38
CA GLN A 164 3.25 -5.07 -5.63
C GLN A 164 3.52 -5.38 -4.15
N LEU A 165 4.56 -6.18 -3.88
CA LEU A 165 4.89 -6.56 -2.50
C LEU A 165 5.12 -5.32 -1.62
N ILE A 166 5.89 -4.36 -2.12
CA ILE A 166 6.20 -3.13 -1.37
C ILE A 166 4.94 -2.54 -0.72
N PRO A 167 3.94 -2.11 -1.53
CA PRO A 167 2.69 -1.53 -1.00
C PRO A 167 1.96 -2.49 -0.05
N TRP A 168 2.12 -3.79 -0.27
CA TRP A 168 1.48 -4.80 0.61
C TRP A 168 2.14 -4.78 1.99
N LEU A 169 3.46 -4.94 2.01
CA LEU A 169 4.22 -4.90 3.26
C LEU A 169 3.94 -3.60 4.01
N VAL A 170 3.95 -2.48 3.28
CA VAL A 170 3.67 -1.17 3.85
C VAL A 170 2.18 -1.04 4.20
N ALA A 171 1.33 -1.80 3.50
CA ALA A 171 -0.11 -1.79 3.74
C ALA A 171 -0.45 -2.37 5.12
N LEU A 172 0.22 -3.47 5.49
CA LEU A 172 0.00 -4.10 6.80
C LEU A 172 -0.17 -3.04 7.91
N PRO A 173 0.88 -2.24 8.17
CA PRO A 173 0.81 -1.17 9.18
C PRO A 173 -0.23 -0.12 8.81
N ILE A 174 -0.32 0.18 7.50
CA ILE A 174 -1.31 1.13 6.99
C ILE A 174 -2.70 0.79 7.51
N MET A 175 -3.03 -0.50 7.48
CA MET A 175 -4.33 -0.98 7.96
C MET A 175 -4.47 -0.70 9.46
N LEU A 176 -3.40 -0.99 10.21
CA LEU A 176 -3.38 -0.76 11.65
C LEU A 176 -3.59 0.72 11.95
N ILE A 177 -2.81 1.59 11.29
CA ILE A 177 -2.93 3.03 11.50
C ILE A 177 -4.29 3.54 11.03
N ILE A 178 -4.74 3.06 9.87
CA ILE A 178 -6.05 3.46 9.32
C ILE A 178 -7.16 3.16 10.32
N MET A 179 -7.16 1.95 10.86
CA MET A 179 -8.17 1.55 11.85
C MET A 179 -7.93 2.28 13.17
N MET A 180 -6.66 2.40 13.57
CA MET A 180 -6.28 3.08 14.81
C MET A 180 -6.73 4.55 14.81
N VAL A 181 -6.51 5.25 13.69
CA VAL A 181 -6.90 6.66 13.58
C VAL A 181 -8.39 6.81 13.87
N LEU A 182 -9.18 5.85 13.39
CA LEU A 182 -10.62 5.84 13.64
C LEU A 182 -10.88 5.70 15.13
N LEU A 183 -10.07 4.87 15.81
CA LEU A 183 -10.20 4.69 17.25
C LEU A 183 -9.75 5.94 18.00
N GLY A 184 -8.57 6.45 17.64
CA GLY A 184 -8.06 7.66 18.29
C GLY A 184 -6.63 7.51 18.78
N ARG A 185 -5.71 7.14 17.90
CA ARG A 185 -4.31 6.96 18.28
C ARG A 185 -3.36 7.16 17.10
N GLU A 186 -3.25 6.14 16.25
CA GLU A 186 -2.37 6.18 15.09
C GLU A 186 -2.81 7.26 14.09
N MET A 1 -16.46 -5.25 24.28
CA MET A 1 -15.47 -4.14 24.31
C MET A 1 -14.04 -4.66 24.50
N GLY A 2 -13.05 -3.78 24.34
CA GLY A 2 -11.66 -4.20 24.49
C GLY A 2 -10.80 -3.82 23.31
N LYS A 3 -10.17 -2.65 23.36
CA LYS A 3 -9.31 -2.17 22.28
C LYS A 3 -8.29 -3.23 21.85
N PHE A 4 -7.62 -3.84 22.82
CA PHE A 4 -6.62 -4.87 22.54
C PHE A 4 -7.25 -6.16 22.02
N THR A 5 -8.39 -6.56 22.60
CA THR A 5 -9.08 -7.78 22.19
C THR A 5 -9.73 -7.63 20.81
N GLN A 6 -10.31 -6.46 20.54
CA GLN A 6 -10.96 -6.20 19.26
C GLN A 6 -9.93 -6.18 18.12
N ARG A 7 -9.79 -7.32 17.44
CA ARG A 7 -8.83 -7.45 16.33
C ARG A 7 -9.48 -7.15 14.98
N LEU A 8 -9.51 -5.86 14.60
CA LEU A 8 -10.12 -5.45 13.33
C LEU A 8 -9.06 -5.30 12.22
N SER A 9 -9.53 -5.20 10.98
CA SER A 9 -8.64 -5.05 9.81
C SER A 9 -9.42 -4.58 8.57
N LEU A 10 -10.54 -5.24 8.30
CA LEU A 10 -11.40 -4.90 7.16
C LEU A 10 -12.87 -5.21 7.49
N ARG A 11 -13.66 -4.16 7.70
CA ARG A 11 -15.08 -4.31 8.01
C ARG A 11 -15.83 -2.97 7.93
N VAL A 12 -15.29 -1.95 8.60
CA VAL A 12 -15.92 -0.62 8.60
C VAL A 12 -14.96 0.44 8.05
N ARG A 13 -15.33 1.72 8.18
CA ARG A 13 -14.52 2.85 7.69
C ARG A 13 -14.51 2.90 6.16
N LEU A 14 -15.48 3.62 5.60
CA LEU A 14 -15.59 3.77 4.14
C LEU A 14 -14.50 4.68 3.57
N THR A 15 -14.21 5.77 4.28
CA THR A 15 -13.18 6.72 3.86
C THR A 15 -11.84 6.01 3.68
N LEU A 16 -11.52 5.13 4.63
CA LEU A 16 -10.29 4.36 4.59
C LEU A 16 -10.16 3.59 3.28
N ILE A 17 -11.26 2.95 2.86
CA ILE A 17 -11.29 2.18 1.62
C ILE A 17 -10.83 3.04 0.44
N PHE A 18 -11.44 4.22 0.31
CA PHE A 18 -11.11 5.15 -0.77
C PHE A 18 -9.68 5.68 -0.63
N LEU A 19 -9.35 6.16 0.58
CA LEU A 19 -8.01 6.71 0.85
C LEU A 19 -6.92 5.67 0.55
N ILE A 20 -7.07 4.48 1.12
CA ILE A 20 -6.09 3.40 0.90
C ILE A 20 -6.03 3.01 -0.58
N LEU A 21 -7.19 2.80 -1.19
CA LEU A 21 -7.25 2.43 -2.61
C LEU A 21 -6.52 3.45 -3.50
N ALA A 22 -6.92 4.72 -3.39
CA ALA A 22 -6.31 5.79 -4.18
C ALA A 22 -4.84 6.01 -3.81
N SER A 23 -4.58 6.16 -2.49
CA SER A 23 -3.21 6.38 -2.01
C SER A 23 -2.27 5.25 -2.39
N VAL A 24 -2.69 4.00 -2.11
CA VAL A 24 -1.86 2.83 -2.44
C VAL A 24 -1.60 2.74 -3.93
N THR A 25 -2.66 2.84 -4.73
CA THR A 25 -2.52 2.78 -6.20
C THR A 25 -1.49 3.80 -6.70
N TRP A 26 -1.65 5.05 -6.26
CA TRP A 26 -0.75 6.13 -6.66
C TRP A 26 0.67 5.95 -6.09
N LEU A 27 0.75 5.71 -4.78
CA LEU A 27 2.05 5.52 -4.12
C LEU A 27 2.82 4.34 -4.70
N LEU A 28 2.16 3.18 -4.82
CA LEU A 28 2.81 1.99 -5.38
C LEU A 28 3.21 2.24 -6.82
N SER A 29 2.31 2.81 -7.63
CA SER A 29 2.62 3.11 -9.03
C SER A 29 3.82 4.04 -9.12
N SER A 30 3.78 5.12 -8.31
CA SER A 30 4.88 6.08 -8.27
C SER A 30 6.19 5.38 -7.87
N PHE A 31 6.13 4.61 -6.79
CA PHE A 31 7.30 3.85 -6.32
C PHE A 31 7.84 2.97 -7.44
N VAL A 32 6.95 2.22 -8.08
CA VAL A 32 7.33 1.33 -9.19
C VAL A 32 8.05 2.13 -10.28
N ALA A 33 7.51 3.31 -10.61
CA ALA A 33 8.10 4.18 -11.61
C ALA A 33 9.46 4.70 -11.14
N TRP A 34 9.50 5.18 -9.89
CA TRP A 34 10.74 5.70 -9.31
C TRP A 34 11.78 4.59 -9.15
N LYS A 35 11.38 3.48 -8.54
CA LYS A 35 12.26 2.34 -8.33
C LYS A 35 12.36 1.47 -9.59
N GLN A 36 12.76 2.10 -10.70
CA GLN A 36 12.89 1.40 -11.98
C GLN A 36 14.26 1.66 -12.60
N THR A 37 14.56 2.94 -12.85
CA THR A 37 15.84 3.34 -13.43
C THR A 37 16.13 4.80 -13.12
N THR A 38 16.00 5.16 -11.84
CA THR A 38 16.23 6.53 -11.39
C THR A 38 17.53 6.63 -10.59
N ASP A 39 18.60 6.07 -11.14
CA ASP A 39 19.91 6.10 -10.48
C ASP A 39 20.58 7.46 -10.68
N ASN A 40 19.90 8.51 -10.21
CA ASN A 40 20.40 9.87 -10.34
C ASN A 40 20.30 10.63 -9.02
N TRP A 150 16.02 1.52 -23.90
CA TRP A 150 16.77 2.18 -22.83
C TRP A 150 16.49 1.53 -21.46
N GLU A 151 15.21 1.38 -21.13
CA GLU A 151 14.82 0.78 -19.84
C GLU A 151 15.49 -0.58 -19.64
N TYR A 152 16.53 -0.59 -18.80
CA TYR A 152 17.27 -1.82 -18.50
C TYR A 152 16.39 -2.82 -17.73
N ARG A 153 15.47 -3.45 -18.44
CA ARG A 153 14.55 -4.41 -17.83
C ARG A 153 14.73 -5.83 -18.38
N GLU A 154 14.68 -5.97 -19.71
CA GLU A 154 14.82 -7.27 -20.37
C GLU A 154 13.80 -8.26 -19.80
N ASP A 155 12.54 -8.13 -20.25
CA ASP A 155 11.45 -8.99 -19.78
C ASP A 155 11.08 -8.68 -18.32
N MET A 156 12.07 -8.76 -17.43
CA MET A 156 11.88 -8.47 -16.00
C MET A 156 10.88 -9.44 -15.36
N ALA A 157 11.00 -10.73 -15.69
CA ALA A 157 10.11 -11.75 -15.13
C ALA A 157 10.14 -11.72 -13.60
N LEU A 158 11.33 -11.79 -13.02
CA LEU A 158 11.47 -11.76 -11.56
C LEU A 158 11.37 -10.32 -11.03
N ALA A 159 10.23 -9.69 -11.29
CA ALA A 159 9.99 -8.31 -10.85
C ALA A 159 8.67 -8.17 -10.11
N ILE A 160 7.61 -8.78 -10.66
CA ILE A 160 6.27 -8.72 -10.06
C ILE A 160 6.28 -9.06 -8.57
N VAL A 161 7.03 -10.09 -8.18
CA VAL A 161 7.10 -10.50 -6.76
C VAL A 161 7.56 -9.34 -5.87
N ALA A 162 8.67 -8.70 -6.24
CA ALA A 162 9.19 -7.58 -5.48
C ALA A 162 8.29 -6.34 -5.64
N GLY A 163 7.98 -6.02 -6.90
CA GLY A 163 7.13 -4.88 -7.19
C GLY A 163 5.81 -4.92 -6.46
N GLN A 164 5.13 -6.08 -6.49
CA GLN A 164 3.85 -6.25 -5.80
C GLN A 164 4.02 -6.30 -4.28
N LEU A 165 4.97 -7.11 -3.81
CA LEU A 165 5.22 -7.28 -2.38
C LEU A 165 5.60 -5.98 -1.67
N ILE A 166 6.60 -5.26 -2.19
CA ILE A 166 7.06 -4.01 -1.56
C ILE A 166 5.88 -3.13 -1.09
N PRO A 167 5.03 -2.65 -2.01
CA PRO A 167 3.88 -1.81 -1.66
C PRO A 167 2.94 -2.51 -0.67
N TRP A 168 2.75 -3.81 -0.84
CA TRP A 168 1.89 -4.59 0.05
C TRP A 168 2.42 -4.52 1.49
N LEU A 169 3.72 -4.79 1.65
CA LEU A 169 4.36 -4.76 2.97
C LEU A 169 4.22 -3.37 3.61
N VAL A 170 4.40 -2.32 2.81
CA VAL A 170 4.28 -0.95 3.30
C VAL A 170 2.81 -0.60 3.59
N ALA A 171 1.91 -1.08 2.74
CA ALA A 171 0.48 -0.83 2.89
C ALA A 171 -0.06 -1.45 4.19
N LEU A 172 0.25 -2.73 4.41
CA LEU A 172 -0.21 -3.45 5.62
C LEU A 172 -0.25 -2.55 6.85
N PRO A 173 0.90 -1.98 7.28
CA PRO A 173 0.95 -1.09 8.43
C PRO A 173 0.16 0.19 8.21
N ILE A 174 0.31 0.80 7.02
CA ILE A 174 -0.42 2.03 6.68
C ILE A 174 -1.92 1.85 6.94
N MET A 175 -2.49 0.76 6.42
CA MET A 175 -3.90 0.45 6.59
C MET A 175 -4.26 0.39 8.07
N LEU A 176 -3.45 -0.35 8.83
CA LEU A 176 -3.66 -0.47 10.27
C LEU A 176 -3.60 0.91 10.93
N ILE A 177 -2.61 1.71 10.52
CA ILE A 177 -2.42 3.06 11.05
C ILE A 177 -3.63 3.93 10.76
N ILE A 178 -4.08 3.96 9.51
CA ILE A 178 -5.25 4.75 9.12
C ILE A 178 -6.51 4.27 9.84
N MET A 179 -6.65 2.94 9.97
CA MET A 179 -7.82 2.37 10.64
C MET A 179 -7.80 2.62 12.15
N MET A 180 -6.66 2.33 12.79
CA MET A 180 -6.49 2.51 14.24
C MET A 180 -6.42 3.99 14.64
N VAL A 181 -5.70 4.82 13.86
CA VAL A 181 -5.56 6.24 14.18
C VAL A 181 -6.91 6.88 14.47
N LEU A 182 -7.92 6.48 13.69
CA LEU A 182 -9.28 6.99 13.87
C LEU A 182 -9.74 6.76 15.31
N LEU A 183 -9.39 5.59 15.86
CA LEU A 183 -9.76 5.24 17.23
C LEU A 183 -9.01 6.09 18.25
N GLY A 184 -7.72 6.35 17.99
CA GLY A 184 -6.94 7.16 18.92
C GLY A 184 -5.72 7.81 18.29
N ARG A 185 -4.79 7.00 17.77
CA ARG A 185 -3.56 7.51 17.14
C ARG A 185 -2.68 6.40 16.59
N GLU A 186 -2.15 6.61 15.38
CA GLU A 186 -1.27 5.64 14.74
C GLU A 186 -0.11 6.35 14.03
N MET A 1 -20.02 -6.33 18.95
CA MET A 1 -19.05 -6.97 19.89
C MET A 1 -18.55 -8.30 19.32
N GLY A 2 -17.42 -8.78 19.84
CA GLY A 2 -16.85 -10.05 19.40
C GLY A 2 -16.44 -10.05 17.94
N LYS A 3 -16.54 -11.22 17.30
CA LYS A 3 -16.18 -11.39 15.89
C LYS A 3 -16.77 -10.28 15.01
N PHE A 4 -18.08 -10.05 15.16
CA PHE A 4 -18.78 -9.02 14.39
C PHE A 4 -18.07 -7.67 14.48
N THR A 5 -17.77 -7.24 15.70
CA THR A 5 -17.08 -5.95 15.91
C THR A 5 -15.63 -6.03 15.45
N GLN A 6 -14.97 -7.16 15.73
CA GLN A 6 -13.57 -7.37 15.35
C GLN A 6 -13.39 -7.38 13.83
N ARG A 7 -14.22 -8.16 13.13
CA ARG A 7 -14.14 -8.26 11.67
C ARG A 7 -15.16 -7.33 11.01
N LEU A 8 -14.72 -6.12 10.66
CA LEU A 8 -15.59 -5.14 10.01
C LEU A 8 -15.17 -4.91 8.55
N SER A 9 -14.00 -4.26 8.37
CA SER A 9 -13.48 -3.98 7.02
C SER A 9 -14.30 -2.92 6.27
N LEU A 10 -15.12 -2.16 7.00
CA LEU A 10 -15.94 -1.10 6.40
C LEU A 10 -16.61 -0.23 7.47
N ARG A 11 -17.51 0.66 7.04
CA ARG A 11 -18.22 1.56 7.95
C ARG A 11 -17.27 2.62 8.55
N VAL A 12 -17.13 2.65 9.88
CA VAL A 12 -16.26 3.62 10.57
C VAL A 12 -16.37 5.03 9.96
N ARG A 13 -15.36 5.46 9.21
CA ARG A 13 -15.37 6.78 8.58
C ARG A 13 -15.64 6.69 7.08
N LEU A 14 -15.05 5.67 6.43
CA LEU A 14 -15.20 5.45 4.99
C LEU A 14 -14.29 6.38 4.20
N THR A 15 -14.34 7.68 4.51
CA THR A 15 -13.51 8.67 3.84
C THR A 15 -12.04 8.32 3.98
N LEU A 16 -11.61 8.04 5.21
CA LEU A 16 -10.23 7.65 5.48
C LEU A 16 -9.88 6.36 4.74
N ILE A 17 -10.82 5.42 4.73
CA ILE A 17 -10.62 4.14 4.03
C ILE A 17 -10.41 4.38 2.54
N PHE A 18 -11.29 5.19 1.93
CA PHE A 18 -11.19 5.51 0.51
C PHE A 18 -9.91 6.30 0.23
N LEU A 19 -9.65 7.33 1.05
CA LEU A 19 -8.47 8.16 0.89
C LEU A 19 -7.19 7.31 0.91
N ILE A 20 -7.03 6.50 1.95
CA ILE A 20 -5.86 5.64 2.07
C ILE A 20 -5.80 4.62 0.92
N LEU A 21 -6.95 4.04 0.57
CA LEU A 21 -7.02 3.07 -0.53
C LEU A 21 -6.56 3.69 -1.85
N ALA A 22 -7.09 4.88 -2.15
CA ALA A 22 -6.73 5.59 -3.38
C ALA A 22 -5.26 6.02 -3.35
N SER A 23 -4.85 6.68 -2.27
CA SER A 23 -3.46 7.14 -2.12
C SER A 23 -2.49 5.96 -2.20
N VAL A 24 -2.76 4.91 -1.41
CA VAL A 24 -1.92 3.72 -1.42
C VAL A 24 -1.83 3.13 -2.82
N THR A 25 -2.98 3.03 -3.50
CA THR A 25 -3.01 2.51 -4.87
C THR A 25 -2.18 3.39 -5.80
N TRP A 26 -2.42 4.71 -5.75
CA TRP A 26 -1.68 5.66 -6.57
C TRP A 26 -0.19 5.51 -6.31
N LEU A 27 0.18 5.53 -5.03
CA LEU A 27 1.58 5.36 -4.61
C LEU A 27 2.13 4.06 -5.17
N LEU A 28 1.39 2.96 -4.96
CA LEU A 28 1.78 1.64 -5.45
C LEU A 28 2.06 1.71 -6.94
N SER A 29 1.13 2.29 -7.70
CA SER A 29 1.29 2.45 -9.15
C SER A 29 2.63 3.11 -9.44
N SER A 30 2.90 4.22 -8.76
CA SER A 30 4.17 4.94 -8.92
C SER A 30 5.33 4.00 -8.57
N PHE A 31 5.24 3.35 -7.40
CA PHE A 31 6.26 2.42 -6.96
C PHE A 31 6.57 1.40 -8.07
N VAL A 32 5.51 0.86 -8.68
CA VAL A 32 5.66 -0.11 -9.77
C VAL A 32 6.39 0.53 -10.95
N ALA A 33 6.02 1.76 -11.29
CA ALA A 33 6.64 2.48 -12.39
C ALA A 33 8.09 2.90 -12.07
N TRP A 34 8.31 3.34 -10.82
CA TRP A 34 9.64 3.77 -10.38
C TRP A 34 10.68 2.66 -10.53
N LYS A 35 11.95 3.03 -10.61
CA LYS A 35 13.03 2.07 -10.76
C LYS A 35 14.25 2.43 -9.90
N GLN A 36 15.35 1.72 -10.13
CA GLN A 36 16.59 1.93 -9.37
C GLN A 36 17.18 3.33 -9.60
N THR A 37 17.27 3.74 -10.87
CA THR A 37 17.84 5.05 -11.21
C THR A 37 16.75 6.05 -11.63
N THR A 38 17.18 7.25 -12.04
CA THR A 38 16.24 8.30 -12.47
C THR A 38 16.15 8.37 -13.99
N ASP A 39 17.31 8.46 -14.67
CA ASP A 39 17.33 8.53 -16.14
C ASP A 39 18.77 8.51 -16.69
N ASN A 40 19.62 9.39 -16.16
CA ASN A 40 21.02 9.49 -16.59
C ASN A 40 21.11 10.12 -17.99
N TRP A 150 21.99 -11.08 -12.25
CA TRP A 150 22.47 -9.82 -11.69
C TRP A 150 22.39 -8.69 -12.74
N GLU A 151 22.90 -8.98 -13.93
CA GLU A 151 22.89 -8.00 -15.03
C GLU A 151 21.56 -8.07 -15.80
N TYR A 152 20.91 -6.92 -15.97
CA TYR A 152 19.63 -6.86 -16.67
C TYR A 152 19.37 -5.48 -17.27
N ARG A 153 18.50 -5.45 -18.28
CA ARG A 153 18.13 -4.21 -18.96
C ARG A 153 17.05 -4.44 -20.03
N GLU A 154 17.29 -5.42 -20.92
CA GLU A 154 16.30 -5.75 -21.97
C GLU A 154 14.92 -5.98 -21.34
N ASP A 155 14.92 -6.77 -20.26
CA ASP A 155 13.71 -7.08 -19.51
C ASP A 155 14.03 -7.11 -18.01
N MET A 156 13.05 -7.51 -17.22
CA MET A 156 13.23 -7.60 -15.78
C MET A 156 13.24 -9.06 -15.33
N ALA A 157 12.26 -9.85 -15.81
CA ALA A 157 12.16 -11.27 -15.47
C ALA A 157 11.97 -11.47 -13.97
N LEU A 158 13.00 -11.18 -13.19
CA LEU A 158 12.95 -11.29 -11.75
C LEU A 158 12.96 -9.89 -11.13
N ALA A 159 13.04 -9.81 -9.81
CA ALA A 159 13.05 -8.52 -9.11
C ALA A 159 11.66 -7.91 -8.99
N ILE A 160 10.89 -7.94 -10.09
CA ILE A 160 9.53 -7.39 -10.09
C ILE A 160 8.72 -7.91 -8.91
N VAL A 161 8.86 -9.22 -8.64
CA VAL A 161 8.14 -9.84 -7.51
C VAL A 161 8.49 -9.14 -6.20
N ALA A 162 9.78 -8.90 -5.96
CA ALA A 162 10.23 -8.22 -4.74
C ALA A 162 9.85 -6.74 -4.77
N GLY A 163 10.17 -6.06 -5.88
CA GLY A 163 9.85 -4.66 -6.03
C GLY A 163 8.37 -4.38 -5.85
N GLN A 164 7.53 -5.24 -6.43
CA GLN A 164 6.09 -5.10 -6.31
C GLN A 164 5.63 -5.44 -4.89
N LEU A 165 6.23 -6.50 -4.32
CA LEU A 165 5.90 -6.92 -2.96
C LEU A 165 6.21 -5.82 -1.94
N ILE A 166 7.39 -5.21 -2.06
CA ILE A 166 7.81 -4.13 -1.15
C ILE A 166 6.66 -3.20 -0.76
N PRO A 167 6.07 -2.47 -1.74
CA PRO A 167 4.96 -1.54 -1.48
C PRO A 167 3.70 -2.28 -0.99
N TRP A 168 3.44 -3.47 -1.53
CA TRP A 168 2.27 -4.26 -1.12
C TRP A 168 2.34 -4.58 0.39
N LEU A 169 3.44 -5.18 0.80
CA LEU A 169 3.67 -5.54 2.20
C LEU A 169 3.58 -4.30 3.10
N VAL A 170 4.13 -3.18 2.63
CA VAL A 170 4.08 -1.92 3.38
C VAL A 170 2.65 -1.38 3.44
N ALA A 171 1.92 -1.51 2.33
CA ALA A 171 0.54 -1.04 2.26
C ALA A 171 -0.35 -1.77 3.27
N LEU A 172 -0.25 -3.10 3.30
CA LEU A 172 -1.04 -3.93 4.22
C LEU A 172 -1.25 -3.24 5.57
N PRO A 173 -0.14 -3.00 6.33
CA PRO A 173 -0.24 -2.33 7.64
C PRO A 173 -0.79 -0.92 7.52
N ILE A 174 -0.34 -0.17 6.50
CA ILE A 174 -0.82 1.19 6.27
C ILE A 174 -2.36 1.23 6.24
N MET A 175 -2.94 0.33 5.43
CA MET A 175 -4.40 0.23 5.31
C MET A 175 -5.00 -0.25 6.62
N LEU A 176 -4.42 -1.33 7.18
CA LEU A 176 -4.87 -1.88 8.45
C LEU A 176 -4.91 -0.78 9.51
N ILE A 177 -3.89 0.09 9.49
CA ILE A 177 -3.80 1.20 10.43
C ILE A 177 -4.93 2.20 10.22
N ILE A 178 -5.13 2.62 8.96
CA ILE A 178 -6.20 3.57 8.65
C ILE A 178 -7.57 2.99 9.03
N MET A 179 -7.76 1.70 8.76
CA MET A 179 -9.01 1.02 9.08
C MET A 179 -9.17 0.84 10.60
N MET A 180 -8.12 0.32 11.24
CA MET A 180 -8.13 0.09 12.68
C MET A 180 -8.28 1.40 13.46
N VAL A 181 -7.49 2.42 13.11
CA VAL A 181 -7.58 3.72 13.77
C VAL A 181 -9.01 4.26 13.64
N LEU A 182 -9.60 4.05 12.47
CA LEU A 182 -10.97 4.47 12.20
C LEU A 182 -11.92 3.70 13.12
N LEU A 183 -11.62 2.41 13.29
CA LEU A 183 -12.43 1.54 14.16
C LEU A 183 -12.27 1.90 15.63
N GLY A 184 -11.02 2.16 16.03
CA GLY A 184 -10.72 2.51 17.43
C GLY A 184 -9.26 2.89 17.62
N ARG A 185 -8.36 2.06 17.09
CA ARG A 185 -6.93 2.29 17.19
C ARG A 185 -6.21 1.54 16.07
N GLU A 186 -5.35 2.24 15.33
CA GLU A 186 -4.61 1.61 14.23
C GLU A 186 -3.73 0.46 14.74
N MET A 1 -12.32 -14.03 23.19
CA MET A 1 -11.28 -12.97 22.97
C MET A 1 -10.30 -13.38 21.88
N GLY A 2 -9.55 -12.41 21.35
CA GLY A 2 -8.57 -12.71 20.30
C GLY A 2 -8.88 -12.03 18.97
N LYS A 3 -10.18 -11.92 18.64
CA LYS A 3 -10.61 -11.31 17.38
C LYS A 3 -9.85 -10.00 17.09
N PHE A 4 -9.79 -9.11 18.09
CA PHE A 4 -9.09 -7.83 17.93
C PHE A 4 -7.56 -8.05 17.90
N THR A 5 -7.08 -8.97 18.74
CA THR A 5 -5.65 -9.28 18.81
C THR A 5 -5.16 -9.90 17.50
N GLN A 6 -5.94 -10.81 16.94
CA GLN A 6 -5.60 -11.47 15.68
C GLN A 6 -5.53 -10.47 14.52
N ARG A 7 -4.93 -10.90 13.40
CA ARG A 7 -4.81 -10.03 12.24
C ARG A 7 -6.17 -9.82 11.54
N LEU A 8 -7.04 -9.04 12.19
CA LEU A 8 -8.37 -8.76 11.64
C LEU A 8 -8.41 -7.38 10.99
N SER A 9 -9.20 -7.25 9.93
CA SER A 9 -9.33 -5.98 9.19
C SER A 9 -10.62 -5.25 9.57
N LEU A 10 -11.76 -5.91 9.37
CA LEU A 10 -13.07 -5.33 9.68
C LEU A 10 -13.35 -4.07 8.85
N ARG A 11 -14.35 -3.30 9.25
CA ARG A 11 -14.72 -2.08 8.55
C ARG A 11 -15.07 -0.97 9.54
N VAL A 12 -14.42 0.19 9.41
CA VAL A 12 -14.67 1.32 10.30
C VAL A 12 -14.83 2.63 9.52
N ARG A 13 -13.83 2.98 8.71
CA ARG A 13 -13.88 4.22 7.93
C ARG A 13 -13.72 3.96 6.43
N LEU A 14 -14.84 4.01 5.71
CA LEU A 14 -14.83 3.77 4.26
C LEU A 14 -14.05 4.87 3.52
N THR A 15 -14.39 6.13 3.81
CA THR A 15 -13.72 7.27 3.18
C THR A 15 -12.21 7.14 3.29
N LEU A 16 -11.74 6.84 4.51
CA LEU A 16 -10.31 6.65 4.76
C LEU A 16 -9.74 5.56 3.85
N ILE A 17 -10.40 4.39 3.85
CA ILE A 17 -9.97 3.27 3.02
C ILE A 17 -9.91 3.67 1.55
N PHE A 18 -10.95 4.35 1.07
CA PHE A 18 -11.01 4.80 -0.31
C PHE A 18 -9.84 5.77 -0.62
N LEU A 19 -9.68 6.77 0.25
CA LEU A 19 -8.60 7.76 0.09
C LEU A 19 -7.23 7.07 0.08
N ILE A 20 -6.95 6.28 1.12
CA ILE A 20 -5.67 5.58 1.21
C ILE A 20 -5.51 4.61 0.03
N LEU A 21 -6.58 3.90 -0.33
CA LEU A 21 -6.53 2.96 -1.46
C LEU A 21 -6.07 3.67 -2.73
N ALA A 22 -6.64 4.84 -3.00
CA ALA A 22 -6.28 5.62 -4.18
C ALA A 22 -4.84 6.11 -4.08
N SER A 23 -4.49 6.73 -2.95
CA SER A 23 -3.12 7.23 -2.72
C SER A 23 -2.10 6.11 -2.90
N VAL A 24 -2.34 4.99 -2.21
CA VAL A 24 -1.46 3.82 -2.31
C VAL A 24 -1.37 3.34 -3.76
N THR A 25 -2.51 3.35 -4.45
CA THR A 25 -2.56 2.94 -5.86
C THR A 25 -1.65 3.85 -6.68
N TRP A 26 -1.81 5.17 -6.49
CA TRP A 26 -0.98 6.16 -7.19
C TRP A 26 0.50 5.90 -6.86
N LEU A 27 0.78 5.71 -5.57
CA LEU A 27 2.13 5.43 -5.10
C LEU A 27 2.68 4.18 -5.78
N LEU A 28 1.85 3.13 -5.86
CA LEU A 28 2.24 1.88 -6.52
C LEU A 28 2.56 2.14 -7.98
N SER A 29 1.69 2.90 -8.65
CA SER A 29 1.89 3.27 -10.05
C SER A 29 3.23 4.00 -10.19
N SER A 30 3.44 4.99 -9.33
CA SER A 30 4.70 5.75 -9.33
C SER A 30 5.88 4.80 -9.10
N PHE A 31 5.71 3.89 -8.14
CA PHE A 31 6.73 2.89 -7.81
C PHE A 31 7.18 2.17 -9.09
N VAL A 32 6.21 1.69 -9.85
CA VAL A 32 6.49 1.00 -11.12
C VAL A 32 7.17 1.94 -12.11
N ALA A 33 6.71 3.19 -12.15
CA ALA A 33 7.28 4.21 -13.04
C ALA A 33 8.72 4.58 -12.65
N TRP A 34 8.96 4.73 -11.36
CA TRP A 34 10.30 5.09 -10.87
C TRP A 34 11.35 4.06 -11.28
N LYS A 35 12.58 4.52 -11.52
CA LYS A 35 13.67 3.64 -11.93
C LYS A 35 14.92 3.85 -11.06
N GLN A 36 15.51 2.74 -10.61
CA GLN A 36 16.72 2.81 -9.79
C GLN A 36 17.90 3.35 -10.59
N THR A 37 18.03 2.90 -11.84
CA THR A 37 19.13 3.35 -12.71
C THR A 37 18.95 2.85 -14.14
N THR A 38 18.71 3.79 -15.06
CA THR A 38 18.54 3.46 -16.48
C THR A 38 19.23 4.50 -17.37
N ASP A 39 19.65 4.08 -18.54
CA ASP A 39 20.33 4.97 -19.49
C ASP A 39 19.33 5.95 -20.14
N ASN A 40 18.72 6.78 -19.29
CA ASN A 40 17.74 7.79 -19.73
C ASN A 40 16.41 7.15 -20.14
N TRP A 150 19.19 -6.25 -8.05
CA TRP A 150 19.90 -6.56 -9.28
C TRP A 150 20.53 -5.30 -9.88
N GLU A 151 19.73 -4.23 -9.98
CA GLU A 151 20.18 -2.95 -10.54
C GLU A 151 20.49 -3.08 -12.04
N TYR A 152 20.01 -2.10 -12.82
CA TYR A 152 20.23 -2.11 -14.28
C TYR A 152 19.85 -3.46 -14.91
N ARG A 153 18.74 -4.04 -14.44
CA ARG A 153 18.26 -5.32 -14.95
C ARG A 153 17.60 -5.17 -16.32
N GLU A 154 17.88 -6.11 -17.22
CA GLU A 154 17.31 -6.09 -18.57
C GLU A 154 15.87 -6.62 -18.53
N ASP A 155 15.73 -7.89 -18.12
CA ASP A 155 14.42 -8.53 -18.03
C ASP A 155 13.78 -8.24 -16.65
N MET A 156 13.41 -9.27 -15.90
CA MET A 156 12.80 -9.08 -14.58
C MET A 156 12.56 -10.41 -13.87
N ALA A 157 11.95 -11.36 -14.57
CA ALA A 157 11.65 -12.69 -14.02
C ALA A 157 10.74 -12.58 -12.78
N LEU A 158 11.34 -12.25 -11.63
CA LEU A 158 10.59 -12.10 -10.39
C LEU A 158 10.95 -10.76 -9.72
N ALA A 159 10.71 -9.67 -10.45
CA ALA A 159 10.99 -8.33 -9.95
C ALA A 159 9.72 -7.61 -9.50
N ILE A 160 8.70 -7.60 -10.37
CA ILE A 160 7.43 -6.95 -10.05
C ILE A 160 6.87 -7.48 -8.73
N VAL A 161 6.94 -8.80 -8.53
CA VAL A 161 6.44 -9.42 -7.31
C VAL A 161 7.12 -8.82 -6.07
N ALA A 162 8.46 -8.78 -6.08
CA ALA A 162 9.24 -8.22 -4.97
C ALA A 162 9.00 -6.72 -4.83
N GLY A 163 9.15 -6.00 -5.95
CA GLY A 163 8.94 -4.55 -5.96
C GLY A 163 7.57 -4.19 -5.42
N GLN A 164 6.55 -4.90 -5.90
CA GLN A 164 5.18 -4.70 -5.45
C GLN A 164 5.01 -5.18 -4.00
N LEU A 165 5.66 -6.31 -3.68
CA LEU A 165 5.59 -6.88 -2.34
C LEU A 165 6.07 -5.87 -1.28
N ILE A 166 7.16 -5.16 -1.57
CA ILE A 166 7.71 -4.17 -0.64
C ILE A 166 6.59 -3.28 -0.07
N PRO A 167 5.92 -2.46 -0.91
CA PRO A 167 4.83 -1.60 -0.45
C PRO A 167 3.66 -2.41 0.11
N TRP A 168 3.50 -3.65 -0.39
CA TRP A 168 2.44 -4.54 0.08
C TRP A 168 2.62 -4.84 1.57
N LEU A 169 3.83 -5.27 1.94
CA LEU A 169 4.16 -5.59 3.33
C LEU A 169 3.96 -4.36 4.21
N VAL A 170 4.40 -3.20 3.72
CA VAL A 170 4.26 -1.94 4.45
C VAL A 170 2.78 -1.53 4.55
N ALA A 171 2.03 -1.77 3.48
CA ALA A 171 0.61 -1.45 3.44
C ALA A 171 -0.16 -2.23 4.50
N LEU A 172 0.15 -3.53 4.63
CA LEU A 172 -0.51 -4.40 5.61
C LEU A 172 -0.77 -3.67 6.93
N PRO A 173 0.29 -3.26 7.66
CA PRO A 173 0.14 -2.52 8.92
C PRO A 173 -0.59 -1.20 8.70
N ILE A 174 -0.25 -0.50 7.61
CA ILE A 174 -0.90 0.78 7.28
C ILE A 174 -2.43 0.63 7.32
N MET A 175 -2.92 -0.47 6.74
CA MET A 175 -4.36 -0.74 6.73
C MET A 175 -4.88 -0.83 8.16
N LEU A 176 -4.20 -1.62 8.99
CA LEU A 176 -4.56 -1.76 10.39
C LEU A 176 -4.54 -0.38 11.06
N ILE A 177 -3.52 0.42 10.70
CA ILE A 177 -3.37 1.78 11.22
C ILE A 177 -4.57 2.64 10.83
N ILE A 178 -4.92 2.62 9.54
CA ILE A 178 -6.06 3.37 9.03
C ILE A 178 -7.33 3.03 9.80
N MET A 179 -7.53 1.73 10.07
CA MET A 179 -8.70 1.27 10.81
C MET A 179 -8.61 1.67 12.28
N MET A 180 -7.45 1.43 12.88
CA MET A 180 -7.21 1.74 14.30
C MET A 180 -7.32 3.24 14.61
N VAL A 181 -6.83 4.08 13.70
CA VAL A 181 -6.88 5.54 13.90
C VAL A 181 -8.28 6.00 14.29
N LEU A 182 -9.30 5.38 13.67
CA LEU A 182 -10.70 5.71 13.98
C LEU A 182 -11.02 5.47 15.45
N LEU A 183 -10.48 4.38 16.01
CA LEU A 183 -10.69 4.03 17.41
C LEU A 183 -10.03 5.05 18.34
N GLY A 184 -8.78 5.40 18.04
CA GLY A 184 -8.07 6.38 18.85
C GLY A 184 -7.05 7.19 18.06
N ARG A 185 -6.07 6.49 17.47
CA ARG A 185 -5.02 7.15 16.67
C ARG A 185 -3.93 6.15 16.28
N GLU A 186 -3.60 6.11 14.99
CA GLU A 186 -2.57 5.22 14.48
C GLU A 186 -1.73 5.93 13.40
N MET A 1 -18.77 14.47 8.43
CA MET A 1 -17.84 14.72 7.28
C MET A 1 -16.72 15.68 7.68
N GLY A 2 -15.72 15.81 6.81
CA GLY A 2 -14.59 16.69 7.08
C GLY A 2 -13.32 16.28 6.35
N LYS A 3 -12.76 17.18 5.54
CA LYS A 3 -11.55 16.89 4.78
C LYS A 3 -10.32 16.79 5.69
N PHE A 4 -10.14 17.79 6.55
CA PHE A 4 -8.99 17.81 7.48
C PHE A 4 -8.95 16.56 8.34
N THR A 5 -10.10 16.22 8.95
CA THR A 5 -10.20 15.03 9.79
C THR A 5 -9.74 13.78 9.05
N GLN A 6 -10.22 13.61 7.81
CA GLN A 6 -9.86 12.45 7.00
C GLN A 6 -8.38 12.47 6.57
N ARG A 7 -7.87 13.65 6.22
CA ARG A 7 -6.47 13.78 5.79
C ARG A 7 -5.51 13.88 6.97
N LEU A 8 -5.59 12.91 7.90
CA LEU A 8 -4.72 12.89 9.08
C LEU A 8 -4.84 11.55 9.83
N SER A 9 -3.94 11.32 10.78
CA SER A 9 -3.96 10.08 11.58
C SER A 9 -5.15 10.09 12.54
N LEU A 10 -6.36 10.08 11.98
CA LEU A 10 -7.58 10.10 12.78
C LEU A 10 -8.29 8.74 12.74
N ARG A 11 -9.30 8.58 13.58
CA ARG A 11 -10.06 7.33 13.65
C ARG A 11 -11.22 7.31 12.64
N VAL A 12 -10.90 7.12 11.37
CA VAL A 12 -11.93 7.07 10.32
C VAL A 12 -12.08 5.64 9.79
N ARG A 13 -12.85 5.46 8.71
CA ARG A 13 -13.04 4.12 8.14
C ARG A 13 -13.78 4.17 6.79
N LEU A 14 -13.47 3.21 5.91
CA LEU A 14 -14.07 3.10 4.58
C LEU A 14 -13.44 4.09 3.60
N THR A 15 -13.41 5.38 3.99
CA THR A 15 -12.80 6.41 3.17
C THR A 15 -11.29 6.24 3.14
N LEU A 16 -10.70 6.13 4.33
CA LEU A 16 -9.25 5.94 4.48
C LEU A 16 -8.79 4.72 3.69
N ILE A 17 -9.58 3.64 3.72
CA ILE A 17 -9.27 2.41 3.00
C ILE A 17 -9.17 2.70 1.50
N PHE A 18 -10.17 3.40 0.97
CA PHE A 18 -10.20 3.76 -0.45
C PHE A 18 -9.02 4.70 -0.76
N LEU A 19 -8.80 5.67 0.12
CA LEU A 19 -7.72 6.64 -0.04
C LEU A 19 -6.37 5.93 -0.13
N ILE A 20 -6.03 5.16 0.90
CA ILE A 20 -4.76 4.43 0.93
C ILE A 20 -4.64 3.47 -0.26
N LEU A 21 -5.75 2.82 -0.62
CA LEU A 21 -5.75 1.90 -1.77
C LEU A 21 -5.32 2.62 -3.04
N ALA A 22 -5.94 3.77 -3.31
CA ALA A 22 -5.60 4.56 -4.49
C ALA A 22 -4.20 5.15 -4.37
N SER A 23 -3.88 5.70 -3.19
CA SER A 23 -2.56 6.27 -2.93
C SER A 23 -1.45 5.23 -3.12
N VAL A 24 -1.68 4.01 -2.64
CA VAL A 24 -0.71 2.93 -2.77
C VAL A 24 -0.58 2.55 -4.24
N THR A 25 -1.72 2.45 -4.92
CA THR A 25 -1.75 2.12 -6.34
C THR A 25 -0.97 3.17 -7.13
N TRP A 26 -1.22 4.44 -6.82
CA TRP A 26 -0.52 5.56 -7.48
C TRP A 26 0.97 5.52 -7.14
N LEU A 27 1.28 5.42 -5.84
CA LEU A 27 2.67 5.34 -5.39
C LEU A 27 3.39 4.20 -6.12
N LEU A 28 2.73 3.04 -6.15
CA LEU A 28 3.26 1.88 -6.84
C LEU A 28 3.54 2.22 -8.30
N SER A 29 2.58 2.89 -8.94
CA SER A 29 2.73 3.31 -10.33
C SER A 29 3.97 4.18 -10.48
N SER A 30 4.10 5.20 -9.61
CA SER A 30 5.27 6.08 -9.63
C SER A 30 6.53 5.25 -9.45
N PHE A 31 6.48 4.29 -8.51
CA PHE A 31 7.60 3.39 -8.27
C PHE A 31 7.96 2.64 -9.55
N VAL A 32 6.94 2.07 -10.20
CA VAL A 32 7.12 1.36 -11.46
C VAL A 32 7.88 2.24 -12.46
N ALA A 33 7.51 3.52 -12.51
CA ALA A 33 8.17 4.49 -13.38
C ALA A 33 9.62 4.69 -12.94
N TRP A 34 9.81 4.94 -11.64
CA TRP A 34 11.14 5.13 -11.07
C TRP A 34 12.02 3.88 -11.23
N LYS A 35 11.41 2.71 -10.97
CA LYS A 35 12.11 1.42 -11.07
C LYS A 35 13.29 1.32 -10.09
N GLN A 36 14.31 2.12 -10.33
CA GLN A 36 15.52 2.14 -9.49
C GLN A 36 16.46 3.25 -9.94
N THR A 37 16.65 3.34 -11.25
CA THR A 37 17.51 4.36 -11.84
C THR A 37 16.80 5.03 -13.01
N THR A 38 16.46 4.24 -14.04
CA THR A 38 15.75 4.72 -15.22
C THR A 38 16.22 6.12 -15.67
N ASP A 39 17.52 6.23 -15.96
CA ASP A 39 18.10 7.50 -16.40
C ASP A 39 17.54 7.88 -17.78
N ASN A 40 16.35 8.48 -17.78
CA ASN A 40 15.68 8.88 -19.01
C ASN A 40 14.57 9.90 -18.75
N TRP A 150 20.19 -4.37 -1.26
CA TRP A 150 19.47 -4.41 -2.52
C TRP A 150 19.02 -5.84 -2.87
N GLU A 151 18.19 -5.94 -3.90
CA GLU A 151 17.68 -7.25 -4.34
C GLU A 151 18.77 -8.01 -5.12
N TYR A 152 19.59 -8.75 -4.38
CA TYR A 152 20.69 -9.51 -4.98
C TYR A 152 20.18 -10.67 -5.84
N ARG A 153 19.41 -10.34 -6.88
CA ARG A 153 18.87 -11.36 -7.79
C ARG A 153 19.21 -11.06 -9.27
N GLU A 154 19.76 -9.86 -9.54
CA GLU A 154 20.14 -9.46 -10.89
C GLU A 154 18.94 -9.32 -11.84
N ASP A 155 18.27 -10.43 -12.14
CA ASP A 155 17.11 -10.42 -13.05
C ASP A 155 15.95 -9.62 -12.47
N MET A 156 14.95 -9.33 -13.32
CA MET A 156 13.77 -8.58 -12.89
C MET A 156 12.50 -9.44 -12.97
N ALA A 157 12.67 -10.77 -12.84
CA ALA A 157 11.54 -11.69 -12.89
C ALA A 157 10.51 -11.35 -11.81
N LEU A 158 10.94 -11.34 -10.55
CA LEU A 158 10.06 -11.00 -9.44
C LEU A 158 10.01 -9.48 -9.26
N ALA A 159 9.56 -8.78 -10.30
CA ALA A 159 9.47 -7.32 -10.26
C ALA A 159 8.09 -6.85 -9.79
N ILE A 160 7.04 -7.39 -10.39
CA ILE A 160 5.67 -7.01 -10.03
C ILE A 160 5.34 -7.47 -8.60
N VAL A 161 5.60 -8.74 -8.31
CA VAL A 161 5.33 -9.29 -6.97
C VAL A 161 6.07 -8.50 -5.89
N ALA A 162 7.38 -8.32 -6.08
CA ALA A 162 8.21 -7.58 -5.13
C ALA A 162 7.80 -6.11 -5.10
N GLY A 163 7.71 -5.50 -6.27
CA GLY A 163 7.30 -4.10 -6.38
C GLY A 163 5.99 -3.83 -5.68
N GLN A 164 5.00 -4.69 -5.92
CA GLN A 164 3.68 -4.56 -5.29
C GLN A 164 3.76 -4.89 -3.80
N LEU A 165 4.54 -5.91 -3.45
CA LEU A 165 4.69 -6.32 -2.05
C LEU A 165 5.21 -5.19 -1.18
N ILE A 166 6.23 -4.47 -1.67
CA ILE A 166 6.83 -3.36 -0.91
C ILE A 166 5.75 -2.46 -0.30
N PRO A 167 4.94 -1.76 -1.12
CA PRO A 167 3.87 -0.89 -0.63
C PRO A 167 2.83 -1.65 0.17
N TRP A 168 2.62 -2.92 -0.18
CA TRP A 168 1.66 -3.77 0.53
C TRP A 168 2.09 -3.98 1.99
N LEU A 169 3.36 -4.31 2.18
CA LEU A 169 3.92 -4.53 3.51
C LEU A 169 3.75 -3.28 4.39
N VAL A 170 3.94 -2.11 3.80
CA VAL A 170 3.79 -0.85 4.52
C VAL A 170 2.30 -0.49 4.67
N ALA A 171 1.51 -0.77 3.63
CA ALA A 171 0.08 -0.49 3.65
C ALA A 171 -0.65 -1.33 4.71
N LEU A 172 -0.36 -2.64 4.74
CA LEU A 172 -1.00 -3.55 5.70
C LEU A 172 -1.09 -2.90 7.09
N PRO A 173 0.04 -2.53 7.72
CA PRO A 173 0.03 -1.88 9.02
C PRO A 173 -0.79 -0.59 9.00
N ILE A 174 -0.61 0.23 7.95
CA ILE A 174 -1.38 1.47 7.81
C ILE A 174 -2.87 1.18 7.96
N MET A 175 -3.35 0.18 7.21
CA MET A 175 -4.76 -0.22 7.26
C MET A 175 -5.13 -0.69 8.66
N LEU A 176 -4.29 -1.57 9.22
CA LEU A 176 -4.49 -2.07 10.57
C LEU A 176 -4.62 -0.88 11.53
N ILE A 177 -3.78 0.13 11.32
CA ILE A 177 -3.81 1.35 12.12
C ILE A 177 -5.15 2.04 11.96
N ILE A 178 -5.65 2.09 10.72
CA ILE A 178 -6.95 2.70 10.43
C ILE A 178 -8.05 2.05 11.28
N MET A 179 -8.10 0.72 11.27
CA MET A 179 -9.09 -0.01 12.05
C MET A 179 -8.82 0.07 13.56
N MET A 180 -7.55 -0.09 13.94
CA MET A 180 -7.16 -0.03 15.36
C MET A 180 -7.45 1.34 15.97
N VAL A 181 -7.01 2.41 15.30
CA VAL A 181 -7.24 3.77 15.77
C VAL A 181 -8.74 4.00 15.98
N LEU A 182 -9.54 3.47 15.07
CA LEU A 182 -11.00 3.57 15.17
C LEU A 182 -11.48 2.89 16.45
N LEU A 183 -10.86 1.76 16.77
CA LEU A 183 -11.20 1.00 17.98
C LEU A 183 -10.73 1.74 19.24
N GLY A 184 -9.50 2.23 19.22
CA GLY A 184 -8.95 2.95 20.37
C GLY A 184 -7.52 3.41 20.17
N ARG A 185 -6.66 2.48 19.78
CA ARG A 185 -5.25 2.77 19.54
C ARG A 185 -4.65 1.84 18.50
N GLU A 186 -3.86 2.39 17.59
CA GLU A 186 -3.23 1.62 16.52
C GLU A 186 -1.81 1.18 16.89
N MET A 1 -17.51 15.57 11.92
CA MET A 1 -17.44 16.37 10.67
C MET A 1 -16.11 16.17 9.96
N GLY A 2 -16.14 16.10 8.62
CA GLY A 2 -14.92 15.91 7.84
C GLY A 2 -14.55 14.44 7.66
N LYS A 3 -14.02 14.13 6.47
CA LYS A 3 -13.61 12.75 6.16
C LYS A 3 -12.37 12.74 5.25
N PHE A 4 -12.44 13.49 4.14
CA PHE A 4 -11.32 13.58 3.21
C PHE A 4 -10.16 14.39 3.81
N THR A 5 -10.49 15.52 4.42
CA THR A 5 -9.50 16.40 5.05
C THR A 5 -8.71 15.70 6.14
N GLN A 6 -9.41 14.86 6.92
CA GLN A 6 -8.80 14.12 8.03
C GLN A 6 -7.66 13.20 7.57
N ARG A 7 -6.51 13.80 7.23
CA ARG A 7 -5.35 13.04 6.77
C ARG A 7 -4.55 12.51 7.98
N LEU A 8 -3.52 11.69 7.69
CA LEU A 8 -2.69 11.11 8.75
C LEU A 8 -3.52 10.25 9.71
N SER A 9 -2.92 9.82 10.83
CA SER A 9 -3.62 8.98 11.81
C SER A 9 -4.86 9.69 12.35
N LEU A 10 -6.03 9.31 11.83
CA LEU A 10 -7.29 9.91 12.25
C LEU A 10 -8.46 8.92 12.16
N ARG A 11 -9.66 9.40 12.45
CA ARG A 11 -10.87 8.58 12.41
C ARG A 11 -11.43 8.50 10.97
N VAL A 12 -12.72 8.15 10.86
CA VAL A 12 -13.38 8.04 9.55
C VAL A 12 -12.88 6.82 8.75
N ARG A 13 -13.51 5.66 8.99
CA ARG A 13 -13.14 4.44 8.31
C ARG A 13 -13.70 4.42 6.88
N LEU A 14 -13.05 3.63 6.01
CA LEU A 14 -13.45 3.49 4.60
C LEU A 14 -12.97 4.67 3.75
N THR A 15 -13.26 5.91 4.19
CA THR A 15 -12.84 7.10 3.44
C THR A 15 -11.32 7.18 3.36
N LEU A 16 -10.65 7.06 4.51
CA LEU A 16 -9.20 7.12 4.56
C LEU A 16 -8.60 5.88 3.87
N ILE A 17 -9.21 4.72 4.11
CA ILE A 17 -8.75 3.47 3.49
C ILE A 17 -8.82 3.57 1.96
N PHE A 18 -9.96 4.00 1.43
CA PHE A 18 -10.14 4.13 -0.02
C PHE A 18 -9.17 5.18 -0.59
N LEU A 19 -9.16 6.37 0.03
CA LEU A 19 -8.28 7.45 -0.41
C LEU A 19 -6.82 7.00 -0.39
N ILE A 20 -6.39 6.41 0.73
CA ILE A 20 -5.02 5.92 0.86
C ILE A 20 -4.75 4.79 -0.14
N LEU A 21 -5.69 3.85 -0.26
CA LEU A 21 -5.55 2.74 -1.19
C LEU A 21 -5.33 3.26 -2.62
N ALA A 22 -6.12 4.26 -3.02
CA ALA A 22 -6.00 4.85 -4.35
C ALA A 22 -4.66 5.60 -4.49
N SER A 23 -4.37 6.47 -3.52
CA SER A 23 -3.11 7.22 -3.53
C SER A 23 -1.91 6.29 -3.58
N VAL A 24 -2.00 5.19 -2.84
CA VAL A 24 -0.93 4.18 -2.80
C VAL A 24 -0.82 3.50 -4.15
N THR A 25 -1.99 3.22 -4.75
CA THR A 25 -2.05 2.60 -6.07
C THR A 25 -1.35 3.51 -7.10
N TRP A 26 -1.72 4.79 -7.07
CA TRP A 26 -1.12 5.78 -7.97
C TRP A 26 0.39 5.89 -7.73
N LEU A 27 0.79 6.07 -6.47
CA LEU A 27 2.20 6.19 -6.11
C LEU A 27 2.97 4.95 -6.53
N LEU A 28 2.47 3.77 -6.14
CA LEU A 28 3.11 2.50 -6.50
C LEU A 28 3.26 2.41 -8.02
N SER A 29 2.15 2.66 -8.72
CA SER A 29 2.15 2.62 -10.19
C SER A 29 3.19 3.58 -10.74
N SER A 30 3.21 4.80 -10.21
CA SER A 30 4.17 5.81 -10.64
C SER A 30 5.61 5.33 -10.41
N PHE A 31 5.88 4.82 -9.21
CA PHE A 31 7.21 4.32 -8.88
C PHE A 31 7.59 3.14 -9.77
N VAL A 32 6.66 2.19 -9.95
CA VAL A 32 6.91 1.02 -10.81
C VAL A 32 7.30 1.47 -12.21
N ALA A 33 6.56 2.43 -12.77
CA ALA A 33 6.84 2.96 -14.10
C ALA A 33 8.16 3.74 -14.12
N TRP A 34 8.40 4.52 -13.06
CA TRP A 34 9.62 5.32 -12.93
C TRP A 34 10.87 4.44 -12.84
N LYS A 35 12.02 5.01 -13.20
CA LYS A 35 13.29 4.28 -13.17
C LYS A 35 13.73 3.97 -11.74
N GLN A 36 14.27 2.77 -11.53
CA GLN A 36 14.73 2.33 -10.21
C GLN A 36 15.76 3.29 -9.62
N THR A 37 16.96 3.30 -10.20
CA THR A 37 18.05 4.17 -9.75
C THR A 37 18.38 3.94 -8.27
N THR A 38 18.68 2.68 -7.92
CA THR A 38 19.02 2.34 -6.53
C THR A 38 20.44 2.81 -6.19
N ASP A 39 20.77 2.77 -4.89
CA ASP A 39 22.09 3.19 -4.43
C ASP A 39 23.08 2.02 -4.43
N ASN A 40 24.36 2.35 -4.62
CA ASN A 40 25.43 1.35 -4.63
C ASN A 40 26.56 1.70 -3.65
N TRP A 150 4.03 -3.12 -19.38
CA TRP A 150 5.08 -4.01 -18.89
C TRP A 150 4.47 -5.28 -18.30
N GLU A 151 5.11 -6.43 -18.54
CA GLU A 151 4.63 -7.71 -18.02
C GLU A 151 5.77 -8.61 -17.54
N TYR A 152 5.40 -9.71 -16.90
CA TYR A 152 6.37 -10.69 -16.39
C TYR A 152 7.34 -11.11 -17.50
N ARG A 153 8.62 -11.23 -17.16
CA ARG A 153 9.66 -11.60 -18.13
C ARG A 153 9.88 -10.48 -19.15
N GLU A 154 8.80 -10.01 -19.78
CA GLU A 154 8.87 -8.92 -20.75
C GLU A 154 9.58 -7.71 -20.16
N ASP A 155 9.13 -7.27 -18.99
CA ASP A 155 9.73 -6.14 -18.30
C ASP A 155 10.67 -6.64 -17.20
N MET A 156 10.19 -7.59 -16.40
CA MET A 156 10.99 -8.17 -15.32
C MET A 156 10.43 -9.53 -14.89
N ALA A 157 11.33 -10.43 -14.49
CA ALA A 157 10.93 -11.77 -14.07
C ALA A 157 10.72 -11.84 -12.55
N LEU A 158 11.73 -11.42 -11.78
CA LEU A 158 11.65 -11.44 -10.33
C LEU A 158 11.99 -10.06 -9.73
N ALA A 159 11.05 -9.12 -9.86
CA ALA A 159 11.25 -7.77 -9.32
C ALA A 159 9.92 -7.08 -9.01
N ILE A 160 9.00 -7.09 -9.99
CA ILE A 160 7.69 -6.46 -9.81
C ILE A 160 7.00 -6.99 -8.55
N VAL A 161 6.98 -8.32 -8.40
CA VAL A 161 6.36 -8.94 -7.23
C VAL A 161 7.00 -8.45 -5.93
N ALA A 162 8.33 -8.39 -5.89
CA ALA A 162 9.04 -7.91 -4.70
C ALA A 162 8.75 -6.43 -4.43
N GLY A 163 8.91 -5.61 -5.47
CA GLY A 163 8.64 -4.18 -5.35
C GLY A 163 7.20 -3.91 -4.95
N GLN A 164 6.27 -4.66 -5.55
CA GLN A 164 4.84 -4.52 -5.25
C GLN A 164 4.52 -5.05 -3.85
N LEU A 165 5.11 -6.18 -3.48
CA LEU A 165 4.89 -6.78 -2.16
C LEU A 165 5.32 -5.84 -1.04
N ILE A 166 6.49 -5.21 -1.20
CA ILE A 166 7.02 -4.29 -0.19
C ILE A 166 5.93 -3.36 0.38
N PRO A 167 5.31 -2.50 -0.47
CA PRO A 167 4.25 -1.58 -0.03
C PRO A 167 3.02 -2.33 0.50
N TRP A 168 2.73 -3.50 -0.07
CA TRP A 168 1.59 -4.30 0.37
C TRP A 168 1.78 -4.74 1.83
N LEU A 169 2.93 -5.35 2.11
CA LEU A 169 3.25 -5.82 3.46
C LEU A 169 3.16 -4.68 4.48
N VAL A 170 3.65 -3.50 4.10
CA VAL A 170 3.61 -2.33 4.98
C VAL A 170 2.20 -1.74 5.05
N ALA A 171 1.47 -1.77 3.94
CA ALA A 171 0.11 -1.24 3.88
C ALA A 171 -0.83 -1.99 4.82
N LEU A 172 -0.79 -3.33 4.75
CA LEU A 172 -1.64 -4.19 5.60
C LEU A 172 -1.76 -3.62 7.02
N PRO A 173 -0.64 -3.52 7.76
CA PRO A 173 -0.66 -2.97 9.12
C PRO A 173 -1.20 -1.54 9.15
N ILE A 174 -0.75 -0.71 8.20
CA ILE A 174 -1.23 0.67 8.12
C ILE A 174 -2.76 0.72 8.12
N MET A 175 -3.37 -0.08 7.25
CA MET A 175 -4.83 -0.15 7.15
C MET A 175 -5.41 -0.73 8.43
N LEU A 176 -4.84 -1.84 8.90
CA LEU A 176 -5.27 -2.47 10.15
C LEU A 176 -5.28 -1.42 11.26
N ILE A 177 -4.26 -0.55 11.25
CA ILE A 177 -4.14 0.52 12.23
C ILE A 177 -5.31 1.50 12.06
N ILE A 178 -5.56 1.94 10.83
CA ILE A 178 -6.67 2.86 10.55
C ILE A 178 -8.00 2.24 11.02
N MET A 179 -8.15 0.94 10.77
CA MET A 179 -9.37 0.23 11.17
C MET A 179 -9.46 0.07 12.70
N MET A 180 -8.38 -0.41 13.32
CA MET A 180 -8.34 -0.61 14.77
C MET A 180 -8.44 0.72 15.53
N VAL A 181 -7.61 1.70 15.15
CA VAL A 181 -7.63 3.02 15.80
C VAL A 181 -9.05 3.59 15.78
N LEU A 182 -9.74 3.41 14.65
CA LEU A 182 -11.12 3.87 14.52
C LEU A 182 -11.98 3.26 15.61
N LEU A 183 -11.73 1.99 15.92
CA LEU A 183 -12.46 1.28 16.97
C LEU A 183 -12.11 1.81 18.36
N GLY A 184 -10.83 2.10 18.55
CA GLY A 184 -10.35 2.62 19.84
C GLY A 184 -8.84 2.76 19.89
N ARG A 185 -8.15 1.79 19.29
CA ARG A 185 -6.68 1.80 19.25
C ARG A 185 -6.18 0.84 18.18
N GLU A 186 -5.20 1.28 17.41
CA GLU A 186 -4.64 0.46 16.34
C GLU A 186 -3.68 -0.61 16.89
#